data_5ZSJ
#
_entry.id   5ZSJ
#
_cell.length_a   99.073
_cell.length_b   138.637
_cell.length_c   149.331
_cell.angle_alpha   90.00
_cell.angle_beta   90.00
_cell.angle_gamma   90.00
#
_symmetry.space_group_name_H-M   'P 21 21 21'
#
loop_
_entity.id
_entity.type
_entity.pdbx_description
1 polymer 'Toll-like receptor 7'
2 branched 2-acetamido-2-deoxy-beta-D-glucopyranose-(1-4)-2-acetamido-2-deoxy-beta-D-glucopyranose
3 non-polymer 4-azanyl-2-butoxy-8-[[3-(pyrrolidin-1-ylmethyl)phenyl]methyl]-5,7-dihydropteridin-6-one
4 non-polymer 2-acetamido-2-deoxy-beta-D-glucopyranose
5 non-polymer 'SULFATE ION'
6 water water
#
_entity_poly.entity_id   1
_entity_poly.type   'polypeptide(L)'
_entity_poly.pdbx_seq_one_letter_code
;RSPWARWFPKTLPCDVTLDVSKNHVIVDCTDKHLTEIPGGIPTNTTNLTLTINHIPDISPASFHRLVHLVEIDFRCNCVP
IRLGSKSNMCPRRLQIKPRSFSGLTYLKSLYLDGNQLLEIPQGLPPSLQLLSLEANNIFSIRKEQLTELANIEILYLGQN
CYYRNPCYVSYSIEKDAFLNLTKLKVLSLKDNNVTTVPTVLPSTLTELYLYNNMIAEIQEDDFNNLNQLQILDLSGNCPR
CYNAPFPCTPCKNNSPLQIPVNAFDALTELKVLRLHSNSLQHVPPRWFKNINNLQELDLSQNFLAKEIGDAKFLHFLPNL
IQLDLSFNFELQVYRASMNLSQAFSSLKSLKILRIRGYVFKELKSFQLSPLHNLQNLEVLDLGTNFIKIANLSMFKQFKR
LKVIDLSVNKISPSGDSLVPRGSSNARTSVESYEPQVLEQLYYFRYDKYARSCRFKNKEASFTSVQESCYKYGQTLDLSK
NSIFFIKSSDFQHLSFLKCLNLSGNLISQTLNGSEFQPLAELRYLDFSNNRLDLLHSTAFEELRKLEVLDISSNSHYFQS
EGITHMLNFTKNLKVLQKLMMNDNDISSSTSRTMESESLRTLEFRGNHLDVLWRDGDNRYLQLFKNLLKLEELDISKNSL
SFLPSGVFDGMPPNLKNLSLAKNGLKSFIWEKLRYLKNLETLDLSHNQLTTVPERLSNCSRSLKNLILKNNQIRSLTKYF
LQDAFQLRYLDLSSNKIQMIQKTSFPENVLNNLKMLLLHHNRFLCTCDAVWFVWWVQHTEVTIPYLATDVTCVGPGAHKG
QSVISLDLYTCELDLTNEFLVPR
;
_entity_poly.pdbx_strand_id   A,B
#
# COMPACT_ATOMS: atom_id res chain seq x y z
N ALA A 5 7.46 -9.83 -44.68
CA ALA A 5 6.09 -10.29 -44.89
C ALA A 5 5.24 -9.17 -45.52
N ARG A 6 4.83 -8.18 -44.72
CA ARG A 6 4.01 -7.08 -45.22
C ARG A 6 4.74 -6.29 -46.30
N TRP A 7 4.01 -5.95 -47.36
CA TRP A 7 4.58 -5.09 -48.38
C TRP A 7 4.41 -3.62 -48.05
N PHE A 8 3.33 -3.26 -47.33
CA PHE A 8 3.06 -1.87 -47.00
C PHE A 8 2.88 -1.71 -45.50
N PRO A 9 3.86 -1.14 -44.79
CA PRO A 9 3.70 -0.94 -43.35
C PRO A 9 2.55 -0.02 -43.03
N LYS A 10 1.77 -0.38 -42.02
CA LYS A 10 0.63 0.42 -41.61
C LYS A 10 1.14 1.56 -40.73
N THR A 11 0.94 2.79 -41.17
CA THR A 11 1.41 3.94 -40.44
C THR A 11 0.30 4.72 -39.74
N LEU A 12 -0.96 4.49 -40.12
CA LEU A 12 -2.10 5.12 -39.49
C LEU A 12 -2.11 4.90 -37.98
N PRO A 13 -2.27 5.94 -37.17
CA PRO A 13 -2.20 5.76 -35.73
C PRO A 13 -3.49 5.24 -35.10
N CYS A 14 -4.16 4.30 -35.78
CA CYS A 14 -5.45 3.78 -35.36
C CYS A 14 -5.50 2.29 -35.61
N ASP A 15 -6.22 1.57 -34.76
CA ASP A 15 -6.41 0.15 -34.98
C ASP A 15 -7.45 -0.08 -36.06
N VAL A 16 -7.14 -1.00 -36.96
CA VAL A 16 -7.99 -1.29 -38.11
C VAL A 16 -8.33 -2.78 -38.07
N THR A 17 -9.63 -3.09 -38.13
CA THR A 17 -10.15 -4.44 -38.06
C THR A 17 -11.05 -4.70 -39.26
N LEU A 18 -10.97 -5.91 -39.80
CA LEU A 18 -11.89 -6.37 -40.83
C LEU A 18 -12.88 -7.37 -40.23
N ASP A 19 -14.17 -7.07 -40.40
CA ASP A 19 -15.23 -8.04 -40.15
C ASP A 19 -15.94 -8.29 -41.48
N VAL A 20 -15.75 -9.50 -42.02
CA VAL A 20 -16.12 -9.77 -43.40
C VAL A 20 -17.62 -10.10 -43.55
N SER A 21 -18.25 -10.68 -42.52
CA SER A 21 -19.68 -11.03 -42.52
C SER A 21 -20.65 -10.09 -43.27
N LYS A 22 -20.48 -8.77 -43.20
CA LYS A 22 -19.63 -8.06 -42.27
C LYS A 22 -20.47 -6.94 -41.70
N ASN A 23 -20.61 -5.84 -42.44
CA ASN A 23 -19.88 -5.59 -43.68
C ASN A 23 -18.87 -4.51 -43.33
N HIS A 24 -18.09 -4.78 -42.30
CA HIS A 24 -17.52 -3.75 -41.45
C HIS A 24 -16.01 -3.59 -41.60
N VAL A 25 -15.59 -2.35 -41.80
CA VAL A 25 -14.18 -1.93 -41.73
C VAL A 25 -14.11 -0.97 -40.54
N ILE A 26 -13.55 -1.42 -39.42
CA ILE A 26 -13.57 -0.70 -38.16
C ILE A 26 -12.24 -0.03 -37.92
N VAL A 27 -12.25 1.30 -37.83
CA VAL A 27 -11.07 2.11 -37.58
C VAL A 27 -11.28 2.77 -36.21
N ASP A 28 -10.44 2.41 -35.23
CA ASP A 28 -10.57 2.92 -33.86
C ASP A 28 -9.35 3.77 -33.51
N CYS A 29 -9.58 5.09 -33.45
CA CYS A 29 -8.57 6.06 -33.05
C CYS A 29 -8.81 6.59 -31.64
N THR A 30 -9.42 5.78 -30.76
CA THR A 30 -9.66 6.17 -29.37
C THR A 30 -8.34 6.55 -28.71
N ASP A 31 -8.29 7.73 -28.09
CA ASP A 31 -7.19 8.12 -27.20
C ASP A 31 -5.83 7.99 -27.87
N LYS A 32 -5.70 8.66 -29.00
CA LYS A 32 -4.45 8.63 -29.75
C LYS A 32 -3.80 10.01 -29.81
N HIS A 33 -4.25 10.92 -28.95
CA HIS A 33 -3.65 12.25 -28.84
C HIS A 33 -3.61 12.94 -30.20
N LEU A 34 -4.69 12.81 -30.95
CA LEU A 34 -4.77 13.43 -32.27
C LEU A 34 -5.25 14.87 -32.15
N THR A 35 -4.72 15.70 -33.03
CA THR A 35 -5.19 17.06 -33.23
C THR A 35 -5.90 17.24 -34.55
N GLU A 36 -5.79 16.26 -35.46
CA GLU A 36 -6.53 16.25 -36.70
C GLU A 36 -7.03 14.83 -36.94
N ILE A 37 -8.02 14.72 -37.81
CA ILE A 37 -8.37 13.39 -38.30
C ILE A 37 -7.15 12.93 -39.09
N PRO A 38 -6.55 11.78 -38.76
CA PRO A 38 -5.36 11.34 -39.51
C PRO A 38 -5.69 11.05 -40.96
N GLY A 39 -4.71 11.31 -41.84
CA GLY A 39 -4.87 10.97 -43.24
C GLY A 39 -4.77 9.48 -43.49
N GLY A 40 -5.25 9.08 -44.67
CA GLY A 40 -5.12 7.71 -45.10
C GLY A 40 -6.10 6.73 -44.49
N ILE A 41 -7.16 7.22 -43.85
CA ILE A 41 -8.18 6.31 -43.30
C ILE A 41 -8.80 5.54 -44.46
N PRO A 42 -8.95 4.21 -44.34
CA PRO A 42 -9.45 3.41 -45.46
C PRO A 42 -10.76 3.95 -46.01
N THR A 43 -10.86 3.96 -47.34
CA THR A 43 -12.06 4.48 -47.99
C THR A 43 -13.27 3.60 -47.70
N ASN A 44 -13.06 2.31 -47.47
CA ASN A 44 -14.11 1.36 -47.08
C ASN A 44 -14.51 1.45 -45.61
N THR A 45 -13.99 2.41 -44.83
CA THR A 45 -14.27 2.45 -43.39
C THR A 45 -15.78 2.57 -43.13
N THR A 46 -16.32 1.64 -42.36
CA THR A 46 -17.72 1.72 -41.97
C THR A 46 -17.91 2.28 -40.56
N ASN A 47 -17.05 1.90 -39.61
CA ASN A 47 -17.13 2.38 -38.22
C ASN A 47 -15.86 3.16 -37.89
N LEU A 48 -15.98 4.47 -37.67
CA LEU A 48 -14.85 5.35 -37.33
C LEU A 48 -15.03 5.95 -35.95
N THR A 49 -14.08 5.64 -35.05
CA THR A 49 -14.11 6.11 -33.67
C THR A 49 -12.95 7.07 -33.42
N LEU A 50 -13.28 8.28 -33.02
CA LEU A 50 -12.28 9.30 -32.72
C LEU A 50 -12.41 9.81 -31.30
N THR A 51 -12.97 8.99 -30.40
CA THR A 51 -13.23 9.40 -29.03
C THR A 51 -11.94 9.76 -28.30
N ILE A 52 -12.02 10.79 -27.46
CA ILE A 52 -10.92 11.21 -26.59
C ILE A 52 -9.71 11.56 -27.46
N ASN A 53 -9.82 12.68 -28.17
CA ASN A 53 -8.73 13.32 -28.86
C ASN A 53 -8.98 14.82 -28.74
N HIS A 54 -8.19 15.62 -29.42
CA HIS A 54 -8.33 17.06 -29.32
C HIS A 54 -8.45 17.64 -30.71
N ILE A 55 -9.32 17.02 -31.51
CA ILE A 55 -9.59 17.48 -32.87
C ILE A 55 -10.52 18.67 -32.74
N PRO A 56 -10.09 19.87 -33.14
CA PRO A 56 -10.85 21.06 -32.80
C PRO A 56 -12.04 21.32 -33.71
N ASP A 57 -12.18 20.62 -34.84
CA ASP A 57 -13.31 20.89 -35.72
C ASP A 57 -13.55 19.77 -36.72
N ILE A 58 -14.75 19.82 -37.30
CA ILE A 58 -15.21 18.91 -38.32
C ILE A 58 -15.63 19.73 -39.54
N SER A 59 -15.30 19.25 -40.72
CA SER A 59 -15.63 19.99 -41.93
C SER A 59 -16.03 19.00 -43.02
N PRO A 60 -16.52 19.46 -44.18
CA PRO A 60 -16.74 18.52 -45.29
C PRO A 60 -15.48 17.75 -45.68
N ALA A 61 -14.30 18.29 -45.40
CA ALA A 61 -13.05 17.56 -45.62
C ALA A 61 -12.92 16.36 -44.68
N SER A 62 -13.41 16.49 -43.44
CA SER A 62 -13.29 15.46 -42.42
C SER A 62 -13.56 14.05 -42.95
N PHE A 63 -14.72 13.87 -43.59
CA PHE A 63 -15.20 12.55 -43.96
C PHE A 63 -15.40 12.41 -45.47
N HIS A 64 -14.80 13.33 -46.24
CA HIS A 64 -14.99 13.45 -47.69
C HIS A 64 -15.00 12.11 -48.42
N ARG A 65 -13.88 11.39 -48.37
CA ARG A 65 -13.73 10.13 -49.07
C ARG A 65 -14.61 9.02 -48.50
N LEU A 66 -15.09 9.16 -47.27
CA LEU A 66 -15.54 8.05 -46.42
C LEU A 66 -17.03 7.75 -46.57
N VAL A 67 -17.51 7.59 -47.80
CA VAL A 67 -18.95 7.59 -48.06
C VAL A 67 -19.64 6.29 -47.66
N HIS A 68 -18.92 5.32 -47.11
CA HIS A 68 -19.55 4.12 -46.60
C HIS A 68 -19.61 4.12 -45.07
N LEU A 69 -19.45 5.29 -44.45
CA LEU A 69 -19.54 5.40 -43.00
C LEU A 69 -20.94 5.04 -42.53
N VAL A 70 -21.01 4.02 -41.68
CA VAL A 70 -22.24 3.58 -41.04
C VAL A 70 -22.33 4.17 -39.63
N GLU A 71 -21.17 4.46 -39.03
CA GLU A 71 -21.09 5.02 -37.67
C GLU A 71 -19.90 5.96 -37.53
N ILE A 72 -20.14 7.14 -36.95
CA ILE A 72 -19.08 7.99 -36.46
C ILE A 72 -19.20 8.10 -34.95
N ASP A 73 -18.14 7.74 -34.24
CA ASP A 73 -18.07 7.91 -32.79
C ASP A 73 -17.06 9.02 -32.55
N PHE A 74 -17.57 10.23 -32.34
CA PHE A 74 -16.73 11.41 -32.17
C PHE A 74 -16.93 11.99 -30.77
N ARG A 75 -16.82 11.16 -29.74
CA ARG A 75 -17.10 11.59 -28.38
C ARG A 75 -15.88 12.24 -27.73
N CYS A 76 -16.13 13.24 -26.91
CA CYS A 76 -15.17 13.72 -25.92
C CYS A 76 -13.92 14.32 -26.55
N ASN A 77 -14.10 15.09 -27.60
CA ASN A 77 -13.01 15.89 -28.11
C ASN A 77 -13.03 17.30 -27.53
N CYS A 78 -14.03 17.62 -26.71
CA CYS A 78 -14.04 18.87 -25.96
C CYS A 78 -14.97 18.76 -24.75
N VAL A 79 -14.55 17.99 -23.74
CA VAL A 79 -15.47 17.65 -22.64
C VAL A 79 -15.72 18.89 -21.78
N PRO A 80 -16.93 19.07 -21.23
CA PRO A 80 -17.18 20.20 -20.33
C PRO A 80 -16.16 20.27 -19.21
N ILE A 81 -15.87 21.51 -18.78
CA ILE A 81 -14.71 21.78 -17.93
C ILE A 81 -14.63 20.82 -16.74
N ARG A 82 -15.73 20.66 -15.98
CA ARG A 82 -15.61 19.90 -14.73
C ARG A 82 -15.67 18.40 -14.94
N LEU A 83 -16.05 17.94 -16.13
CA LEU A 83 -16.01 16.51 -16.42
C LEU A 83 -14.69 16.09 -17.03
N GLY A 84 -13.89 17.01 -17.54
CA GLY A 84 -12.69 16.70 -18.27
C GLY A 84 -11.41 16.93 -17.51
N SER A 85 -10.31 16.55 -18.17
CA SER A 85 -8.96 16.81 -17.70
C SER A 85 -8.78 18.28 -17.29
N LYS A 86 -8.22 18.48 -16.09
CA LYS A 86 -7.78 19.82 -15.71
C LYS A 86 -6.37 20.13 -16.22
N SER A 87 -5.57 19.11 -16.54
CA SER A 87 -4.22 19.34 -17.09
C SER A 87 -4.28 19.63 -18.59
N ASN A 88 -5.26 19.10 -19.31
CA ASN A 88 -5.50 19.42 -20.72
C ASN A 88 -6.96 19.83 -20.87
N MET A 89 -7.29 21.04 -20.43
CA MET A 89 -8.64 21.57 -20.62
C MET A 89 -8.88 21.85 -22.10
N CYS A 90 -10.12 21.70 -22.53
CA CYS A 90 -10.48 22.04 -23.90
C CYS A 90 -10.59 23.56 -24.05
N PRO A 91 -9.86 24.18 -24.98
CA PRO A 91 -9.87 25.64 -25.08
C PRO A 91 -11.14 26.21 -25.69
N ARG A 92 -11.73 25.44 -26.60
CA ARG A 92 -12.74 25.98 -27.51
C ARG A 92 -13.67 24.86 -27.94
N ARG A 93 -14.98 25.12 -27.87
CA ARG A 93 -15.94 24.09 -28.21
C ARG A 93 -15.70 23.60 -29.65
N LEU A 94 -15.98 22.33 -29.87
CA LEU A 94 -15.94 21.74 -31.20
C LEU A 94 -16.73 22.57 -32.21
N GLN A 95 -16.16 22.73 -33.40
CA GLN A 95 -16.77 23.49 -34.49
C GLN A 95 -17.14 22.53 -35.60
N ILE A 96 -18.41 22.45 -35.93
CA ILE A 96 -18.90 21.60 -37.01
C ILE A 96 -19.28 22.51 -38.18
N LYS A 97 -18.50 22.44 -39.29
CA LYS A 97 -18.85 23.32 -40.40
C LYS A 97 -20.08 22.76 -41.10
N PRO A 98 -20.80 23.60 -41.85
CA PRO A 98 -21.94 23.10 -42.64
C PRO A 98 -21.50 22.00 -43.59
N ARG A 99 -22.44 21.12 -43.92
CA ARG A 99 -22.34 20.07 -44.95
C ARG A 99 -21.48 18.91 -44.48
N SER A 100 -20.96 18.93 -43.25
CA SER A 100 -19.95 17.95 -42.87
C SER A 100 -20.54 16.54 -42.86
N PHE A 101 -21.84 16.39 -42.68
CA PHE A 101 -22.45 15.08 -42.57
C PHE A 101 -23.44 14.74 -43.67
N SER A 102 -23.96 15.73 -44.39
CA SER A 102 -25.04 15.46 -45.34
C SER A 102 -24.60 14.50 -46.43
N GLY A 103 -23.30 14.49 -46.76
CA GLY A 103 -22.76 13.56 -47.75
C GLY A 103 -22.74 12.09 -47.35
N LEU A 104 -22.83 11.77 -46.05
CA LEU A 104 -22.68 10.37 -45.60
C LEU A 104 -24.03 9.67 -45.65
N THR A 105 -24.40 9.28 -46.87
CA THR A 105 -25.73 8.76 -47.16
C THR A 105 -26.07 7.49 -46.37
N TYR A 106 -25.07 6.77 -45.85
CA TYR A 106 -25.33 5.53 -45.12
C TYR A 106 -25.17 5.69 -43.60
N LEU A 107 -25.06 6.91 -43.11
CA LEU A 107 -24.77 7.10 -41.69
C LEU A 107 -25.99 6.76 -40.84
N LYS A 108 -25.84 5.76 -39.97
CA LYS A 108 -26.90 5.32 -39.09
C LYS A 108 -26.74 5.75 -37.64
N SER A 109 -25.50 5.98 -37.18
CA SER A 109 -25.22 6.27 -35.77
C SER A 109 -24.20 7.40 -35.66
N LEU A 110 -24.51 8.40 -34.86
CA LEU A 110 -23.63 9.54 -34.67
C LEU A 110 -23.58 9.92 -33.19
N TYR A 111 -22.40 9.79 -32.59
CA TYR A 111 -22.17 10.17 -31.20
C TYR A 111 -21.34 11.45 -31.16
N LEU A 112 -21.91 12.54 -30.66
CA LEU A 112 -21.16 13.77 -30.47
C LEU A 112 -21.15 14.23 -29.01
N ASP A 113 -21.23 13.28 -28.08
CA ASP A 113 -21.26 13.60 -26.65
C ASP A 113 -19.98 14.33 -26.24
N GLY A 114 -20.10 15.22 -25.26
CA GLY A 114 -18.91 15.75 -24.60
C GLY A 114 -18.04 16.62 -25.46
N ASN A 115 -18.65 17.53 -26.25
CA ASN A 115 -17.92 18.41 -27.15
C ASN A 115 -18.26 19.89 -26.96
N GLN A 116 -19.09 20.21 -25.97
CA GLN A 116 -19.47 21.58 -25.65
C GLN A 116 -20.29 22.25 -26.75
N LEU A 117 -21.02 21.44 -27.51
CA LEU A 117 -21.92 21.97 -28.52
C LEU A 117 -23.02 22.81 -27.89
N LEU A 118 -23.40 23.91 -28.58
CA LEU A 118 -24.46 24.80 -28.13
C LEU A 118 -25.80 24.52 -28.77
N GLU A 119 -25.83 23.75 -29.86
CA GLU A 119 -27.06 23.54 -30.60
C GLU A 119 -27.02 22.15 -31.19
N ILE A 120 -28.19 21.66 -31.58
CA ILE A 120 -28.28 20.36 -32.24
C ILE A 120 -27.71 20.48 -33.65
N PRO A 121 -26.66 19.74 -33.99
CA PRO A 121 -26.04 19.91 -35.31
C PRO A 121 -27.04 19.61 -36.43
N GLN A 122 -27.06 20.49 -37.43
CA GLN A 122 -28.00 20.41 -38.53
C GLN A 122 -27.34 19.78 -39.74
N GLY A 123 -28.14 19.53 -40.77
CA GLY A 123 -27.59 18.90 -41.95
C GLY A 123 -27.29 17.44 -41.79
N LEU A 124 -27.96 16.76 -40.86
CA LEU A 124 -27.66 15.35 -40.73
C LEU A 124 -28.47 14.55 -41.74
N PRO A 125 -27.92 13.43 -42.21
CA PRO A 125 -28.56 12.70 -43.29
C PRO A 125 -29.77 11.93 -42.80
N PRO A 126 -30.73 11.67 -43.69
CA PRO A 126 -31.97 11.00 -43.28
C PRO A 126 -31.77 9.54 -42.93
N SER A 127 -30.59 8.97 -43.15
CA SER A 127 -30.37 7.60 -42.72
C SER A 127 -30.18 7.48 -41.21
N LEU A 128 -29.97 8.61 -40.51
CA LEU A 128 -29.56 8.56 -39.11
C LEU A 128 -30.64 7.93 -38.25
N GLN A 129 -30.27 6.88 -37.54
CA GLN A 129 -31.12 6.22 -36.54
C GLN A 129 -30.72 6.54 -35.10
N LEU A 130 -29.45 6.80 -34.80
CA LEU A 130 -29.00 7.06 -33.44
C LEU A 130 -28.21 8.36 -33.43
N LEU A 131 -28.66 9.31 -32.61
CA LEU A 131 -27.95 10.56 -32.38
C LEU A 131 -27.74 10.69 -30.89
N SER A 132 -26.50 10.95 -30.47
CA SER A 132 -26.13 11.03 -29.06
C SER A 132 -25.44 12.35 -28.80
N LEU A 133 -25.98 13.13 -27.87
CA LEU A 133 -25.49 14.49 -27.61
C LEU A 133 -25.32 14.75 -26.11
N GLU A 134 -24.97 13.72 -25.35
CA GLU A 134 -24.79 13.87 -23.91
C GLU A 134 -23.64 14.82 -23.59
N ALA A 135 -23.79 15.54 -22.47
CA ALA A 135 -22.71 16.34 -21.90
C ALA A 135 -22.24 17.41 -22.88
N ASN A 136 -23.19 18.04 -23.58
CA ASN A 136 -22.92 19.24 -24.33
C ASN A 136 -23.57 20.40 -23.59
N ASN A 137 -23.82 21.49 -24.30
CA ASN A 137 -24.43 22.66 -23.67
C ASN A 137 -25.69 23.06 -24.42
N ILE A 138 -26.53 22.07 -24.72
CA ILE A 138 -27.79 22.23 -25.44
C ILE A 138 -28.88 22.09 -24.40
N PHE A 139 -29.57 23.19 -24.08
CA PHE A 139 -30.59 23.13 -23.04
C PHE A 139 -31.90 23.79 -23.48
N SER A 140 -32.14 23.83 -24.79
CA SER A 140 -33.41 24.32 -25.32
C SER A 140 -33.68 23.59 -26.62
N ILE A 141 -34.74 22.79 -26.64
CA ILE A 141 -35.08 21.92 -27.76
C ILE A 141 -36.22 22.55 -28.53
N ARG A 142 -35.99 22.80 -29.82
CA ARG A 142 -36.95 23.48 -30.68
C ARG A 142 -37.37 22.53 -31.79
N LYS A 143 -38.68 22.46 -32.04
CA LYS A 143 -39.20 21.52 -33.01
C LYS A 143 -38.59 21.70 -34.40
N GLU A 144 -38.22 22.92 -34.75
CA GLU A 144 -37.57 23.17 -36.03
C GLU A 144 -36.21 22.49 -36.11
N GLN A 145 -35.49 22.39 -34.99
CA GLN A 145 -34.17 21.77 -35.03
C GLN A 145 -34.25 20.26 -35.06
N LEU A 146 -35.44 19.71 -34.90
CA LEU A 146 -35.63 18.27 -34.88
C LEU A 146 -36.21 17.76 -36.19
N THR A 147 -36.57 18.64 -37.13
CA THR A 147 -37.23 18.18 -38.34
C THR A 147 -36.28 17.34 -39.18
N GLU A 148 -34.98 17.63 -39.13
CA GLU A 148 -33.98 16.81 -39.81
C GLU A 148 -34.01 15.34 -39.38
N LEU A 149 -34.53 15.03 -38.19
CA LEU A 149 -34.40 13.71 -37.57
C LEU A 149 -35.59 12.80 -37.83
N ALA A 150 -36.29 12.98 -38.95
CA ALA A 150 -37.49 12.18 -39.28
C ALA A 150 -37.36 10.70 -38.94
N ASN A 151 -36.24 10.07 -39.32
CA ASN A 151 -36.11 8.64 -39.12
C ASN A 151 -35.39 8.26 -37.83
N ILE A 152 -35.14 9.23 -36.93
CA ILE A 152 -34.36 8.92 -35.74
C ILE A 152 -35.11 7.95 -34.85
N GLU A 153 -34.38 7.00 -34.27
CA GLU A 153 -34.94 6.00 -33.39
C GLU A 153 -34.45 6.10 -31.95
N ILE A 154 -33.23 6.58 -31.74
CA ILE A 154 -32.58 6.62 -30.44
C ILE A 154 -31.97 8.00 -30.28
N LEU A 155 -32.36 8.71 -29.24
CA LEU A 155 -31.96 10.11 -29.07
C LEU A 155 -31.50 10.34 -27.65
N TYR A 156 -30.20 10.56 -27.45
CA TYR A 156 -29.62 10.84 -26.14
C TYR A 156 -29.33 12.33 -25.97
N LEU A 157 -30.03 12.98 -25.04
CA LEU A 157 -29.87 14.42 -24.89
C LEU A 157 -29.49 14.83 -23.47
N GLY A 158 -29.18 13.88 -22.60
CA GLY A 158 -29.00 14.15 -21.19
C GLY A 158 -27.66 14.80 -20.86
N GLN A 159 -27.50 15.09 -19.55
CA GLN A 159 -26.28 15.68 -18.98
C GLN A 159 -25.89 17.00 -19.62
N ASN A 160 -26.83 17.70 -20.21
CA ASN A 160 -26.54 19.01 -20.77
C ASN A 160 -26.77 20.13 -19.79
N CYS A 161 -27.42 19.88 -18.66
CA CYS A 161 -27.64 20.93 -17.65
C CYS A 161 -27.77 20.30 -16.27
N TYR A 162 -26.64 20.14 -15.58
CA TYR A 162 -26.65 19.59 -14.22
C TYR A 162 -25.34 20.00 -13.54
N TYR A 163 -25.25 19.68 -12.24
CA TYR A 163 -24.20 20.30 -11.42
C TYR A 163 -22.78 20.09 -11.98
N ARG A 164 -22.52 18.98 -12.67
CA ARG A 164 -21.20 18.77 -13.25
C ARG A 164 -21.04 19.49 -14.58
N ASN A 165 -22.10 20.10 -15.09
CA ASN A 165 -22.11 20.79 -16.37
C ASN A 165 -23.29 21.75 -16.39
N PRO A 166 -23.22 22.86 -15.65
CA PRO A 166 -24.41 23.70 -15.45
C PRO A 166 -24.76 24.55 -16.66
N CYS A 167 -26.08 24.80 -16.82
CA CYS A 167 -26.57 25.79 -17.78
C CYS A 167 -27.28 26.98 -17.14
N TYR A 168 -27.50 26.96 -15.82
CA TYR A 168 -27.98 28.08 -15.01
C TYR A 168 -29.43 28.50 -15.33
N VAL A 169 -30.14 27.76 -16.18
CA VAL A 169 -31.56 27.97 -16.41
C VAL A 169 -32.27 26.62 -16.41
N SER A 170 -33.59 26.67 -16.40
CA SER A 170 -34.40 25.47 -16.63
C SER A 170 -34.29 25.02 -18.08
N TYR A 171 -34.30 23.71 -18.27
CA TYR A 171 -34.38 23.13 -19.60
C TYR A 171 -35.68 23.54 -20.29
N SER A 172 -35.62 23.76 -21.60
CA SER A 172 -36.79 24.21 -22.37
C SER A 172 -37.05 23.23 -23.48
N ILE A 173 -38.30 22.77 -23.59
CA ILE A 173 -38.73 21.93 -24.69
C ILE A 173 -40.01 22.52 -25.22
N GLU A 174 -40.04 22.87 -26.50
CA GLU A 174 -41.25 23.36 -27.13
C GLU A 174 -42.33 22.28 -27.11
N LYS A 175 -43.58 22.71 -27.01
CA LYS A 175 -44.72 21.81 -27.14
C LYS A 175 -44.59 20.98 -28.42
N ASP A 176 -44.77 19.66 -28.29
CA ASP A 176 -44.79 18.73 -29.41
C ASP A 176 -43.46 18.62 -30.16
N ALA A 177 -42.37 19.10 -29.54
CA ALA A 177 -41.05 19.06 -30.17
C ALA A 177 -40.75 17.70 -30.79
N PHE A 178 -41.09 16.61 -30.09
CA PHE A 178 -40.75 15.26 -30.52
C PHE A 178 -41.89 14.54 -31.24
N LEU A 179 -43.06 15.16 -31.36
CA LEU A 179 -44.25 14.38 -31.75
C LEU A 179 -44.10 13.80 -33.16
N ASN A 180 -43.52 14.57 -34.09
CA ASN A 180 -43.33 14.13 -35.45
C ASN A 180 -42.06 13.31 -35.69
N LEU A 181 -41.37 12.89 -34.63
CA LEU A 181 -40.32 11.89 -34.77
C LEU A 181 -40.98 10.53 -34.63
N THR A 182 -41.68 10.12 -35.71
CA THR A 182 -42.61 8.99 -35.67
C THR A 182 -41.94 7.63 -35.60
N LYS A 183 -40.60 7.55 -35.60
CA LYS A 183 -39.89 6.29 -35.37
C LYS A 183 -39.07 6.32 -34.09
N LEU A 184 -39.20 7.36 -33.27
CA LEU A 184 -38.40 7.48 -32.07
C LEU A 184 -38.78 6.40 -31.07
N LYS A 185 -37.83 5.59 -30.65
CA LYS A 185 -38.12 4.57 -29.65
C LYS A 185 -37.51 4.86 -28.30
N VAL A 186 -36.35 5.51 -28.28
CA VAL A 186 -35.58 5.74 -27.06
C VAL A 186 -35.30 7.21 -26.98
N LEU A 187 -35.79 7.84 -25.91
CA LEU A 187 -35.57 9.26 -25.63
C LEU A 187 -35.01 9.38 -24.23
N SER A 188 -33.86 10.03 -24.10
CA SER A 188 -33.21 10.20 -22.80
C SER A 188 -32.99 11.68 -22.56
N LEU A 189 -33.58 12.20 -21.48
CA LEU A 189 -33.44 13.61 -21.11
C LEU A 189 -32.99 13.74 -19.66
N LYS A 190 -32.19 12.77 -19.21
CA LYS A 190 -31.71 12.71 -17.84
C LYS A 190 -30.73 13.85 -17.51
N ASP A 191 -30.57 14.14 -16.22
CA ASP A 191 -29.53 15.07 -15.75
C ASP A 191 -29.60 16.40 -16.52
N ASN A 192 -30.82 16.94 -16.68
CA ASN A 192 -30.99 18.06 -17.59
C ASN A 192 -31.73 19.28 -17.04
N ASN A 193 -32.10 19.31 -15.75
CA ASN A 193 -32.84 20.43 -15.19
C ASN A 193 -34.21 20.61 -15.87
N VAL A 194 -34.79 19.50 -16.32
CA VAL A 194 -36.13 19.54 -16.92
C VAL A 194 -37.18 19.77 -15.83
N THR A 195 -38.18 20.61 -16.12
CA THR A 195 -39.20 20.90 -15.12
C THR A 195 -40.54 20.22 -15.36
N THR A 196 -40.88 19.84 -16.59
CA THR A 196 -42.12 19.08 -16.81
C THR A 196 -41.86 17.97 -17.81
N VAL A 197 -42.70 16.94 -17.75
CA VAL A 197 -42.65 15.91 -18.80
C VAL A 197 -42.96 16.61 -20.12
N PRO A 198 -42.10 16.54 -21.13
CA PRO A 198 -42.46 17.13 -22.42
C PRO A 198 -43.60 16.34 -23.02
N THR A 199 -44.55 17.04 -23.64
CA THR A 199 -45.67 16.42 -24.35
C THR A 199 -45.88 17.20 -25.64
N VAL A 200 -46.49 16.56 -26.64
CA VAL A 200 -46.89 15.17 -26.65
C VAL A 200 -45.73 14.35 -27.23
N LEU A 201 -45.44 13.20 -26.62
CA LEU A 201 -44.36 12.36 -27.12
C LEU A 201 -44.89 11.37 -28.14
N PRO A 202 -44.07 10.88 -29.06
CA PRO A 202 -44.58 9.93 -30.05
C PRO A 202 -44.97 8.60 -29.41
N SER A 203 -46.04 8.00 -29.91
CA SER A 203 -46.57 6.76 -29.34
C SER A 203 -45.68 5.57 -29.66
N THR A 204 -44.67 5.78 -30.47
CA THR A 204 -43.72 4.73 -30.79
C THR A 204 -42.65 4.54 -29.71
N LEU A 205 -42.61 5.38 -28.67
CA LEU A 205 -41.57 5.27 -27.63
C LEU A 205 -41.60 3.93 -26.90
N THR A 206 -40.43 3.33 -26.72
CA THR A 206 -40.31 2.16 -25.86
C THR A 206 -39.56 2.45 -24.57
N GLU A 207 -38.66 3.43 -24.57
CA GLU A 207 -37.85 3.73 -23.40
C GLU A 207 -37.80 5.23 -23.21
N LEU A 208 -38.14 5.70 -22.00
CA LEU A 208 -38.17 7.13 -21.69
C LEU A 208 -37.42 7.33 -20.38
N TYR A 209 -36.34 8.12 -20.43
CA TYR A 209 -35.49 8.39 -19.28
C TYR A 209 -35.62 9.87 -18.97
N LEU A 210 -36.27 10.19 -17.85
CA LEU A 210 -36.46 11.54 -17.36
C LEU A 210 -35.86 11.75 -15.98
N TYR A 211 -34.86 10.95 -15.61
CA TYR A 211 -34.42 10.96 -14.23
C TYR A 211 -33.39 12.06 -13.97
N ASN A 212 -33.15 12.33 -12.69
CA ASN A 212 -32.30 13.43 -12.23
C ASN A 212 -32.66 14.75 -12.93
N ASN A 213 -33.85 15.24 -12.64
CA ASN A 213 -34.32 16.51 -13.19
C ASN A 213 -35.00 17.31 -12.09
N MET A 214 -35.83 18.27 -12.47
CA MET A 214 -36.60 19.08 -11.54
C MET A 214 -38.10 18.95 -11.81
N ILE A 215 -38.58 17.74 -12.08
CA ILE A 215 -40.00 17.51 -12.34
C ILE A 215 -40.68 17.27 -11.01
N ALA A 216 -41.60 18.16 -10.64
CA ALA A 216 -42.26 18.05 -9.33
C ALA A 216 -43.60 17.33 -9.40
N GLU A 217 -44.22 17.30 -10.58
CA GLU A 217 -45.55 16.77 -10.78
C GLU A 217 -45.60 16.07 -12.12
N ILE A 218 -46.27 14.93 -12.13
CA ILE A 218 -46.68 14.26 -13.35
C ILE A 218 -48.14 14.62 -13.57
N GLN A 219 -48.47 15.11 -14.77
CA GLN A 219 -49.86 15.32 -15.15
C GLN A 219 -50.49 14.00 -15.55
N GLU A 220 -51.80 13.88 -15.32
CA GLU A 220 -52.44 12.58 -15.51
C GLU A 220 -52.42 12.12 -16.95
N ASP A 221 -52.26 13.04 -17.89
CA ASP A 221 -52.17 12.65 -19.30
C ASP A 221 -50.75 12.65 -19.85
N ASP A 222 -49.73 12.91 -19.01
CA ASP A 222 -48.36 13.03 -19.53
C ASP A 222 -47.93 11.80 -20.35
N PHE A 223 -48.42 10.61 -20.00
CA PHE A 223 -48.02 9.37 -20.68
C PHE A 223 -49.18 8.70 -21.43
N ASN A 224 -50.20 9.49 -21.81
CA ASN A 224 -51.47 8.94 -22.30
C ASN A 224 -51.34 8.06 -23.54
N ASN A 225 -50.48 8.42 -24.48
CA ASN A 225 -50.43 7.68 -25.73
C ASN A 225 -49.31 6.65 -25.80
N LEU A 226 -48.58 6.41 -24.71
CA LEU A 226 -47.34 5.63 -24.79
C LEU A 226 -47.62 4.15 -24.63
N ASN A 227 -48.48 3.64 -25.51
CA ASN A 227 -48.94 2.28 -25.33
C ASN A 227 -47.89 1.25 -25.72
N GLN A 228 -46.72 1.67 -26.21
CA GLN A 228 -45.59 0.78 -26.49
C GLN A 228 -44.45 0.91 -25.48
N LEU A 229 -44.61 1.76 -24.47
CA LEU A 229 -43.50 2.06 -23.55
C LEU A 229 -43.13 0.84 -22.71
N GLN A 230 -41.85 0.51 -22.69
CA GLN A 230 -41.38 -0.63 -21.91
C GLN A 230 -40.57 -0.26 -20.70
N ILE A 231 -39.83 0.84 -20.75
CA ILE A 231 -39.00 1.27 -19.64
C ILE A 231 -39.33 2.73 -19.38
N LEU A 232 -39.62 3.04 -18.12
CA LEU A 232 -39.87 4.41 -17.68
C LEU A 232 -39.05 4.67 -16.44
N ASP A 233 -38.24 5.72 -16.46
CA ASP A 233 -37.41 6.08 -15.32
C ASP A 233 -37.66 7.56 -14.98
N LEU A 234 -38.27 7.78 -13.82
CA LEU A 234 -38.55 9.13 -13.34
C LEU A 234 -37.76 9.46 -12.07
N SER A 235 -36.74 8.66 -11.76
CA SER A 235 -35.97 8.77 -10.53
C SER A 235 -35.36 10.15 -10.37
N GLY A 236 -35.07 10.52 -9.11
CA GLY A 236 -34.33 11.75 -8.89
C GLY A 236 -35.08 13.02 -9.24
N ASN A 237 -36.40 12.98 -9.16
CA ASN A 237 -37.26 14.15 -9.18
C ASN A 237 -37.92 14.23 -7.81
N CYS A 238 -37.69 15.32 -7.11
CA CYS A 238 -37.91 15.37 -5.66
C CYS A 238 -37.01 14.31 -5.00
N PRO A 239 -35.70 14.49 -5.03
CA PRO A 239 -34.80 13.47 -4.47
C PRO A 239 -34.88 13.38 -2.96
N ARG A 240 -34.57 12.19 -2.46
CA ARG A 240 -34.26 12.00 -1.05
C ARG A 240 -32.77 12.27 -0.88
N CYS A 241 -32.44 13.31 -0.11
CA CYS A 241 -31.10 13.89 -0.14
C CYS A 241 -30.18 13.46 1.00
N TYR A 242 -30.60 12.57 1.90
CA TYR A 242 -29.73 12.20 3.02
C TYR A 242 -28.47 11.44 2.54
N ASN A 243 -27.33 11.83 3.11
CA ASN A 243 -26.00 11.32 2.75
C ASN A 243 -25.76 11.31 1.24
N ALA A 244 -26.39 12.23 0.52
CA ALA A 244 -26.16 12.30 -0.92
C ALA A 244 -24.72 12.75 -1.19
N PRO A 245 -24.04 12.13 -2.15
CA PRO A 245 -22.67 12.53 -2.43
C PRO A 245 -22.58 13.44 -3.64
N PHE A 246 -23.69 14.04 -3.99
CA PHE A 246 -23.75 15.09 -4.99
C PHE A 246 -24.62 16.19 -4.39
N PRO A 247 -24.46 17.43 -4.84
CA PRO A 247 -25.37 18.48 -4.35
C PRO A 247 -26.80 18.09 -4.68
N CYS A 248 -27.67 18.23 -3.69
CA CYS A 248 -28.99 17.61 -3.74
C CYS A 248 -29.97 18.60 -3.15
N THR A 249 -30.93 19.02 -3.98
CA THR A 249 -31.97 19.92 -3.54
C THR A 249 -33.29 19.17 -3.56
N PRO A 250 -33.98 19.06 -2.42
CA PRO A 250 -35.29 18.41 -2.40
C PRO A 250 -36.41 19.32 -2.91
N CYS A 251 -37.53 18.69 -3.23
CA CYS A 251 -38.76 19.46 -3.43
C CYS A 251 -39.15 20.12 -2.12
N LYS A 252 -39.75 21.30 -2.20
CA LYS A 252 -40.08 22.02 -0.96
C LYS A 252 -41.06 21.22 -0.11
N ASN A 253 -41.03 21.47 1.20
CA ASN A 253 -41.86 20.76 2.18
C ASN A 253 -41.65 19.26 2.03
N ASN A 254 -40.49 18.93 1.46
CA ASN A 254 -40.14 17.61 0.98
C ASN A 254 -41.38 16.86 0.49
N SER A 255 -42.05 17.46 -0.47
CA SER A 255 -43.14 16.77 -1.11
C SER A 255 -42.55 15.61 -1.87
N PRO A 256 -43.32 14.55 -2.09
CA PRO A 256 -42.91 13.57 -3.08
C PRO A 256 -43.13 14.13 -4.46
N LEU A 257 -42.52 13.47 -5.44
CA LEU A 257 -42.98 13.61 -6.81
C LEU A 257 -44.45 13.22 -6.83
N GLN A 258 -45.31 14.11 -7.29
CA GLN A 258 -46.75 13.86 -7.27
C GLN A 258 -47.13 13.13 -8.55
N ILE A 259 -47.66 11.91 -8.40
CA ILE A 259 -48.03 11.10 -9.55
C ILE A 259 -49.50 10.72 -9.43
N PRO A 260 -50.34 11.21 -10.32
CA PRO A 260 -51.76 10.83 -10.32
C PRO A 260 -51.91 9.32 -10.36
N VAL A 261 -52.95 8.81 -9.69
CA VAL A 261 -53.17 7.38 -9.58
C VAL A 261 -53.41 6.75 -10.96
N ASN A 262 -53.91 7.54 -11.91
CA ASN A 262 -54.15 7.04 -13.26
C ASN A 262 -53.03 7.39 -14.24
N ALA A 263 -51.87 7.84 -13.75
CA ALA A 263 -50.80 8.32 -14.62
C ALA A 263 -50.24 7.22 -15.52
N PHE A 264 -50.28 5.97 -15.09
CA PHE A 264 -49.68 4.88 -15.85
C PHE A 264 -50.70 4.05 -16.63
N ASP A 265 -51.95 4.52 -16.73
CA ASP A 265 -53.02 3.64 -17.23
C ASP A 265 -52.79 3.20 -18.66
N ALA A 266 -52.15 4.03 -19.48
CA ALA A 266 -51.93 3.67 -20.88
C ALA A 266 -50.74 2.71 -21.06
N LEU A 267 -49.93 2.52 -20.04
CA LEU A 267 -48.63 1.84 -20.19
C LEU A 267 -48.76 0.32 -20.05
N THR A 268 -49.56 -0.28 -20.93
CA THR A 268 -49.86 -1.71 -20.75
C THR A 268 -48.65 -2.59 -21.02
N GLU A 269 -47.65 -2.09 -21.74
CA GLU A 269 -46.46 -2.86 -22.05
C GLU A 269 -45.30 -2.62 -21.10
N LEU A 270 -45.47 -1.80 -20.08
CA LEU A 270 -44.36 -1.41 -19.20
C LEU A 270 -43.72 -2.62 -18.53
N LYS A 271 -42.42 -2.77 -18.70
CA LYS A 271 -41.68 -3.82 -18.01
C LYS A 271 -40.80 -3.29 -16.90
N VAL A 272 -40.27 -2.08 -17.02
CA VAL A 272 -39.37 -1.49 -16.04
C VAL A 272 -39.92 -0.13 -15.60
N LEU A 273 -40.15 0.02 -14.30
CA LEU A 273 -40.56 1.28 -13.70
C LEU A 273 -39.53 1.60 -12.63
N ARG A 274 -38.83 2.70 -12.79
CA ARG A 274 -37.83 3.14 -11.83
C ARG A 274 -38.32 4.41 -11.17
N LEU A 275 -38.56 4.32 -9.86
CA LEU A 275 -38.97 5.43 -9.00
C LEU A 275 -38.01 5.56 -7.82
N HIS A 276 -36.72 5.62 -8.13
CA HIS A 276 -35.69 5.77 -7.11
C HIS A 276 -35.53 7.25 -6.75
N SER A 277 -35.42 7.52 -5.46
CA SER A 277 -35.20 8.89 -4.99
C SER A 277 -36.27 9.85 -5.50
N ASN A 278 -37.52 9.55 -5.16
CA ASN A 278 -38.64 10.44 -5.45
C ASN A 278 -39.36 10.87 -4.18
N SER A 279 -38.78 10.57 -3.01
CA SER A 279 -39.34 10.96 -1.71
C SER A 279 -40.77 10.46 -1.55
N LEU A 280 -41.09 9.30 -2.11
CA LEU A 280 -42.43 8.73 -1.98
C LEU A 280 -42.69 8.28 -0.54
N GLN A 281 -43.89 8.60 -0.05
CA GLN A 281 -44.34 8.10 1.23
C GLN A 281 -45.37 7.00 1.10
N HIS A 282 -46.03 6.88 -0.04
CA HIS A 282 -47.02 5.83 -0.30
C HIS A 282 -46.87 5.39 -1.73
N VAL A 283 -47.21 4.13 -2.00
CA VAL A 283 -47.32 3.74 -3.41
C VAL A 283 -48.71 3.17 -3.61
N PRO A 284 -49.58 3.91 -4.29
CA PRO A 284 -50.99 3.53 -4.39
C PRO A 284 -51.17 2.30 -5.25
N PRO A 285 -51.94 1.31 -4.79
CA PRO A 285 -52.23 0.16 -5.65
C PRO A 285 -52.78 0.56 -7.01
N ARG A 286 -53.57 1.63 -7.03
CA ARG A 286 -54.20 2.12 -8.25
C ARG A 286 -53.19 2.43 -9.35
N TRP A 287 -51.92 2.75 -9.00
CA TRP A 287 -50.89 2.94 -10.03
C TRP A 287 -50.80 1.77 -11.01
N PHE A 288 -50.95 0.53 -10.51
CA PHE A 288 -50.60 -0.65 -11.27
C PHE A 288 -51.81 -1.39 -11.83
N LYS A 289 -52.99 -0.78 -11.83
CA LYS A 289 -54.21 -1.50 -12.20
C LYS A 289 -54.13 -2.07 -13.61
N ASN A 290 -53.60 -1.30 -14.57
CA ASN A 290 -53.47 -1.78 -15.94
C ASN A 290 -52.04 -2.14 -16.31
N ILE A 291 -51.13 -2.27 -15.35
CA ILE A 291 -49.78 -2.70 -15.67
C ILE A 291 -49.64 -4.15 -15.23
N ASN A 292 -49.93 -5.10 -16.12
CA ASN A 292 -49.91 -6.50 -15.73
C ASN A 292 -48.57 -7.15 -16.03
N ASN A 293 -47.77 -6.57 -16.93
CA ASN A 293 -46.49 -7.14 -17.35
C ASN A 293 -45.27 -6.62 -16.57
N LEU A 294 -45.43 -5.83 -15.51
CA LEU A 294 -44.27 -5.19 -14.90
C LEU A 294 -43.34 -6.23 -14.26
N GLN A 295 -42.06 -6.20 -14.67
CA GLN A 295 -41.06 -7.17 -14.24
C GLN A 295 -40.01 -6.60 -13.30
N GLU A 296 -39.66 -5.33 -13.44
CA GLU A 296 -38.66 -4.70 -12.59
C GLU A 296 -39.22 -3.40 -12.03
N LEU A 297 -39.15 -3.26 -10.69
CA LEU A 297 -39.63 -2.10 -9.97
C LEU A 297 -38.58 -1.66 -8.95
N ASP A 298 -38.09 -0.43 -9.11
CA ASP A 298 -37.10 0.17 -8.21
C ASP A 298 -37.78 1.28 -7.41
N LEU A 299 -37.97 1.04 -6.10
CA LEU A 299 -38.53 2.03 -5.18
C LEU A 299 -37.52 2.37 -4.07
N SER A 300 -36.23 2.27 -4.36
CA SER A 300 -35.19 2.62 -3.40
C SER A 300 -35.06 4.14 -3.24
N GLN A 301 -34.55 4.53 -2.07
CA GLN A 301 -34.29 5.94 -1.75
C GLN A 301 -35.57 6.77 -1.72
N ASN A 302 -36.61 6.20 -1.13
CA ASN A 302 -37.82 6.97 -0.85
C ASN A 302 -38.05 6.97 0.66
N PHE A 303 -39.27 7.29 1.11
CA PHE A 303 -39.59 7.22 2.53
C PHE A 303 -40.71 6.22 2.76
N LEU A 304 -40.45 4.95 2.47
CA LEU A 304 -41.50 3.94 2.38
C LEU A 304 -41.43 2.90 3.48
N ALA A 305 -40.70 3.20 4.55
CA ALA A 305 -40.52 2.23 5.66
C ALA A 305 -41.86 1.72 6.15
N LYS A 306 -42.80 2.62 6.45
CA LYS A 306 -44.13 2.18 6.88
C LYS A 306 -44.81 1.37 5.79
N GLU A 307 -44.77 1.89 4.57
CA GLU A 307 -45.44 1.24 3.44
C GLU A 307 -44.98 -0.19 3.27
N ILE A 308 -43.72 -0.49 3.59
CA ILE A 308 -43.21 -1.85 3.45
C ILE A 308 -43.97 -2.83 4.33
N GLY A 309 -44.44 -2.37 5.48
CA GLY A 309 -45.28 -3.18 6.34
C GLY A 309 -46.74 -3.24 5.96
N ASP A 310 -47.14 -2.63 4.84
CA ASP A 310 -48.54 -2.60 4.42
C ASP A 310 -48.60 -3.07 2.98
N ALA A 311 -48.22 -2.19 2.06
CA ALA A 311 -47.80 -2.56 0.70
C ALA A 311 -48.87 -3.33 -0.08
N LYS A 312 -50.12 -2.81 -0.07
CA LYS A 312 -51.20 -3.45 -0.83
C LYS A 312 -50.91 -3.50 -2.33
N PHE A 313 -50.11 -2.57 -2.86
CA PHE A 313 -49.84 -2.55 -4.30
C PHE A 313 -49.19 -3.85 -4.80
N LEU A 314 -48.50 -4.60 -3.92
CA LEU A 314 -47.81 -5.81 -4.36
C LEU A 314 -48.76 -6.85 -4.90
N HIS A 315 -50.03 -6.81 -4.47
CA HIS A 315 -51.04 -7.75 -4.95
C HIS A 315 -51.30 -7.59 -6.44
N PHE A 316 -50.83 -6.50 -7.03
CA PHE A 316 -51.05 -6.19 -8.43
C PHE A 316 -49.85 -6.50 -9.29
N LEU A 317 -48.84 -7.17 -8.72
CA LEU A 317 -47.56 -7.35 -9.40
C LEU A 317 -47.15 -8.82 -9.43
N PRO A 318 -48.04 -9.73 -9.86
CA PRO A 318 -47.70 -11.17 -9.83
C PRO A 318 -46.64 -11.58 -10.84
N ASN A 319 -46.26 -10.74 -11.80
CA ASN A 319 -45.18 -11.07 -12.72
C ASN A 319 -43.86 -10.39 -12.38
N LEU A 320 -43.79 -9.64 -11.28
CA LEU A 320 -42.58 -8.89 -10.95
C LEU A 320 -41.41 -9.84 -10.74
N ILE A 321 -40.30 -9.60 -11.46
CA ILE A 321 -39.09 -10.40 -11.33
C ILE A 321 -38.16 -9.83 -10.27
N GLN A 322 -38.00 -8.50 -10.25
CA GLN A 322 -37.11 -7.82 -9.32
C GLN A 322 -37.82 -6.67 -8.62
N LEU A 323 -37.60 -6.57 -7.30
CA LEU A 323 -38.13 -5.50 -6.48
C LEU A 323 -37.01 -4.93 -5.62
N ASP A 324 -36.88 -3.61 -5.61
CA ASP A 324 -35.87 -2.96 -4.79
C ASP A 324 -36.54 -1.91 -3.90
N LEU A 325 -36.52 -2.15 -2.60
CA LEU A 325 -37.07 -1.21 -1.61
C LEU A 325 -35.99 -0.67 -0.69
N SER A 326 -34.75 -0.63 -1.17
CA SER A 326 -33.61 -0.28 -0.35
C SER A 326 -33.63 1.19 0.04
N PHE A 327 -33.01 1.49 1.17
CA PHE A 327 -32.80 2.84 1.68
C PHE A 327 -34.11 3.63 1.77
N ASN A 328 -35.06 3.02 2.50
CA ASN A 328 -36.32 3.65 2.83
C ASN A 328 -36.49 3.96 4.31
N PHE A 329 -35.42 3.83 5.10
CA PHE A 329 -35.51 4.01 6.54
C PHE A 329 -35.96 5.42 6.89
N GLU A 330 -36.61 5.55 8.05
CA GLU A 330 -36.92 6.86 8.61
C GLU A 330 -35.69 7.44 9.25
N LEU A 331 -35.38 8.68 8.95
CA LEU A 331 -34.15 9.28 9.49
C LEU A 331 -34.14 9.16 11.00
N GLN A 332 -33.03 8.67 11.54
CA GLN A 332 -32.81 8.80 12.98
C GLN A 332 -33.77 7.93 13.80
N VAL A 333 -34.54 7.03 13.16
CA VAL A 333 -35.19 5.87 13.77
C VAL A 333 -34.32 4.62 13.59
N TYR A 334 -34.16 3.83 14.65
CA TYR A 334 -33.45 2.54 14.60
C TYR A 334 -34.44 1.45 15.03
N ARG A 335 -35.23 0.96 14.06
CA ARG A 335 -36.30 0.03 14.37
C ARG A 335 -35.79 -1.23 15.07
N ALA A 336 -36.64 -1.82 15.89
CA ALA A 336 -36.30 -3.10 16.51
C ALA A 336 -36.30 -4.25 15.50
N SER A 337 -37.20 -4.21 14.53
CA SER A 337 -37.35 -5.36 13.64
C SER A 337 -37.85 -4.92 12.26
N MET A 338 -37.85 -5.87 11.34
CA MET A 338 -38.34 -5.61 9.99
C MET A 338 -39.78 -6.11 9.90
N ASN A 339 -40.67 -5.19 9.57
CA ASN A 339 -42.09 -5.47 9.36
C ASN A 339 -42.30 -5.56 7.86
N LEU A 340 -42.28 -6.79 7.33
CA LEU A 340 -42.60 -7.07 5.94
C LEU A 340 -44.07 -7.46 5.84
N SER A 341 -44.82 -6.75 5.00
CA SER A 341 -46.23 -7.06 4.81
C SER A 341 -46.44 -8.47 4.28
N GLN A 342 -47.57 -9.07 4.67
CA GLN A 342 -47.97 -10.36 4.11
C GLN A 342 -48.15 -10.28 2.61
N ALA A 343 -48.44 -9.09 2.08
CA ALA A 343 -48.64 -8.93 0.65
C ALA A 343 -47.43 -9.36 -0.15
N PHE A 344 -46.23 -9.32 0.45
CA PHE A 344 -45.05 -9.86 -0.24
C PHE A 344 -45.28 -11.27 -0.76
N SER A 345 -46.15 -12.05 -0.09
CA SER A 345 -46.44 -13.41 -0.56
C SER A 345 -47.14 -13.47 -1.91
N SER A 346 -47.64 -12.36 -2.46
CA SER A 346 -48.27 -12.41 -3.78
C SER A 346 -47.29 -12.28 -4.93
N LEU A 347 -46.01 -12.05 -4.65
CA LEU A 347 -45.00 -11.81 -5.67
C LEU A 347 -44.51 -13.14 -6.25
N LYS A 348 -45.43 -13.84 -6.91
CA LYS A 348 -45.23 -15.23 -7.27
C LYS A 348 -44.06 -15.44 -8.23
N SER A 349 -43.72 -14.44 -9.07
CA SER A 349 -42.60 -14.57 -10.00
C SER A 349 -41.29 -13.99 -9.47
N LEU A 350 -41.26 -13.45 -8.24
CA LEU A 350 -40.11 -12.69 -7.77
C LEU A 350 -38.84 -13.54 -7.67
N LYS A 351 -37.75 -13.06 -8.31
CA LYS A 351 -36.43 -13.66 -8.12
C LYS A 351 -35.46 -12.83 -7.31
N ILE A 352 -35.61 -11.50 -7.28
CA ILE A 352 -34.65 -10.61 -6.63
C ILE A 352 -35.42 -9.67 -5.72
N LEU A 353 -35.14 -9.72 -4.44
CA LEU A 353 -35.70 -8.78 -3.47
C LEU A 353 -34.56 -8.10 -2.74
N ARG A 354 -34.48 -6.77 -2.83
CA ARG A 354 -33.43 -6.01 -2.18
C ARG A 354 -34.07 -5.05 -1.19
N ILE A 355 -33.70 -5.18 0.08
CA ILE A 355 -34.16 -4.27 1.10
C ILE A 355 -32.97 -3.90 1.95
N ARG A 356 -31.98 -3.28 1.31
CA ARG A 356 -30.92 -2.61 2.04
C ARG A 356 -31.48 -1.39 2.78
N GLY A 357 -30.76 -0.94 3.80
CA GLY A 357 -31.05 0.35 4.42
C GLY A 357 -32.47 0.53 4.94
N TYR A 358 -33.09 -0.54 5.44
CA TYR A 358 -34.31 -0.42 6.23
C TYR A 358 -33.99 0.00 7.66
N VAL A 359 -32.88 -0.53 8.22
CA VAL A 359 -32.26 -0.15 9.49
C VAL A 359 -33.03 -0.67 10.70
N PHE A 360 -32.64 -1.85 11.16
CA PHE A 360 -33.35 -2.51 12.24
C PHE A 360 -32.37 -3.40 13.00
N LYS A 361 -32.68 -3.65 14.27
CA LYS A 361 -31.73 -4.25 15.19
C LYS A 361 -31.69 -5.76 15.15
N GLU A 362 -32.83 -6.40 14.89
CA GLU A 362 -32.95 -7.83 15.12
C GLU A 362 -33.77 -8.45 14.00
N LEU A 363 -33.19 -9.43 13.32
CA LEU A 363 -33.86 -10.21 12.29
C LEU A 363 -34.30 -11.54 12.87
N LYS A 364 -35.60 -11.85 12.76
CA LYS A 364 -36.13 -13.11 13.28
C LYS A 364 -36.80 -13.90 12.18
N SER A 365 -36.83 -15.24 12.36
CA SER A 365 -37.25 -16.16 11.30
C SER A 365 -38.63 -15.85 10.75
N PHE A 366 -39.60 -15.56 11.62
CA PHE A 366 -40.98 -15.40 11.17
C PHE A 366 -41.15 -14.12 10.36
N GLN A 367 -40.28 -13.11 10.57
CA GLN A 367 -40.36 -11.87 9.82
C GLN A 367 -40.15 -12.09 8.32
N LEU A 368 -39.47 -13.15 7.92
CA LEU A 368 -39.31 -13.49 6.51
C LEU A 368 -40.37 -14.46 6.02
N SER A 369 -41.35 -14.79 6.86
CA SER A 369 -42.35 -15.78 6.46
C SER A 369 -43.16 -15.36 5.23
N PRO A 370 -43.43 -14.08 4.98
CA PRO A 370 -44.07 -13.72 3.69
C PRO A 370 -43.29 -14.18 2.47
N LEU A 371 -42.03 -14.58 2.61
CA LEU A 371 -41.24 -15.04 1.48
C LEU A 371 -41.12 -16.56 1.40
N HIS A 372 -41.69 -17.32 2.34
CA HIS A 372 -41.41 -18.76 2.39
C HIS A 372 -41.84 -19.47 1.11
N ASN A 373 -43.00 -19.12 0.53
CA ASN A 373 -43.47 -19.76 -0.68
C ASN A 373 -43.22 -18.96 -1.94
N LEU A 374 -42.28 -18.02 -1.94
CA LEU A 374 -41.88 -17.42 -3.22
C LEU A 374 -40.94 -18.42 -3.89
N GLN A 375 -41.51 -19.23 -4.80
CA GLN A 375 -40.81 -20.41 -5.27
C GLN A 375 -39.72 -20.05 -6.27
N ASN A 376 -39.74 -18.84 -6.82
CA ASN A 376 -38.71 -18.43 -7.75
C ASN A 376 -37.67 -17.51 -7.10
N LEU A 377 -37.75 -17.29 -5.79
CA LEU A 377 -36.80 -16.39 -5.14
C LEU A 377 -35.37 -16.91 -5.26
N GLU A 378 -34.48 -16.07 -5.82
CA GLU A 378 -33.06 -16.38 -5.98
C GLU A 378 -32.11 -15.55 -5.12
N VAL A 379 -32.36 -14.25 -4.90
CA VAL A 379 -31.49 -13.47 -4.02
C VAL A 379 -32.33 -12.64 -3.06
N LEU A 380 -31.94 -12.66 -1.80
CA LEU A 380 -32.49 -11.83 -0.75
C LEU A 380 -31.37 -10.95 -0.24
N ASP A 381 -31.49 -9.64 -0.41
CA ASP A 381 -30.43 -8.70 -0.11
C ASP A 381 -30.87 -7.88 1.10
N LEU A 382 -30.34 -8.21 2.27
CA LEU A 382 -30.61 -7.44 3.47
C LEU A 382 -29.35 -6.76 4.00
N GLY A 383 -28.49 -6.31 3.07
CA GLY A 383 -27.27 -5.62 3.46
C GLY A 383 -27.54 -4.22 3.99
N THR A 384 -26.55 -3.70 4.73
CA THR A 384 -26.52 -2.31 5.20
C THR A 384 -27.80 -1.95 5.96
N ASN A 385 -28.09 -2.78 6.98
CA ASN A 385 -29.26 -2.61 7.81
C ASN A 385 -28.94 -2.45 9.27
N PHE A 386 -27.65 -2.49 9.65
CA PHE A 386 -27.20 -2.40 11.04
C PHE A 386 -27.85 -3.45 11.93
N ILE A 387 -28.11 -4.62 11.35
CA ILE A 387 -28.61 -5.74 12.11
C ILE A 387 -27.56 -6.18 13.13
N LYS A 388 -27.98 -6.28 14.39
CA LYS A 388 -27.16 -6.79 15.49
C LYS A 388 -27.35 -8.28 15.75
N ILE A 389 -28.55 -8.81 15.54
CA ILE A 389 -28.88 -10.19 15.93
C ILE A 389 -29.61 -10.88 14.79
N ALA A 390 -29.13 -12.07 14.42
CA ALA A 390 -29.79 -12.90 13.41
C ALA A 390 -29.38 -14.36 13.62
N ASN A 391 -30.34 -15.22 13.92
CA ASN A 391 -30.08 -16.65 13.99
C ASN A 391 -29.98 -17.16 12.55
N LEU A 392 -28.74 -17.43 12.10
CA LEU A 392 -28.48 -17.84 10.72
C LEU A 392 -29.21 -19.13 10.35
N SER A 393 -29.64 -19.92 11.32
CA SER A 393 -30.36 -21.16 11.02
C SER A 393 -31.67 -20.89 10.31
N MET A 394 -32.23 -19.69 10.44
CA MET A 394 -33.50 -19.39 9.77
C MET A 394 -33.41 -19.60 8.27
N PHE A 395 -32.20 -19.60 7.71
CA PHE A 395 -32.08 -19.69 6.26
C PHE A 395 -32.13 -21.12 5.77
N LYS A 396 -32.40 -22.05 6.68
CA LYS A 396 -32.76 -23.42 6.31
C LYS A 396 -34.03 -23.47 5.47
N GLN A 397 -34.88 -22.45 5.56
CA GLN A 397 -36.07 -22.34 4.73
C GLN A 397 -35.80 -21.62 3.41
N PHE A 398 -34.55 -21.40 3.04
CA PHE A 398 -34.25 -20.64 1.82
C PHE A 398 -33.17 -21.34 1.00
N LYS A 399 -33.14 -22.67 1.08
CA LYS A 399 -32.17 -23.48 0.36
C LYS A 399 -32.22 -23.23 -1.15
N ARG A 400 -33.39 -22.86 -1.67
CA ARG A 400 -33.49 -22.64 -3.11
C ARG A 400 -32.77 -21.38 -3.57
N LEU A 401 -32.46 -20.46 -2.65
CA LEU A 401 -31.89 -19.18 -3.03
C LEU A 401 -30.44 -19.33 -3.48
N LYS A 402 -30.05 -18.48 -4.44
CA LYS A 402 -28.67 -18.45 -4.90
C LYS A 402 -27.79 -17.58 -4.02
N VAL A 403 -28.33 -16.50 -3.47
CA VAL A 403 -27.55 -15.56 -2.65
C VAL A 403 -28.40 -15.02 -1.51
N ILE A 404 -27.89 -15.12 -0.29
CA ILE A 404 -28.44 -14.45 0.87
C ILE A 404 -27.37 -13.46 1.34
N ASP A 405 -27.69 -12.18 1.27
CA ASP A 405 -26.70 -11.12 1.45
C ASP A 405 -26.97 -10.36 2.76
N LEU A 406 -26.13 -10.57 3.76
CA LEU A 406 -26.19 -9.84 5.03
C LEU A 406 -24.95 -8.96 5.19
N SER A 407 -24.36 -8.57 4.07
CA SER A 407 -23.15 -7.75 4.08
C SER A 407 -23.39 -6.37 4.70
N VAL A 408 -22.38 -5.86 5.40
CA VAL A 408 -22.40 -4.53 6.02
C VAL A 408 -23.54 -4.50 7.05
N ASN A 409 -23.37 -5.26 8.13
CA ASN A 409 -24.30 -5.21 9.23
C ASN A 409 -23.46 -5.26 10.50
N LYS A 410 -24.13 -5.42 11.65
CA LYS A 410 -23.40 -5.49 12.92
C LYS A 410 -23.70 -6.80 13.65
N ILE A 411 -23.91 -7.86 12.89
CA ILE A 411 -24.22 -9.16 13.48
C ILE A 411 -23.02 -9.64 14.29
N SER A 412 -23.30 -10.22 15.45
CA SER A 412 -22.30 -10.86 16.30
C SER A 412 -23.01 -12.02 16.99
N PRO A 413 -22.29 -13.13 17.28
CA PRO A 413 -22.80 -14.52 17.35
C PRO A 413 -24.31 -14.71 17.50
N VAL A 437 -23.43 -8.95 -8.77
CA VAL A 437 -22.75 -8.02 -7.88
C VAL A 437 -23.03 -6.55 -8.26
N LEU A 438 -23.26 -5.71 -7.26
CA LEU A 438 -23.49 -4.27 -7.45
C LEU A 438 -22.23 -3.48 -7.11
N GLU A 439 -21.89 -2.52 -7.96
CA GLU A 439 -20.71 -1.68 -7.75
C GLU A 439 -20.85 -0.87 -6.46
N GLN A 440 -19.80 -0.85 -5.64
CA GLN A 440 -19.93 -0.46 -4.23
C GLN A 440 -20.45 0.98 -4.04
N LEU A 441 -20.40 1.83 -5.06
CA LEU A 441 -21.16 3.09 -5.07
C LEU A 441 -22.37 2.88 -5.99
N TYR A 442 -23.40 2.25 -5.44
CA TYR A 442 -24.56 1.83 -6.23
C TYR A 442 -25.81 2.63 -5.88
N TYR A 443 -26.27 2.56 -4.62
CA TYR A 443 -27.50 3.26 -4.26
C TYR A 443 -27.29 4.76 -4.10
N PHE A 444 -26.07 5.22 -3.92
CA PHE A 444 -25.85 6.63 -3.65
C PHE A 444 -25.14 7.37 -4.78
N ARG A 445 -24.82 6.72 -5.89
CA ARG A 445 -24.23 7.45 -7.01
C ARG A 445 -25.29 8.31 -7.72
N TYR A 446 -24.84 9.44 -8.27
CA TYR A 446 -25.76 10.37 -8.92
C TYR A 446 -26.49 9.71 -10.08
N ASP A 447 -25.74 9.15 -11.01
CA ASP A 447 -26.30 8.51 -12.21
C ASP A 447 -25.50 7.24 -12.42
N LYS A 448 -26.05 6.11 -11.97
CA LYS A 448 -25.34 4.84 -12.08
C LYS A 448 -25.12 4.41 -13.53
N TYR A 449 -25.93 4.90 -14.48
CA TYR A 449 -25.76 4.55 -15.89
C TYR A 449 -25.02 5.65 -16.66
N ALA A 450 -24.31 6.53 -15.96
CA ALA A 450 -23.58 7.61 -16.60
C ALA A 450 -22.48 7.05 -17.51
N ARG A 451 -22.46 7.52 -18.77
CA ARG A 451 -21.48 7.10 -19.76
C ARG A 451 -20.26 8.00 -19.66
N SER A 452 -19.11 7.43 -19.42
CA SER A 452 -17.92 8.25 -19.43
C SER A 452 -17.24 8.11 -20.80
N CYS A 453 -16.32 9.01 -21.07
CA CYS A 453 -15.51 8.94 -22.27
C CYS A 453 -14.66 7.65 -22.24
N SER A 468 -15.46 -13.71 -7.04
CA SER A 468 -16.81 -13.97 -6.57
C SER A 468 -17.10 -15.47 -6.56
N CYS A 469 -17.95 -15.90 -5.62
CA CYS A 469 -18.17 -17.32 -5.35
C CYS A 469 -19.62 -17.77 -5.61
N TYR A 470 -20.45 -16.92 -6.22
CA TYR A 470 -21.84 -17.28 -6.52
C TYR A 470 -21.93 -18.52 -7.41
N LYS A 471 -20.96 -18.69 -8.30
CA LYS A 471 -20.98 -19.81 -9.24
C LYS A 471 -20.88 -21.17 -8.53
N TYR A 472 -20.38 -21.20 -7.29
CA TYR A 472 -20.29 -22.44 -6.52
C TYR A 472 -21.64 -22.91 -5.99
N GLY A 473 -22.68 -22.07 -6.03
CA GLY A 473 -23.98 -22.44 -5.53
C GLY A 473 -24.42 -21.52 -4.41
N GLN A 474 -25.22 -22.06 -3.49
CA GLN A 474 -25.83 -21.22 -2.46
C GLN A 474 -24.79 -20.46 -1.67
N THR A 475 -24.98 -19.16 -1.55
CA THR A 475 -24.02 -18.28 -0.91
C THR A 475 -24.68 -17.56 0.25
N LEU A 476 -24.06 -17.66 1.42
CA LEU A 476 -24.41 -16.83 2.55
C LEU A 476 -23.30 -15.81 2.71
N ASP A 477 -23.61 -14.54 2.43
CA ASP A 477 -22.66 -13.43 2.49
C ASP A 477 -22.82 -12.75 3.85
N LEU A 478 -21.90 -13.04 4.78
CA LEU A 478 -21.84 -12.39 6.07
C LEU A 478 -20.68 -11.40 6.18
N SER A 479 -20.17 -10.92 5.05
CA SER A 479 -19.00 -10.08 5.05
C SER A 479 -19.28 -8.72 5.72
N LYS A 480 -18.23 -8.10 6.23
CA LYS A 480 -18.30 -6.83 6.94
C LYS A 480 -19.41 -6.85 8.01
N ASN A 481 -19.25 -7.75 8.96
CA ASN A 481 -20.09 -7.76 10.14
C ASN A 481 -19.23 -7.68 11.38
N SER A 482 -19.78 -8.01 12.54
CA SER A 482 -19.05 -7.88 13.80
C SER A 482 -18.92 -9.22 14.49
N ILE A 483 -18.77 -10.27 13.69
CA ILE A 483 -18.66 -11.61 14.22
C ILE A 483 -17.26 -11.74 14.81
N PHE A 484 -17.16 -11.80 16.14
CA PHE A 484 -15.85 -12.01 16.76
C PHE A 484 -15.59 -13.45 17.16
N PHE A 485 -16.63 -14.28 17.31
CA PHE A 485 -16.47 -15.67 17.72
C PHE A 485 -17.49 -16.55 17.01
N ILE A 486 -17.05 -17.72 16.56
CA ILE A 486 -17.90 -18.69 15.88
C ILE A 486 -17.78 -20.06 16.55
N LYS A 487 -18.88 -20.80 16.50
CA LYS A 487 -18.91 -22.20 16.89
C LYS A 487 -19.85 -22.94 15.95
N SER A 488 -19.72 -24.27 15.96
CA SER A 488 -20.47 -25.11 15.03
C SER A 488 -21.95 -24.80 15.04
N SER A 489 -22.54 -24.57 16.21
CA SER A 489 -23.99 -24.41 16.28
C SER A 489 -24.47 -23.15 15.56
N ASP A 490 -23.60 -22.14 15.38
CA ASP A 490 -23.96 -20.94 14.62
C ASP A 490 -24.44 -21.28 13.22
N PHE A 491 -23.99 -22.41 12.67
CA PHE A 491 -24.34 -22.84 11.32
C PHE A 491 -25.26 -24.06 11.30
N GLN A 492 -25.93 -24.33 12.40
CA GLN A 492 -26.85 -25.45 12.43
C GLN A 492 -27.89 -25.29 11.33
N HIS A 493 -28.14 -26.38 10.59
CA HIS A 493 -29.17 -26.50 9.56
C HIS A 493 -28.79 -25.81 8.26
N LEU A 494 -27.52 -25.42 8.06
CA LEU A 494 -27.07 -24.74 6.85
C LEU A 494 -26.09 -25.59 6.02
N SER A 495 -26.22 -26.91 6.10
CA SER A 495 -25.26 -27.76 5.41
C SER A 495 -25.37 -27.66 3.91
N PHE A 496 -26.44 -27.07 3.39
CA PHE A 496 -26.58 -26.90 1.95
C PHE A 496 -25.65 -25.84 1.38
N LEU A 497 -25.05 -24.99 2.22
CA LEU A 497 -24.27 -23.86 1.73
C LEU A 497 -23.07 -24.33 0.90
N LYS A 498 -22.87 -23.67 -0.24
CA LYS A 498 -21.67 -23.90 -1.05
C LYS A 498 -20.60 -22.83 -0.87
N CYS A 499 -20.96 -21.60 -0.50
CA CYS A 499 -19.99 -20.54 -0.28
C CYS A 499 -20.38 -19.73 0.94
N LEU A 500 -19.42 -19.48 1.83
CA LEU A 500 -19.63 -18.62 2.98
C LEU A 500 -18.67 -17.45 2.91
N ASN A 501 -19.19 -16.23 2.97
CA ASN A 501 -18.34 -15.06 2.97
C ASN A 501 -18.33 -14.51 4.38
N LEU A 502 -17.19 -14.68 5.05
CA LEU A 502 -16.93 -14.16 6.39
C LEU A 502 -15.92 -13.03 6.33
N SER A 503 -15.64 -12.52 5.13
CA SER A 503 -14.65 -11.47 4.95
C SER A 503 -14.97 -10.24 5.78
N GLY A 504 -13.94 -9.64 6.37
CA GLY A 504 -14.09 -8.40 7.10
C GLY A 504 -14.84 -8.50 8.40
N ASN A 505 -14.70 -9.61 9.10
CA ASN A 505 -15.27 -9.71 10.44
C ASN A 505 -14.16 -9.55 11.48
N LEU A 506 -14.38 -10.06 12.69
CA LEU A 506 -13.45 -9.81 13.78
C LEU A 506 -12.84 -11.11 14.32
N ILE A 507 -12.80 -12.14 13.49
CA ILE A 507 -12.55 -13.50 13.99
C ILE A 507 -11.08 -13.66 14.32
N SER A 508 -10.82 -14.00 15.57
CA SER A 508 -9.53 -13.84 16.18
C SER A 508 -9.09 -15.12 16.89
N GLN A 509 -9.84 -16.19 16.75
CA GLN A 509 -9.69 -17.37 17.59
C GLN A 509 -8.79 -18.39 16.89
N THR A 510 -8.30 -19.34 17.68
CA THR A 510 -7.44 -20.42 17.17
C THR A 510 -8.33 -21.55 16.64
N LEU A 511 -8.75 -21.40 15.39
CA LEU A 511 -9.57 -22.42 14.74
C LEU A 511 -8.92 -23.79 14.87
N ASN A 512 -9.74 -24.79 15.24
CA ASN A 512 -9.22 -26.12 15.53
C ASN A 512 -10.07 -27.24 14.92
N GLY A 513 -10.85 -26.94 13.88
CA GLY A 513 -11.69 -27.92 13.24
C GLY A 513 -13.05 -28.13 13.86
N SER A 514 -13.44 -27.32 14.83
CA SER A 514 -14.73 -27.50 15.47
C SER A 514 -15.68 -26.36 15.16
N GLU A 515 -15.26 -25.39 14.35
CA GLU A 515 -16.04 -24.18 14.18
C GLU A 515 -17.07 -24.26 13.05
N PHE A 516 -16.82 -25.08 12.02
CA PHE A 516 -17.71 -25.12 10.86
C PHE A 516 -18.34 -26.48 10.61
N GLN A 517 -18.54 -27.30 11.65
CA GLN A 517 -18.89 -28.71 11.43
C GLN A 517 -20.15 -28.90 10.58
N PRO A 518 -21.23 -28.12 10.72
CA PRO A 518 -22.40 -28.35 9.86
C PRO A 518 -22.13 -28.17 8.37
N LEU A 519 -21.04 -27.54 7.95
CA LEU A 519 -20.96 -27.09 6.55
C LEU A 519 -20.33 -28.15 5.66
N ALA A 520 -21.05 -29.27 5.54
CA ALA A 520 -20.48 -30.45 4.92
C ALA A 520 -20.35 -30.31 3.42
N GLU A 521 -21.07 -29.37 2.81
CA GLU A 521 -21.01 -29.18 1.36
C GLU A 521 -20.21 -27.97 0.94
N LEU A 522 -19.69 -27.19 1.89
CA LEU A 522 -19.06 -25.92 1.55
C LEU A 522 -17.90 -26.11 0.59
N ARG A 523 -17.94 -25.39 -0.53
CA ARG A 523 -16.87 -25.45 -1.50
C ARG A 523 -15.92 -24.26 -1.42
N TYR A 524 -16.36 -23.14 -0.88
CA TYR A 524 -15.60 -21.89 -0.92
C TYR A 524 -15.80 -21.15 0.39
N LEU A 525 -14.72 -20.85 1.09
CA LEU A 525 -14.81 -20.03 2.30
C LEU A 525 -13.94 -18.80 2.07
N ASP A 526 -14.54 -17.60 2.18
CA ASP A 526 -13.80 -16.33 2.19
C ASP A 526 -13.61 -15.92 3.64
N PHE A 527 -12.40 -16.11 4.15
CA PHE A 527 -12.04 -15.73 5.51
C PHE A 527 -11.12 -14.53 5.53
N SER A 528 -11.09 -13.76 4.45
CA SER A 528 -10.14 -12.66 4.37
C SER A 528 -10.55 -11.53 5.33
N ASN A 529 -9.56 -10.69 5.63
CA ASN A 529 -9.76 -9.53 6.51
C ASN A 529 -10.36 -9.98 7.83
N ASN A 530 -9.78 -11.03 8.39
CA ASN A 530 -10.04 -11.38 9.78
C ASN A 530 -8.71 -11.37 10.53
N ARG A 531 -8.64 -12.05 11.67
CA ARG A 531 -7.40 -12.17 12.44
C ARG A 531 -7.11 -13.65 12.76
N LEU A 532 -6.99 -14.45 11.69
CA LEU A 532 -6.72 -15.87 11.81
C LEU A 532 -5.55 -16.13 12.76
N ASP A 533 -5.75 -17.05 13.69
CA ASP A 533 -4.67 -17.47 14.58
C ASP A 533 -4.40 -18.95 14.30
N LEU A 534 -3.30 -19.23 13.60
CA LEU A 534 -2.99 -20.59 13.14
C LEU A 534 -2.15 -21.37 14.15
N LEU A 535 -2.60 -21.37 15.42
CA LEU A 535 -1.97 -22.20 16.44
C LEU A 535 -2.11 -23.67 16.11
N HIS A 536 -3.26 -24.09 15.59
CA HIS A 536 -3.53 -25.52 15.33
C HIS A 536 -3.50 -25.80 13.84
N SER A 537 -2.82 -26.87 13.45
CA SER A 537 -2.84 -27.30 12.06
C SER A 537 -4.14 -27.99 11.66
N THR A 538 -5.10 -28.10 12.57
CA THR A 538 -6.41 -28.66 12.26
C THR A 538 -7.41 -27.58 11.85
N ALA A 539 -6.98 -26.32 11.80
CA ALA A 539 -7.85 -25.24 11.34
C ALA A 539 -8.46 -25.62 10.02
N PHE A 540 -9.77 -25.46 9.91
CA PHE A 540 -10.55 -25.62 8.68
C PHE A 540 -10.75 -27.07 8.25
N GLU A 541 -10.19 -28.06 8.96
CA GLU A 541 -10.26 -29.44 8.46
C GLU A 541 -11.67 -30.02 8.45
N GLU A 542 -12.61 -29.47 9.24
CA GLU A 542 -13.98 -29.98 9.21
C GLU A 542 -14.67 -29.65 7.90
N LEU A 543 -14.13 -28.74 7.08
CA LEU A 543 -14.76 -28.37 5.81
C LEU A 543 -14.23 -29.28 4.72
N ARG A 544 -14.72 -30.52 4.72
CA ARG A 544 -14.10 -31.60 3.95
C ARG A 544 -14.28 -31.44 2.47
N LYS A 545 -15.25 -30.65 2.02
CA LYS A 545 -15.42 -30.43 0.60
C LYS A 545 -14.81 -29.12 0.12
N LEU A 546 -13.99 -28.45 0.93
CA LEU A 546 -13.51 -27.11 0.59
C LEU A 546 -12.60 -27.16 -0.63
N GLU A 547 -12.97 -26.39 -1.65
CA GLU A 547 -12.14 -26.27 -2.85
C GLU A 547 -11.33 -24.99 -2.90
N VAL A 548 -11.86 -23.88 -2.35
CA VAL A 548 -11.16 -22.61 -2.31
C VAL A 548 -11.20 -22.04 -0.89
N LEU A 549 -10.03 -21.65 -0.38
CA LEU A 549 -9.91 -20.99 0.93
C LEU A 549 -9.17 -19.69 0.74
N ASP A 550 -9.78 -18.59 1.16
CA ASP A 550 -9.15 -17.28 1.13
C ASP A 550 -8.88 -16.87 2.57
N ILE A 551 -7.60 -16.84 2.94
CA ILE A 551 -7.23 -16.33 4.26
C ILE A 551 -6.27 -15.15 4.09
N SER A 552 -6.45 -14.40 3.00
CA SER A 552 -5.69 -13.17 2.76
C SER A 552 -6.03 -12.07 3.77
N SER A 553 -5.06 -11.18 3.96
CA SER A 553 -5.21 -10.03 4.85
C SER A 553 -5.67 -10.47 6.23
N ASN A 554 -5.01 -11.51 6.75
CA ASN A 554 -5.11 -11.94 8.15
C ASN A 554 -3.74 -11.77 8.82
N SER A 555 -3.10 -10.63 8.56
CA SER A 555 -1.71 -10.46 8.93
C SER A 555 -1.51 -10.28 10.42
N HIS A 556 -2.58 -9.97 11.16
CA HIS A 556 -2.49 -9.46 12.53
C HIS A 556 -1.53 -10.28 13.40
N TYR A 557 -1.79 -11.58 13.54
CA TYR A 557 -0.94 -12.40 14.40
C TYR A 557 0.38 -12.78 13.73
N PHE A 558 0.55 -12.56 12.43
CA PHE A 558 1.87 -12.74 11.82
C PHE A 558 2.80 -11.55 12.09
N GLN A 559 2.27 -10.44 12.61
CA GLN A 559 3.05 -9.23 12.84
C GLN A 559 3.72 -9.17 14.22
N SER A 560 3.51 -10.16 15.08
CA SER A 560 4.11 -10.17 16.41
C SER A 560 5.02 -11.38 16.52
N GLU A 561 6.24 -11.15 17.01
CA GLU A 561 7.25 -12.20 17.13
C GLU A 561 6.86 -13.23 18.18
N GLY A 562 7.32 -14.46 17.97
CA GLY A 562 7.22 -15.49 18.99
C GLY A 562 5.92 -16.25 19.02
N ILE A 563 5.07 -16.09 18.02
CA ILE A 563 3.74 -16.68 18.00
C ILE A 563 3.79 -17.93 17.15
N THR A 564 3.09 -18.98 17.56
CA THR A 564 3.04 -20.20 16.76
C THR A 564 2.16 -20.02 15.53
N HIS A 565 2.68 -20.45 14.38
CA HIS A 565 1.92 -20.43 13.12
C HIS A 565 2.10 -21.75 12.40
N MET A 566 1.00 -22.47 12.18
CA MET A 566 1.02 -23.78 11.52
C MET A 566 0.62 -23.63 10.07
N LEU A 567 1.59 -23.34 9.21
CA LEU A 567 1.27 -23.24 7.79
C LEU A 567 1.00 -24.59 7.16
N ASN A 568 1.27 -25.69 7.84
CA ASN A 568 0.98 -27.01 7.28
C ASN A 568 -0.47 -27.45 7.49
N PHE A 569 -1.36 -26.55 7.92
CA PHE A 569 -2.77 -26.90 8.04
C PHE A 569 -3.36 -27.42 6.73
N THR A 570 -2.69 -27.18 5.59
CA THR A 570 -3.23 -27.58 4.30
C THR A 570 -3.36 -29.09 4.14
N LYS A 571 -2.58 -29.87 4.88
CA LYS A 571 -2.54 -31.32 4.66
C LYS A 571 -3.92 -31.95 4.80
N ASN A 572 -4.75 -31.42 5.71
CA ASN A 572 -6.05 -32.01 6.02
C ASN A 572 -7.14 -31.73 4.97
N LEU A 573 -6.96 -30.77 4.08
CA LEU A 573 -8.02 -30.39 3.13
C LEU A 573 -7.83 -31.17 1.85
N LYS A 574 -8.60 -32.26 1.72
CA LYS A 574 -8.22 -33.24 0.72
C LYS A 574 -8.74 -32.92 -0.67
N VAL A 575 -9.57 -31.89 -0.84
CA VAL A 575 -9.90 -31.46 -2.19
C VAL A 575 -9.62 -29.97 -2.41
N LEU A 576 -8.74 -29.39 -1.60
CA LEU A 576 -8.44 -27.97 -1.73
C LEU A 576 -7.73 -27.71 -3.05
N GLN A 577 -8.28 -26.82 -3.88
CA GLN A 577 -7.68 -26.50 -5.17
C GLN A 577 -6.88 -25.21 -5.12
N LYS A 578 -7.40 -24.22 -4.39
CA LYS A 578 -6.88 -22.88 -4.47
C LYS A 578 -6.82 -22.31 -3.07
N LEU A 579 -5.67 -21.77 -2.72
CA LEU A 579 -5.44 -21.18 -1.41
C LEU A 579 -4.89 -19.78 -1.62
N MET A 580 -5.55 -18.79 -1.05
CA MET A 580 -5.09 -17.42 -1.13
C MET A 580 -4.64 -16.98 0.26
N MET A 581 -3.36 -16.63 0.40
CA MET A 581 -2.89 -16.08 1.67
C MET A 581 -2.05 -14.84 1.42
N ASN A 582 -2.60 -13.95 0.59
CA ASN A 582 -1.92 -12.71 0.27
C ASN A 582 -1.94 -11.75 1.46
N ASP A 583 -0.92 -10.88 1.54
CA ASP A 583 -0.91 -9.75 2.47
C ASP A 583 -1.04 -10.18 3.92
N ASN A 584 -0.44 -11.31 4.26
CA ASN A 584 -0.45 -11.76 5.63
C ASN A 584 0.84 -11.41 6.33
N ASP A 585 1.77 -10.76 5.62
CA ASP A 585 3.00 -10.30 6.25
C ASP A 585 3.79 -11.45 6.86
N ILE A 586 3.71 -12.63 6.26
CA ILE A 586 4.28 -13.83 6.88
C ILE A 586 5.80 -13.75 6.79
N SER A 587 6.46 -13.73 7.95
CA SER A 587 7.91 -13.72 7.99
C SER A 587 8.47 -14.85 8.85
N SER A 588 7.61 -15.69 9.42
CA SER A 588 8.04 -16.76 10.30
C SER A 588 6.97 -17.85 10.24
N SER A 589 7.39 -19.09 10.47
CA SER A 589 6.47 -20.23 10.37
C SER A 589 6.97 -21.34 11.25
N THR A 590 6.07 -21.98 11.97
CA THR A 590 6.48 -23.09 12.80
C THR A 590 6.71 -24.33 11.95
N SER A 591 5.90 -24.52 10.91
CA SER A 591 6.10 -25.65 10.02
C SER A 591 7.10 -25.28 8.93
N ARG A 592 7.95 -26.24 8.55
CA ARG A 592 8.93 -25.97 7.52
C ARG A 592 8.38 -26.25 6.14
N THR A 593 7.27 -27.00 6.06
CA THR A 593 6.75 -27.40 4.77
C THR A 593 5.23 -27.30 4.76
N MET A 594 4.70 -26.78 3.68
CA MET A 594 3.28 -26.90 3.42
C MET A 594 3.07 -28.16 2.59
N GLU A 595 1.95 -28.82 2.83
CA GLU A 595 1.70 -30.09 2.16
C GLU A 595 0.27 -30.16 1.64
N SER A 596 0.12 -30.75 0.47
CA SER A 596 -1.18 -30.99 -0.13
C SER A 596 -1.00 -31.96 -1.28
N GLU A 597 -1.98 -32.83 -1.49
CA GLU A 597 -2.09 -33.64 -2.69
C GLU A 597 -3.07 -33.07 -3.70
N SER A 598 -3.76 -31.98 -3.36
CA SER A 598 -4.76 -31.42 -4.25
C SER A 598 -4.47 -30.00 -4.73
N LEU A 599 -3.74 -29.20 -3.95
CA LEU A 599 -3.62 -27.77 -4.24
C LEU A 599 -3.03 -27.50 -5.63
N ARG A 600 -3.78 -26.75 -6.46
CA ARG A 600 -3.30 -26.28 -7.74
C ARG A 600 -2.74 -24.87 -7.71
N THR A 601 -3.34 -23.98 -6.94
CA THR A 601 -3.04 -22.55 -7.00
C THR A 601 -2.75 -22.07 -5.60
N LEU A 602 -1.60 -21.44 -5.39
CA LEU A 602 -1.27 -20.81 -4.11
C LEU A 602 -0.91 -19.35 -4.39
N GLU A 603 -1.69 -18.43 -3.83
CA GLU A 603 -1.36 -17.00 -3.82
C GLU A 603 -0.72 -16.65 -2.48
N PHE A 604 0.51 -16.17 -2.54
CA PHE A 604 1.36 -15.91 -1.38
C PHE A 604 1.99 -14.53 -1.50
N ARG A 605 1.28 -13.64 -2.16
CA ARG A 605 1.74 -12.31 -2.45
C ARG A 605 1.69 -11.43 -1.19
N GLY A 606 2.62 -10.49 -1.08
CA GLY A 606 2.57 -9.56 0.04
C GLY A 606 2.95 -10.19 1.37
N ASN A 607 3.98 -11.02 1.39
CA ASN A 607 4.46 -11.66 2.61
C ASN A 607 5.95 -11.38 2.72
N HIS A 608 6.69 -12.10 3.56
CA HIS A 608 8.10 -11.79 3.74
C HIS A 608 8.94 -13.04 3.56
N LEU A 609 8.76 -13.68 2.41
CA LEU A 609 9.68 -14.75 2.04
C LEU A 609 11.13 -14.29 2.06
N ASP A 610 11.37 -12.99 1.91
CA ASP A 610 12.76 -12.51 2.00
C ASP A 610 13.36 -12.82 3.36
N VAL A 611 12.58 -12.69 4.45
CA VAL A 611 13.19 -13.00 5.75
C VAL A 611 13.09 -14.48 6.07
N LEU A 612 12.00 -15.16 5.68
CA LEU A 612 11.95 -16.64 5.77
C LEU A 612 13.14 -17.29 5.08
N TRP A 613 13.54 -16.75 3.93
CA TRP A 613 14.63 -17.25 3.11
C TRP A 613 15.91 -16.45 3.28
N ARG A 614 16.07 -15.78 4.43
CA ARG A 614 17.31 -15.09 4.75
C ARG A 614 18.52 -15.92 4.37
N ASP A 615 19.47 -15.29 3.67
CA ASP A 615 20.63 -16.00 3.16
C ASP A 615 21.42 -16.65 4.29
N GLY A 616 21.65 -17.96 4.20
CA GLY A 616 22.26 -18.70 5.27
C GLY A 616 21.28 -19.49 6.11
N ASP A 617 19.98 -19.30 5.91
CA ASP A 617 18.94 -20.07 6.58
C ASP A 617 18.25 -20.92 5.53
N ASN A 618 18.52 -22.23 5.56
CA ASN A 618 18.03 -23.21 4.61
C ASN A 618 16.70 -23.83 5.02
N ARG A 619 16.19 -23.52 6.20
CA ARG A 619 15.11 -24.32 6.77
C ARG A 619 13.82 -24.24 5.95
N TYR A 620 13.54 -23.10 5.31
CA TYR A 620 12.27 -22.93 4.62
C TYR A 620 12.40 -23.04 3.10
N LEU A 621 13.53 -23.50 2.59
CA LEU A 621 13.71 -23.53 1.13
C LEU A 621 12.85 -24.59 0.44
N GLN A 622 12.16 -25.45 1.18
CA GLN A 622 11.22 -26.42 0.62
C GLN A 622 9.81 -26.20 1.14
N LEU A 623 9.51 -24.95 1.53
CA LEU A 623 8.20 -24.63 2.08
C LEU A 623 7.08 -25.08 1.15
N PHE A 624 7.27 -24.96 -0.16
CA PHE A 624 6.25 -25.31 -1.14
C PHE A 624 6.48 -26.64 -1.87
N LYS A 625 7.59 -27.34 -1.59
CA LYS A 625 7.98 -28.51 -2.39
C LYS A 625 6.92 -29.61 -2.38
N ASN A 626 6.25 -29.82 -1.25
CA ASN A 626 5.33 -30.95 -1.11
C ASN A 626 3.89 -30.57 -1.42
N LEU A 627 3.68 -29.42 -2.06
CA LEU A 627 2.40 -29.13 -2.71
C LEU A 627 2.52 -29.72 -4.12
N LEU A 628 2.29 -31.04 -4.19
CA LEU A 628 2.80 -31.80 -5.34
C LEU A 628 2.03 -31.53 -6.61
N LYS A 629 0.77 -31.11 -6.52
CA LYS A 629 0.05 -30.76 -7.72
C LYS A 629 0.02 -29.26 -7.97
N LEU A 630 0.79 -28.48 -7.23
CA LEU A 630 0.78 -27.05 -7.42
C LEU A 630 1.20 -26.69 -8.85
N GLU A 631 0.35 -25.92 -9.51
CA GLU A 631 0.63 -25.44 -10.85
C GLU A 631 0.89 -23.96 -10.91
N GLU A 632 0.24 -23.17 -10.06
CA GLU A 632 0.38 -21.73 -10.06
C GLU A 632 0.83 -21.26 -8.69
N LEU A 633 1.91 -20.46 -8.66
CA LEU A 633 2.45 -19.90 -7.43
C LEU A 633 2.71 -18.42 -7.65
N ASP A 634 2.08 -17.57 -6.82
CA ASP A 634 2.28 -16.13 -6.85
C ASP A 634 3.05 -15.73 -5.59
N ILE A 635 4.32 -15.38 -5.77
CA ILE A 635 5.14 -14.88 -4.66
C ILE A 635 5.72 -13.53 -5.08
N SER A 636 4.91 -12.73 -5.75
CA SER A 636 5.20 -11.33 -5.94
C SER A 636 5.10 -10.59 -4.61
N LYS A 637 5.66 -9.37 -4.57
CA LYS A 637 5.56 -8.47 -3.41
C LYS A 637 6.01 -9.18 -2.13
N ASN A 638 7.16 -9.84 -2.20
CA ASN A 638 7.73 -10.51 -1.04
C ASN A 638 9.11 -9.95 -0.68
N SER A 639 9.43 -8.75 -1.18
CA SER A 639 10.72 -8.08 -0.93
C SER A 639 11.91 -8.96 -1.31
N LEU A 640 11.77 -9.81 -2.33
CA LEU A 640 12.87 -10.68 -2.73
C LEU A 640 13.81 -9.93 -3.67
N SER A 641 14.74 -9.14 -3.09
CA SER A 641 15.70 -8.47 -3.96
C SER A 641 16.68 -9.46 -4.57
N PHE A 642 16.80 -10.66 -4.01
CA PHE A 642 17.54 -11.75 -4.63
C PHE A 642 16.86 -13.04 -4.22
N LEU A 643 17.13 -14.11 -4.99
CA LEU A 643 16.66 -15.45 -4.63
C LEU A 643 17.83 -16.26 -4.12
N PRO A 644 17.80 -16.73 -2.87
CA PRO A 644 18.86 -17.61 -2.39
C PRO A 644 18.87 -18.87 -3.25
N SER A 645 20.06 -19.46 -3.42
CA SER A 645 20.08 -20.73 -4.13
C SER A 645 19.31 -21.78 -3.34
N GLY A 646 18.67 -22.68 -4.05
CA GLY A 646 17.79 -23.66 -3.43
C GLY A 646 16.31 -23.34 -3.55
N VAL A 647 15.95 -22.11 -3.89
CA VAL A 647 14.56 -21.75 -4.11
C VAL A 647 13.97 -22.53 -5.29
N PHE A 648 14.70 -22.58 -6.40
CA PHE A 648 14.16 -23.26 -7.59
C PHE A 648 14.17 -24.78 -7.41
N ASP A 649 15.26 -25.33 -6.85
CA ASP A 649 15.27 -26.75 -6.50
C ASP A 649 14.12 -27.13 -5.58
N GLY A 650 13.71 -26.21 -4.70
CA GLY A 650 12.62 -26.44 -3.76
C GLY A 650 11.22 -26.33 -4.31
N MET A 651 11.05 -25.85 -5.54
CA MET A 651 9.69 -25.68 -6.05
C MET A 651 9.08 -27.04 -6.34
N PRO A 652 7.76 -27.18 -6.23
CA PRO A 652 7.13 -28.47 -6.52
C PRO A 652 7.20 -28.77 -8.01
N PRO A 653 7.12 -30.05 -8.40
CA PRO A 653 7.58 -30.43 -9.75
C PRO A 653 6.70 -29.97 -10.87
N ASN A 654 5.41 -29.71 -10.64
CA ASN A 654 4.53 -29.38 -11.75
C ASN A 654 4.25 -27.89 -11.83
N LEU A 655 5.11 -27.06 -11.24
CA LEU A 655 4.89 -25.63 -11.27
C LEU A 655 4.92 -25.16 -12.74
N LYS A 656 3.83 -24.51 -13.15
CA LYS A 656 3.63 -23.97 -14.49
C LYS A 656 3.75 -22.46 -14.53
N ASN A 657 3.15 -21.79 -13.56
CA ASN A 657 2.95 -20.35 -13.56
C ASN A 657 3.57 -19.74 -12.31
N LEU A 658 4.70 -19.04 -12.47
CA LEU A 658 5.42 -18.44 -11.35
C LEU A 658 5.43 -16.92 -11.53
N SER A 659 4.98 -16.20 -10.52
CA SER A 659 5.14 -14.77 -10.48
C SER A 659 6.16 -14.37 -9.44
N LEU A 660 7.14 -13.59 -9.86
CA LEU A 660 8.10 -12.96 -8.94
C LEU A 660 8.03 -11.44 -9.08
N ALA A 661 6.88 -10.94 -9.48
CA ALA A 661 6.76 -9.53 -9.79
C ALA A 661 6.92 -8.66 -8.53
N LYS A 662 7.30 -7.41 -8.74
CA LYS A 662 7.25 -6.41 -7.68
C LYS A 662 8.03 -6.85 -6.45
N ASN A 663 9.26 -7.33 -6.66
CA ASN A 663 10.07 -7.82 -5.57
C ASN A 663 11.32 -7.00 -5.35
N GLY A 664 11.58 -6.00 -6.19
CA GLY A 664 12.88 -5.34 -6.16
C GLY A 664 14.02 -6.23 -6.58
N LEU A 665 13.74 -7.26 -7.39
CA LEU A 665 14.79 -8.17 -7.85
C LEU A 665 15.88 -7.43 -8.63
N LYS A 666 17.09 -7.49 -8.10
CA LYS A 666 18.24 -6.88 -8.77
C LYS A 666 19.08 -7.87 -9.52
N SER A 667 18.88 -9.16 -9.29
CA SER A 667 19.64 -10.13 -10.05
C SER A 667 18.83 -11.41 -10.13
N PHE A 668 19.20 -12.21 -11.10
CA PHE A 668 18.43 -13.41 -11.42
C PHE A 668 19.37 -14.34 -12.17
N ILE A 669 19.63 -15.51 -11.59
CA ILE A 669 20.40 -16.56 -12.24
C ILE A 669 19.45 -17.33 -13.15
N TRP A 670 19.43 -16.98 -14.44
CA TRP A 670 18.48 -17.57 -15.38
C TRP A 670 18.65 -19.08 -15.52
N GLU A 671 19.87 -19.59 -15.37
CA GLU A 671 20.09 -21.02 -15.50
C GLU A 671 19.27 -21.84 -14.50
N LYS A 672 18.95 -21.26 -13.34
CA LYS A 672 18.20 -22.00 -12.34
C LYS A 672 16.80 -22.37 -12.81
N LEU A 673 16.30 -21.74 -13.87
CA LEU A 673 15.02 -22.15 -14.45
C LEU A 673 15.06 -23.60 -14.93
N ARG A 674 16.25 -24.17 -15.11
CA ARG A 674 16.35 -25.58 -15.51
C ARG A 674 15.67 -26.50 -14.51
N TYR A 675 15.60 -26.11 -13.23
CA TYR A 675 14.90 -26.92 -12.24
C TYR A 675 13.40 -26.94 -12.46
N LEU A 676 12.84 -25.93 -13.13
CA LEU A 676 11.40 -25.78 -13.24
C LEU A 676 10.96 -26.39 -14.57
N LYS A 677 10.86 -27.71 -14.58
CA LYS A 677 10.78 -28.41 -15.86
C LYS A 677 9.41 -28.33 -16.51
N ASN A 678 8.40 -27.84 -15.81
CA ASN A 678 7.10 -27.60 -16.41
C ASN A 678 6.75 -26.13 -16.44
N LEU A 679 7.74 -25.25 -16.22
CA LEU A 679 7.47 -23.81 -16.18
C LEU A 679 7.00 -23.33 -17.54
N GLU A 680 5.86 -22.69 -17.56
CA GLU A 680 5.30 -22.14 -18.79
C GLU A 680 5.21 -20.62 -18.76
N THR A 681 4.80 -20.04 -17.63
CA THR A 681 4.69 -18.60 -17.46
C THR A 681 5.63 -18.12 -16.35
N LEU A 682 6.42 -17.11 -16.67
CA LEU A 682 7.35 -16.52 -15.71
C LEU A 682 7.10 -15.02 -15.73
N ASP A 683 6.62 -14.48 -14.61
CA ASP A 683 6.29 -13.07 -14.51
C ASP A 683 7.34 -12.40 -13.61
N LEU A 684 8.28 -11.70 -14.24
CA LEU A 684 9.27 -10.91 -13.53
C LEU A 684 9.01 -9.41 -13.62
N SER A 685 7.78 -9.00 -13.91
CA SER A 685 7.50 -7.58 -14.10
C SER A 685 7.77 -6.77 -12.83
N HIS A 686 8.13 -5.50 -13.02
CA HIS A 686 8.27 -4.51 -11.95
C HIS A 686 9.36 -4.94 -10.97
N ASN A 687 10.58 -5.03 -11.48
CA ASN A 687 11.75 -5.37 -10.67
C ASN A 687 12.89 -4.46 -11.14
N GLN A 688 14.12 -4.84 -10.84
CA GLN A 688 15.30 -4.05 -11.19
C GLN A 688 16.26 -4.83 -12.05
N LEU A 689 15.77 -5.78 -12.85
CA LEU A 689 16.66 -6.60 -13.66
C LEU A 689 17.33 -5.77 -14.75
N THR A 690 18.61 -6.04 -14.99
CA THR A 690 19.35 -5.34 -16.01
C THR A 690 19.74 -6.21 -17.21
N THR A 691 19.64 -7.53 -17.12
CA THR A 691 20.06 -8.37 -18.23
C THR A 691 19.04 -9.47 -18.47
N VAL A 692 19.05 -9.98 -19.69
CA VAL A 692 18.31 -11.18 -20.06
C VAL A 692 19.33 -12.31 -20.16
N PRO A 693 18.94 -13.58 -20.16
CA PRO A 693 19.93 -14.65 -20.30
C PRO A 693 20.56 -14.64 -21.70
N GLU A 694 21.79 -15.18 -21.76
CA GLU A 694 22.52 -15.25 -23.03
C GLU A 694 21.75 -16.06 -24.06
N ARG A 695 21.16 -17.19 -23.65
CA ARG A 695 20.28 -17.97 -24.52
C ARG A 695 19.14 -18.51 -23.68
N LEU A 696 17.94 -17.95 -23.91
CA LEU A 696 16.78 -18.34 -23.12
C LEU A 696 16.47 -19.81 -23.24
N SER A 697 16.66 -20.39 -24.44
CA SER A 697 16.32 -21.80 -24.65
C SER A 697 17.21 -22.71 -23.82
N ASN A 698 18.43 -22.28 -23.50
CA ASN A 698 19.34 -23.04 -22.65
C ASN A 698 18.99 -22.95 -21.17
N CYS A 699 17.99 -22.15 -20.81
CA CYS A 699 17.53 -21.99 -19.45
C CYS A 699 16.21 -22.69 -19.19
N SER A 700 15.36 -22.76 -20.20
CA SER A 700 14.04 -23.35 -20.03
C SER A 700 13.54 -23.77 -21.41
N ARG A 701 13.32 -25.07 -21.56
CA ARG A 701 12.76 -25.66 -22.76
C ARG A 701 11.25 -25.64 -22.76
N SER A 702 10.65 -25.33 -21.62
CA SER A 702 9.21 -25.34 -21.51
C SER A 702 8.62 -23.94 -21.60
N LEU A 703 9.42 -22.91 -21.32
CA LEU A 703 8.90 -21.56 -21.10
C LEU A 703 8.20 -21.02 -22.34
N LYS A 704 6.93 -20.67 -22.18
CA LYS A 704 6.08 -20.09 -23.24
C LYS A 704 5.82 -18.60 -23.09
N ASN A 705 5.69 -18.09 -21.87
CA ASN A 705 5.25 -16.71 -21.60
C ASN A 705 6.26 -16.07 -20.66
N LEU A 706 6.99 -15.07 -21.14
CA LEU A 706 8.05 -14.39 -20.39
C LEU A 706 7.70 -12.90 -20.27
N ILE A 707 7.39 -12.47 -19.06
CA ILE A 707 6.99 -11.08 -18.80
C ILE A 707 8.16 -10.39 -18.11
N LEU A 708 8.75 -9.43 -18.80
CA LEU A 708 9.89 -8.71 -18.24
C LEU A 708 9.61 -7.22 -18.14
N LYS A 709 8.35 -6.82 -18.23
CA LYS A 709 8.04 -5.40 -18.27
C LYS A 709 8.42 -4.71 -16.96
N ASN A 710 8.78 -3.43 -17.07
CA ASN A 710 9.13 -2.58 -15.94
C ASN A 710 10.36 -3.11 -15.19
N ASN A 711 11.45 -3.23 -15.95
CA ASN A 711 12.76 -3.51 -15.40
C ASN A 711 13.72 -2.45 -15.91
N GLN A 712 15.01 -2.74 -15.83
CA GLN A 712 16.09 -1.82 -16.12
C GLN A 712 16.93 -2.32 -17.29
N ILE A 713 16.32 -3.11 -18.18
CA ILE A 713 17.10 -3.75 -19.22
C ILE A 713 17.51 -2.73 -20.26
N ARG A 714 18.81 -2.65 -20.53
CA ARG A 714 19.35 -1.70 -21.48
C ARG A 714 19.77 -2.34 -22.80
N SER A 715 19.98 -3.65 -22.85
CA SER A 715 20.30 -4.31 -24.09
C SER A 715 19.93 -5.79 -23.99
N LEU A 716 19.75 -6.41 -25.15
CA LEU A 716 19.50 -7.84 -25.19
C LEU A 716 20.82 -8.55 -25.46
N THR A 717 20.95 -9.77 -24.96
CA THR A 717 22.13 -10.56 -25.30
C THR A 717 22.12 -10.90 -26.79
N LYS A 718 23.31 -11.21 -27.31
CA LYS A 718 23.48 -11.40 -28.75
C LYS A 718 22.56 -12.47 -29.33
N TYR A 719 22.38 -13.61 -28.63
CA TYR A 719 21.57 -14.73 -29.15
C TYR A 719 20.38 -15.05 -28.24
N PHE A 720 19.89 -14.05 -27.53
CA PHE A 720 18.80 -14.14 -26.56
C PHE A 720 17.73 -15.18 -26.89
N LEU A 721 17.02 -15.03 -28.00
CA LEU A 721 15.90 -15.92 -28.31
C LEU A 721 16.27 -17.07 -29.22
N GLN A 722 17.55 -17.29 -29.49
CA GLN A 722 17.95 -18.31 -30.44
C GLN A 722 17.40 -19.70 -30.05
N ASP A 723 16.55 -20.25 -30.93
CA ASP A 723 16.00 -21.61 -30.81
C ASP A 723 15.03 -21.78 -29.65
N ALA A 724 14.42 -20.68 -29.16
CA ALA A 724 13.41 -20.78 -28.12
C ALA A 724 12.07 -21.12 -28.77
N PHE A 725 12.01 -22.34 -29.30
CA PHE A 725 10.86 -22.74 -30.10
C PHE A 725 9.56 -22.77 -29.29
N GLN A 726 9.64 -22.82 -27.96
CA GLN A 726 8.43 -22.86 -27.16
C GLN A 726 7.85 -21.48 -26.88
N LEU A 727 8.65 -20.41 -27.04
CA LEU A 727 8.21 -19.07 -26.69
C LEU A 727 7.01 -18.65 -27.51
N ARG A 728 5.98 -18.15 -26.84
CA ARG A 728 4.81 -17.63 -27.50
C ARG A 728 4.46 -16.20 -27.12
N TYR A 729 5.03 -15.67 -26.05
CA TYR A 729 4.63 -14.36 -25.54
C TYR A 729 5.81 -13.76 -24.80
N LEU A 730 6.24 -12.58 -25.25
CA LEU A 730 7.39 -11.88 -24.69
C LEU A 730 7.04 -10.42 -24.51
N ASP A 731 7.17 -9.95 -23.29
CA ASP A 731 6.90 -8.56 -22.95
C ASP A 731 8.20 -7.94 -22.47
N LEU A 732 8.73 -7.03 -23.27
CA LEU A 732 9.91 -6.27 -22.89
C LEU A 732 9.60 -4.79 -22.75
N SER A 733 8.32 -4.43 -22.62
CA SER A 733 7.94 -3.02 -22.54
C SER A 733 8.44 -2.38 -21.25
N SER A 734 8.50 -1.05 -21.27
CA SER A 734 8.92 -0.23 -20.13
C SER A 734 10.26 -0.72 -19.58
N ASN A 735 11.24 -0.79 -20.47
CA ASN A 735 12.62 -1.01 -20.06
C ASN A 735 13.47 0.11 -20.62
N LYS A 736 14.76 -0.11 -20.83
CA LYS A 736 15.60 0.97 -21.32
C LYS A 736 16.41 0.51 -22.51
N ILE A 737 15.77 -0.25 -23.39
CA ILE A 737 16.46 -0.87 -24.51
C ILE A 737 16.72 0.18 -25.59
N GLN A 738 17.95 0.22 -26.09
CA GLN A 738 18.27 1.11 -27.19
C GLN A 738 18.26 0.42 -28.54
N MET A 739 18.80 -0.77 -28.59
CA MET A 739 19.12 -1.45 -29.84
C MET A 739 18.61 -2.87 -29.75
N ILE A 740 18.11 -3.39 -30.85
CA ILE A 740 17.85 -4.83 -30.94
C ILE A 740 18.37 -5.29 -32.30
N GLN A 741 19.27 -6.26 -32.28
CA GLN A 741 19.86 -6.80 -33.49
C GLN A 741 19.23 -8.15 -33.84
N LYS A 742 19.29 -8.49 -35.14
CA LYS A 742 18.61 -9.66 -35.67
C LYS A 742 19.07 -10.96 -35.01
N THR A 743 20.34 -11.02 -34.58
CA THR A 743 20.82 -12.21 -33.89
C THR A 743 20.01 -12.51 -32.63
N SER A 744 19.60 -11.47 -31.90
CA SER A 744 18.82 -11.67 -30.69
C SER A 744 17.40 -12.14 -30.97
N PHE A 745 16.85 -11.80 -32.14
CA PHE A 745 15.44 -12.00 -32.48
C PHE A 745 15.30 -12.82 -33.76
N PRO A 746 15.74 -14.08 -33.76
CA PRO A 746 15.64 -14.87 -35.01
C PRO A 746 14.19 -15.02 -35.42
N GLU A 747 13.94 -14.99 -36.73
CA GLU A 747 12.57 -14.91 -37.19
C GLU A 747 11.82 -16.25 -37.10
N ASN A 748 12.50 -17.38 -37.06
CA ASN A 748 11.75 -18.60 -36.80
C ASN A 748 11.14 -18.58 -35.39
N VAL A 749 11.72 -17.83 -34.45
CA VAL A 749 11.09 -17.70 -33.14
C VAL A 749 10.04 -16.61 -33.16
N LEU A 750 10.35 -15.45 -33.74
CA LEU A 750 9.40 -14.33 -33.70
C LEU A 750 8.07 -14.71 -34.33
N ASN A 751 8.10 -15.54 -35.37
CA ASN A 751 6.90 -15.84 -36.14
C ASN A 751 5.93 -16.79 -35.44
N ASN A 752 6.35 -17.46 -34.36
CA ASN A 752 5.40 -18.19 -33.52
C ASN A 752 4.86 -17.34 -32.37
N LEU A 753 5.30 -16.09 -32.21
CA LEU A 753 4.85 -15.33 -31.06
C LEU A 753 3.41 -14.88 -31.25
N LYS A 754 2.55 -15.14 -30.25
CA LYS A 754 1.21 -14.55 -30.27
C LYS A 754 1.29 -13.04 -30.10
N MET A 755 2.24 -12.57 -29.30
CA MET A 755 2.36 -11.16 -29.00
C MET A 755 3.78 -10.88 -28.57
N LEU A 756 4.27 -9.69 -28.92
CA LEU A 756 5.59 -9.20 -28.55
C LEU A 756 5.44 -7.74 -28.18
N LEU A 757 5.72 -7.40 -26.92
CA LEU A 757 5.52 -6.05 -26.40
C LEU A 757 6.87 -5.33 -26.27
N LEU A 758 6.97 -4.16 -26.90
CA LEU A 758 8.24 -3.47 -27.04
C LEU A 758 8.15 -2.01 -26.67
N HIS A 759 6.99 -1.53 -26.26
CA HIS A 759 6.74 -0.11 -26.13
C HIS A 759 7.37 0.45 -24.87
N HIS A 760 7.53 1.77 -24.87
CA HIS A 760 8.12 2.52 -23.76
C HIS A 760 9.54 2.03 -23.43
N ASN A 761 10.40 2.02 -24.45
CA ASN A 761 11.82 1.76 -24.29
C ASN A 761 12.60 3.04 -24.64
N ARG A 762 13.86 2.90 -25.04
CA ARG A 762 14.69 4.08 -25.36
C ARG A 762 15.42 3.87 -26.69
N PHE A 763 14.64 3.59 -27.74
CA PHE A 763 15.19 3.17 -29.01
C PHE A 763 16.00 4.29 -29.68
N LEU A 764 17.16 3.93 -30.19
CA LEU A 764 18.04 4.86 -30.88
C LEU A 764 17.90 4.63 -32.38
N CYS A 765 17.46 5.65 -33.09
CA CYS A 765 17.11 5.43 -34.50
C CYS A 765 18.22 5.95 -35.41
N THR A 766 19.38 5.32 -35.26
CA THR A 766 20.55 5.54 -36.09
C THR A 766 20.58 4.47 -37.18
N CYS A 767 21.62 4.51 -38.01
CA CYS A 767 21.72 3.50 -39.06
C CYS A 767 22.08 2.13 -38.51
N ASP A 768 22.53 2.04 -37.25
CA ASP A 768 22.69 0.74 -36.62
C ASP A 768 21.35 0.07 -36.36
N ALA A 769 20.26 0.83 -36.25
CA ALA A 769 18.93 0.29 -35.97
C ALA A 769 18.20 -0.13 -37.23
N VAL A 770 18.89 -0.21 -38.36
CA VAL A 770 18.22 -0.32 -39.64
C VAL A 770 17.45 -1.65 -39.75
N TRP A 771 17.98 -2.75 -39.20
CA TRP A 771 17.23 -4.01 -39.27
C TRP A 771 15.98 -3.93 -38.41
N PHE A 772 16.12 -3.48 -37.16
CA PHE A 772 14.99 -3.42 -36.25
C PHE A 772 13.87 -2.55 -36.82
N VAL A 773 14.21 -1.37 -37.32
CA VAL A 773 13.19 -0.47 -37.88
C VAL A 773 12.48 -1.15 -39.04
N TRP A 774 13.25 -1.75 -39.96
CA TRP A 774 12.62 -2.46 -41.09
C TRP A 774 11.73 -3.59 -40.58
N TRP A 775 12.23 -4.36 -39.61
CA TRP A 775 11.48 -5.52 -39.12
C TRP A 775 10.17 -5.09 -38.49
N VAL A 776 10.22 -4.08 -37.62
CA VAL A 776 9.02 -3.62 -36.93
C VAL A 776 7.97 -3.16 -37.91
N GLN A 777 8.39 -2.49 -38.99
CA GLN A 777 7.45 -1.93 -39.95
C GLN A 777 6.76 -2.99 -40.77
N HIS A 778 7.43 -4.12 -41.03
CA HIS A 778 6.94 -5.11 -41.99
C HIS A 778 6.47 -6.43 -41.38
N THR A 779 6.47 -6.56 -40.05
CA THR A 779 6.12 -7.83 -39.41
C THR A 779 4.62 -7.99 -39.21
N GLU A 780 4.19 -9.25 -39.21
CA GLU A 780 2.82 -9.62 -38.86
C GLU A 780 2.66 -9.90 -37.37
N VAL A 781 3.75 -10.07 -36.63
CA VAL A 781 3.69 -10.29 -35.20
C VAL A 781 2.93 -9.14 -34.57
N THR A 782 1.99 -9.47 -33.69
CA THR A 782 1.26 -8.43 -32.97
C THR A 782 2.22 -7.73 -32.01
N ILE A 783 2.35 -6.42 -32.18
CA ILE A 783 3.09 -5.56 -31.28
C ILE A 783 2.11 -4.45 -30.91
N PRO A 784 1.69 -4.34 -29.66
CA PRO A 784 0.75 -3.26 -29.32
C PRO A 784 1.44 -1.92 -29.22
N TYR A 785 0.68 -0.86 -29.54
CA TYR A 785 1.02 0.54 -29.33
C TYR A 785 2.06 1.11 -30.29
N LEU A 786 2.24 0.57 -31.50
CA LEU A 786 3.14 1.24 -32.47
C LEU A 786 2.77 2.70 -32.70
N ALA A 787 1.48 3.04 -32.66
CA ALA A 787 1.04 4.41 -32.87
C ALA A 787 1.36 5.29 -31.67
N THR A 788 1.34 4.71 -30.48
CA THR A 788 1.41 5.48 -29.25
C THR A 788 2.83 5.61 -28.71
N ASP A 789 3.56 4.48 -28.60
CA ASP A 789 4.63 4.41 -27.61
C ASP A 789 5.76 3.46 -28.04
N VAL A 790 6.01 3.33 -29.33
CA VAL A 790 7.23 2.67 -29.82
C VAL A 790 7.99 3.75 -30.60
N THR A 791 8.80 4.53 -29.87
CA THR A 791 9.31 5.78 -30.43
C THR A 791 10.81 5.86 -30.26
N CYS A 792 11.43 6.65 -31.16
CA CYS A 792 12.84 7.01 -31.04
C CYS A 792 13.03 8.09 -29.98
N VAL A 793 14.06 7.94 -29.14
CA VAL A 793 14.49 9.01 -28.26
C VAL A 793 15.66 9.79 -28.84
N GLY A 794 16.28 9.29 -29.91
CA GLY A 794 17.34 9.98 -30.60
C GLY A 794 17.64 9.27 -31.91
N PRO A 795 18.58 9.80 -32.71
CA PRO A 795 19.35 11.04 -32.52
C PRO A 795 18.57 12.31 -32.90
N GLY A 796 18.82 13.39 -32.18
CA GLY A 796 18.27 14.72 -32.42
C GLY A 796 17.17 14.86 -33.45
N ALA A 797 17.50 14.61 -34.72
CA ALA A 797 16.51 14.71 -35.80
C ALA A 797 15.24 13.92 -35.46
N HIS A 798 15.39 12.62 -35.21
CA HIS A 798 14.25 11.72 -35.11
C HIS A 798 13.66 11.62 -33.69
N LYS A 799 14.11 12.46 -32.75
CA LYS A 799 13.60 12.38 -31.38
C LYS A 799 12.08 12.56 -31.34
N GLY A 800 11.43 11.77 -30.48
CA GLY A 800 9.99 11.78 -30.34
C GLY A 800 9.24 11.13 -31.48
N GLN A 801 9.93 10.73 -32.54
CA GLN A 801 9.27 10.18 -33.72
C GLN A 801 8.96 8.70 -33.52
N SER A 802 7.86 8.25 -34.13
CA SER A 802 7.49 6.85 -34.08
C SER A 802 8.37 6.05 -35.04
N VAL A 803 8.76 4.86 -34.59
CA VAL A 803 9.63 3.98 -35.39
C VAL A 803 8.89 3.50 -36.63
N ILE A 804 7.56 3.34 -36.54
CA ILE A 804 6.78 2.81 -37.66
C ILE A 804 6.80 3.77 -38.85
N SER A 805 6.93 5.07 -38.59
CA SER A 805 6.92 6.10 -39.62
C SER A 805 8.32 6.47 -40.12
N LEU A 806 9.35 5.75 -39.69
CA LEU A 806 10.73 6.17 -39.91
C LEU A 806 11.20 5.82 -41.32
N ASP A 807 11.68 6.81 -42.06
CA ASP A 807 12.33 6.58 -43.35
C ASP A 807 13.84 6.70 -43.13
N LEU A 808 14.55 5.58 -43.22
CA LEU A 808 16.00 5.54 -43.03
C LEU A 808 16.74 5.34 -44.35
N TYR A 809 16.21 5.97 -45.41
CA TYR A 809 16.79 5.80 -46.74
C TYR A 809 18.22 6.33 -46.82
N THR A 810 18.54 7.38 -46.06
CA THR A 810 19.91 7.90 -46.07
C THR A 810 20.94 6.86 -45.63
N CYS A 811 20.50 5.80 -44.94
CA CYS A 811 21.39 4.72 -44.54
C CYS A 811 21.71 3.78 -45.69
N GLU A 812 20.97 3.84 -46.80
CA GLU A 812 21.26 3.03 -47.98
C GLU A 812 21.66 3.87 -49.19
N LEU A 813 22.12 5.11 -48.97
CA LEU A 813 22.45 6.00 -50.10
C LEU A 813 23.83 5.67 -50.65
N ALA B 5 32.18 32.49 -5.17
CA ALA B 5 32.49 32.46 -3.75
C ALA B 5 33.77 31.64 -3.53
N ARG B 6 33.68 30.30 -3.59
CA ARG B 6 34.85 29.46 -3.41
C ARG B 6 35.90 29.74 -4.47
N TRP B 7 37.17 29.69 -4.08
CA TRP B 7 38.23 29.80 -5.08
C TRP B 7 38.55 28.45 -5.74
N PHE B 8 38.48 27.35 -5.00
CA PHE B 8 38.85 26.06 -5.56
C PHE B 8 37.73 25.06 -5.37
N PRO B 9 37.02 24.67 -6.43
CA PRO B 9 35.92 23.71 -6.26
C PRO B 9 36.47 22.41 -5.69
N LYS B 10 35.74 21.86 -4.72
CA LYS B 10 36.13 20.58 -4.15
C LYS B 10 35.62 19.47 -5.06
N THR B 11 36.55 18.69 -5.57
CA THR B 11 36.22 17.60 -6.48
C THR B 11 36.29 16.26 -5.79
N LEU B 12 36.89 16.21 -4.62
CA LEU B 12 36.93 15.01 -3.81
C LEU B 12 35.51 14.47 -3.62
N PRO B 13 35.27 13.20 -3.92
CA PRO B 13 33.92 12.65 -3.75
C PRO B 13 33.62 12.23 -2.31
N CYS B 14 34.04 13.03 -1.34
CA CYS B 14 33.88 12.71 0.06
C CYS B 14 33.52 13.97 0.81
N ASP B 15 32.70 13.81 1.85
CA ASP B 15 32.39 14.96 2.69
C ASP B 15 33.58 15.28 3.59
N VAL B 16 33.88 16.57 3.71
CA VAL B 16 34.99 17.04 4.52
C VAL B 16 34.44 18.05 5.50
N THR B 17 34.64 17.80 6.78
CA THR B 17 34.19 18.70 7.83
C THR B 17 35.37 18.98 8.76
N LEU B 18 35.45 20.22 9.23
CA LEU B 18 36.45 20.61 10.22
C LEU B 18 35.79 20.72 11.58
N ASP B 19 36.32 20.01 12.56
CA ASP B 19 36.05 20.34 13.95
C ASP B 19 37.40 20.79 14.48
N VAL B 20 37.53 22.09 14.73
CA VAL B 20 38.86 22.64 14.95
C VAL B 20 39.32 22.34 16.37
N SER B 21 38.39 22.41 17.32
CA SER B 21 38.58 22.02 18.72
C SER B 21 39.20 20.64 18.94
N LYS B 22 38.49 19.58 18.53
CA LYS B 22 38.92 18.20 18.78
C LYS B 22 40.37 18.09 18.38
N ASN B 23 40.58 18.05 17.06
CA ASN B 23 41.67 18.60 16.28
C ASN B 23 41.57 17.82 14.99
N HIS B 24 40.34 17.71 14.53
CA HIS B 24 39.90 16.64 13.66
C HIS B 24 39.55 17.22 12.30
N VAL B 25 40.08 16.60 11.25
CA VAL B 25 39.64 16.84 9.89
C VAL B 25 38.98 15.55 9.43
N ILE B 26 37.66 15.59 9.26
CA ILE B 26 36.85 14.40 9.04
C ILE B 26 36.59 14.27 7.55
N VAL B 27 37.04 13.16 6.96
CA VAL B 27 36.80 12.84 5.56
C VAL B 27 35.92 11.60 5.52
N ASP B 28 34.68 11.74 5.05
CA ASP B 28 33.72 10.65 5.03
C ASP B 28 33.38 10.30 3.58
N CYS B 29 33.86 9.13 3.12
CA CYS B 29 33.59 8.59 1.79
C CYS B 29 32.62 7.41 1.83
N THR B 30 31.73 7.37 2.82
CA THR B 30 30.79 6.27 2.92
C THR B 30 29.97 6.16 1.63
N ASP B 31 29.96 4.96 1.04
CA ASP B 31 29.04 4.62 -0.03
C ASP B 31 29.14 5.62 -1.19
N LYS B 32 30.34 5.72 -1.72
CA LYS B 32 30.63 6.62 -2.84
C LYS B 32 31.00 5.83 -4.10
N HIS B 33 30.73 4.53 -4.11
CA HIS B 33 30.94 3.69 -5.29
C HIS B 33 32.39 3.80 -5.78
N LEU B 34 33.33 3.79 -4.83
CA LEU B 34 34.74 3.89 -5.11
C LEU B 34 35.39 2.53 -5.37
N THR B 35 36.36 2.51 -6.28
CA THR B 35 37.24 1.37 -6.53
C THR B 35 38.71 1.63 -6.18
N GLU B 36 39.05 2.88 -5.87
CA GLU B 36 40.36 3.26 -5.37
C GLU B 36 40.14 4.25 -4.24
N ILE B 37 41.12 4.39 -3.37
CA ILE B 37 41.09 5.56 -2.48
C ILE B 37 41.26 6.80 -3.34
N PRO B 38 40.37 7.79 -3.25
CA PRO B 38 40.52 8.99 -4.08
C PRO B 38 41.80 9.75 -3.74
N GLY B 39 42.36 10.39 -4.77
CA GLY B 39 43.49 11.26 -4.56
C GLY B 39 43.07 12.57 -3.92
N GLY B 40 44.06 13.31 -3.40
CA GLY B 40 43.76 14.63 -2.91
C GLY B 40 43.07 14.68 -1.57
N ILE B 41 43.09 13.59 -0.81
CA ILE B 41 42.56 13.61 0.56
C ILE B 41 43.41 14.56 1.40
N PRO B 42 42.83 15.46 2.18
CA PRO B 42 43.64 16.43 2.91
C PRO B 42 44.70 15.75 3.76
N THR B 43 45.92 16.30 3.75
CA THR B 43 47.01 15.68 4.51
C THR B 43 46.80 15.82 6.01
N ASN B 44 46.09 16.87 6.47
CA ASN B 44 45.74 16.99 7.87
C ASN B 44 44.62 16.03 8.32
N THR B 45 44.14 15.15 7.45
CA THR B 45 42.99 14.31 7.76
C THR B 45 43.27 13.46 8.99
N THR B 46 42.39 13.57 9.98
CA THR B 46 42.53 12.73 11.16
C THR B 46 41.60 11.51 11.12
N ASN B 47 40.36 11.68 10.68
CA ASN B 47 39.38 10.59 10.60
C ASN B 47 39.01 10.34 9.15
N LEU B 48 39.35 9.14 8.66
CA LEU B 48 39.07 8.74 7.28
C LEU B 48 38.13 7.53 7.26
N THR B 49 36.94 7.72 6.68
CA THR B 49 35.94 6.66 6.59
C THR B 49 35.74 6.24 5.14
N LEU B 50 35.98 4.97 4.86
CA LEU B 50 35.83 4.42 3.51
C LEU B 50 34.81 3.27 3.46
N THR B 51 33.86 3.27 4.39
CA THR B 51 32.88 2.19 4.50
C THR B 51 32.04 2.05 3.23
N ILE B 52 31.75 0.80 2.85
CA ILE B 52 30.84 0.44 1.77
C ILE B 52 31.35 1.04 0.46
N ASN B 53 32.46 0.49 -0.02
CA ASN B 53 32.99 0.81 -1.33
C ASN B 53 33.53 -0.52 -1.86
N HIS B 54 34.24 -0.49 -2.97
CA HIS B 54 34.76 -1.72 -3.54
C HIS B 54 36.24 -1.59 -3.82
N ILE B 55 36.95 -1.02 -2.85
CA ILE B 55 38.39 -0.81 -2.93
C ILE B 55 39.08 -2.14 -2.65
N PRO B 56 39.78 -2.71 -3.64
CA PRO B 56 40.20 -4.12 -3.54
C PRO B 56 41.46 -4.35 -2.72
N ASP B 57 42.18 -3.30 -2.34
CA ASP B 57 43.37 -3.55 -1.53
C ASP B 57 43.85 -2.27 -0.85
N ILE B 58 44.67 -2.48 0.16
CA ILE B 58 45.31 -1.43 0.94
C ILE B 58 46.80 -1.62 0.83
N SER B 59 47.49 -0.51 0.71
CA SER B 59 48.92 -0.60 0.46
C SER B 59 49.68 0.56 1.11
N PRO B 60 51.03 0.56 1.02
CA PRO B 60 51.81 1.71 1.53
C PRO B 60 51.36 3.03 0.97
N ALA B 61 50.96 3.03 -0.29
CA ALA B 61 50.47 4.23 -0.95
C ALA B 61 49.17 4.72 -0.35
N SER B 62 48.27 3.81 0.04
CA SER B 62 46.94 4.14 0.54
C SER B 62 46.98 5.33 1.49
N PHE B 63 47.81 5.26 2.52
CA PHE B 63 47.77 6.25 3.59
C PHE B 63 49.08 7.02 3.73
N HIS B 64 49.97 6.93 2.72
CA HIS B 64 51.32 7.49 2.71
C HIS B 64 51.44 8.87 3.33
N ARG B 65 50.84 9.82 2.65
CA ARG B 65 50.80 11.21 3.08
C ARG B 65 50.05 11.46 4.38
N LEU B 66 49.13 10.59 4.78
CA LEU B 66 48.10 10.92 5.78
C LEU B 66 48.57 10.66 7.22
N VAL B 67 49.76 11.13 7.59
CA VAL B 67 50.43 10.59 8.79
C VAL B 67 49.85 11.10 10.08
N HIS B 68 48.77 11.87 10.03
CA HIS B 68 48.11 12.41 11.19
C HIS B 68 46.74 11.73 11.38
N LEU B 69 46.55 10.58 10.72
CA LEU B 69 45.37 9.74 10.88
C LEU B 69 45.30 9.14 12.29
N VAL B 70 44.22 9.49 12.99
CA VAL B 70 43.92 8.90 14.28
C VAL B 70 42.86 7.79 14.16
N GLU B 71 42.06 7.78 13.08
CA GLU B 71 41.06 6.74 12.90
C GLU B 71 40.89 6.40 11.42
N ILE B 72 40.95 5.11 11.11
CA ILE B 72 40.57 4.57 9.81
C ILE B 72 39.34 3.68 9.99
N ASP B 73 38.25 4.00 9.28
CA ASP B 73 37.06 3.16 9.18
C ASP B 73 37.01 2.63 7.75
N PHE B 74 37.47 1.39 7.55
CA PHE B 74 37.53 0.74 6.25
C PHE B 74 36.64 -0.51 6.23
N ARG B 75 35.39 -0.38 6.67
CA ARG B 75 34.50 -1.52 6.82
C ARG B 75 33.78 -1.86 5.51
N CYS B 76 33.52 -3.15 5.33
CA CYS B 76 32.54 -3.62 4.35
C CYS B 76 32.92 -3.22 2.93
N ASN B 77 34.20 -3.34 2.60
CA ASN B 77 34.59 -3.22 1.20
C ASN B 77 34.67 -4.58 0.54
N CYS B 78 34.45 -5.65 1.30
CA CYS B 78 34.30 -6.99 0.72
C CYS B 78 33.50 -7.88 1.68
N VAL B 79 32.22 -7.58 1.88
CA VAL B 79 31.47 -8.22 2.96
C VAL B 79 31.19 -9.67 2.61
N PRO B 80 31.11 -10.57 3.60
CA PRO B 80 30.82 -11.99 3.33
C PRO B 80 29.58 -12.20 2.47
N ILE B 81 29.63 -13.26 1.66
CA ILE B 81 28.67 -13.47 0.56
C ILE B 81 27.22 -13.35 1.04
N ARG B 82 26.87 -14.06 2.13
CA ARG B 82 25.46 -14.10 2.51
C ARG B 82 25.04 -12.88 3.30
N LEU B 83 25.96 -12.04 3.72
CA LEU B 83 25.64 -10.75 4.32
C LEU B 83 25.65 -9.60 3.31
N GLY B 84 26.21 -9.80 2.11
CA GLY B 84 26.37 -8.71 1.17
C GLY B 84 25.38 -8.74 0.02
N SER B 85 25.42 -7.66 -0.77
CA SER B 85 24.69 -7.58 -2.03
C SER B 85 24.95 -8.81 -2.90
N LYS B 86 23.86 -9.41 -3.39
CA LYS B 86 23.96 -10.44 -4.42
C LYS B 86 24.07 -9.86 -5.83
N SER B 87 23.64 -8.61 -6.06
CA SER B 87 23.77 -8.02 -7.38
C SER B 87 25.18 -7.49 -7.63
N ASN B 88 25.86 -7.03 -6.58
CA ASN B 88 27.27 -6.63 -6.65
C ASN B 88 28.02 -7.40 -5.56
N MET B 89 28.26 -8.68 -5.81
CA MET B 89 29.08 -9.49 -4.92
C MET B 89 30.52 -9.03 -4.96
N CYS B 90 31.19 -9.14 -3.84
CA CYS B 90 32.62 -8.88 -3.81
C CYS B 90 33.34 -10.07 -4.45
N PRO B 91 34.17 -9.84 -5.47
CA PRO B 91 34.80 -10.99 -6.16
C PRO B 91 35.93 -11.63 -5.35
N ARG B 92 36.67 -10.87 -4.55
CA ARG B 92 37.92 -11.41 -4.00
C ARG B 92 38.29 -10.60 -2.76
N ARG B 93 38.67 -11.29 -1.70
CA ARG B 93 38.88 -10.65 -0.39
C ARG B 93 39.86 -9.48 -0.45
N LEU B 94 39.60 -8.50 0.43
CA LEU B 94 40.50 -7.37 0.60
C LEU B 94 41.94 -7.83 0.80
N GLN B 95 42.86 -7.15 0.12
CA GLN B 95 44.29 -7.46 0.18
C GLN B 95 45.01 -6.35 0.91
N ILE B 96 45.60 -6.67 2.05
CA ILE B 96 46.38 -5.69 2.80
C ILE B 96 47.85 -6.05 2.63
N LYS B 97 48.57 -5.19 1.94
CA LYS B 97 49.97 -5.42 1.71
C LYS B 97 50.76 -5.18 2.99
N PRO B 98 51.95 -5.73 3.10
CA PRO B 98 52.80 -5.35 4.23
C PRO B 98 52.99 -3.84 4.23
N ARG B 99 53.29 -3.25 5.39
CA ARG B 99 53.65 -1.84 5.49
C ARG B 99 52.49 -0.89 5.62
N SER B 100 51.24 -1.32 5.41
CA SER B 100 50.16 -0.37 5.14
C SER B 100 49.81 0.50 6.34
N PHE B 101 50.07 0.01 7.55
CA PHE B 101 49.68 0.75 8.74
C PHE B 101 50.82 1.18 9.63
N SER B 102 52.02 0.61 9.47
CA SER B 102 53.10 0.86 10.43
C SER B 102 53.49 2.32 10.49
N GLY B 103 53.38 3.05 9.37
CA GLY B 103 53.68 4.47 9.34
C GLY B 103 52.71 5.35 10.11
N LEU B 104 51.49 4.88 10.37
CA LEU B 104 50.48 5.77 10.98
C LEU B 104 50.71 5.79 12.48
N THR B 105 51.73 6.54 12.86
CA THR B 105 52.21 6.59 14.23
C THR B 105 51.17 7.09 15.24
N TYR B 106 50.09 7.76 14.79
CA TYR B 106 49.05 8.27 15.68
C TYR B 106 47.77 7.43 15.65
N LEU B 107 47.80 6.26 14.98
CA LEU B 107 46.56 5.54 14.69
C LEU B 107 46.02 4.87 15.95
N LYS B 108 44.81 5.30 16.30
CA LYS B 108 44.08 4.94 17.50
C LYS B 108 42.90 4.02 17.30
N SER B 109 42.23 4.02 16.13
CA SER B 109 41.06 3.19 15.85
C SER B 109 41.15 2.64 14.43
N LEU B 110 40.95 1.33 14.26
CA LEU B 110 41.02 0.73 12.94
C LEU B 110 39.85 -0.23 12.78
N TYR B 111 38.93 0.08 11.87
CA TYR B 111 37.80 -0.79 11.57
C TYR B 111 38.06 -1.46 10.23
N LEU B 112 38.22 -2.78 10.24
CA LEU B 112 38.37 -3.58 9.03
C LEU B 112 37.28 -4.65 8.94
N ASP B 113 36.10 -4.38 9.52
CA ASP B 113 35.01 -5.34 9.52
C ASP B 113 34.56 -5.68 8.10
N GLY B 114 34.13 -6.92 7.91
CA GLY B 114 33.40 -7.24 6.71
C GLY B 114 34.23 -7.15 5.44
N ASN B 115 35.47 -7.61 5.50
CA ASN B 115 36.35 -7.53 4.34
C ASN B 115 36.88 -8.90 3.95
N GLN B 116 36.37 -9.96 4.59
CA GLN B 116 36.73 -11.34 4.27
C GLN B 116 38.20 -11.62 4.57
N LEU B 117 38.78 -10.89 5.53
CA LEU B 117 40.16 -11.13 5.92
C LEU B 117 40.32 -12.52 6.52
N LEU B 118 41.45 -13.16 6.21
CA LEU B 118 41.77 -14.49 6.69
C LEU B 118 42.67 -14.48 7.92
N GLU B 119 43.29 -13.35 8.26
CA GLU B 119 44.24 -13.30 9.35
C GLU B 119 44.15 -11.94 10.03
N ILE B 120 44.64 -11.87 11.26
CA ILE B 120 44.70 -10.57 11.91
C ILE B 120 45.81 -9.78 11.22
N PRO B 121 45.49 -8.62 10.66
CA PRO B 121 46.54 -7.86 9.93
C PRO B 121 47.67 -7.48 10.86
N GLN B 122 48.91 -7.71 10.41
CA GLN B 122 50.10 -7.48 11.21
C GLN B 122 50.70 -6.12 10.88
N GLY B 123 51.70 -5.73 11.66
CA GLY B 123 52.34 -4.44 11.44
C GLY B 123 51.53 -3.25 11.89
N LEU B 124 50.65 -3.43 12.84
CA LEU B 124 49.84 -2.30 13.30
C LEU B 124 50.62 -1.48 14.33
N PRO B 125 50.35 -0.18 14.39
CA PRO B 125 51.17 0.71 15.23
C PRO B 125 50.83 0.58 16.71
N PRO B 126 51.79 0.90 17.59
CA PRO B 126 51.55 0.74 19.03
C PRO B 126 50.57 1.74 19.62
N SER B 127 50.14 2.74 18.85
CA SER B 127 49.12 3.67 19.33
C SER B 127 47.71 3.09 19.31
N LEU B 128 47.50 1.95 18.66
CA LEU B 128 46.16 1.41 18.42
C LEU B 128 45.50 1.01 19.73
N GLN B 129 44.34 1.60 20.01
CA GLN B 129 43.53 1.17 21.14
C GLN B 129 42.31 0.33 20.75
N LEU B 130 41.74 0.53 19.56
CA LEU B 130 40.55 -0.18 19.10
C LEU B 130 40.84 -0.81 17.74
N LEU B 131 40.65 -2.12 17.67
CA LEU B 131 40.75 -2.89 16.44
C LEU B 131 39.45 -3.67 16.26
N SER B 132 38.85 -3.58 15.08
CA SER B 132 37.55 -4.23 14.84
C SER B 132 37.65 -5.11 13.61
N LEU B 133 37.33 -6.40 13.77
CA LEU B 133 37.50 -7.37 12.70
C LEU B 133 36.27 -8.25 12.54
N GLU B 134 35.11 -7.74 12.88
CA GLU B 134 33.87 -8.50 12.76
C GLU B 134 33.58 -8.87 11.30
N ALA B 135 32.93 -10.03 11.13
CA ALA B 135 32.44 -10.45 9.82
C ALA B 135 33.58 -10.59 8.82
N ASN B 136 34.70 -11.13 9.27
CA ASN B 136 35.77 -11.60 8.41
C ASN B 136 35.82 -13.15 8.45
N ASN B 137 36.96 -13.71 8.08
CA ASN B 137 37.08 -15.16 8.08
C ASN B 137 38.28 -15.55 8.91
N ILE B 138 38.37 -14.99 10.12
CA ILE B 138 39.43 -15.26 11.05
C ILE B 138 38.82 -16.12 12.15
N PHE B 139 39.20 -17.41 12.20
CA PHE B 139 38.60 -18.30 13.17
C PHE B 139 39.66 -19.10 13.91
N SER B 140 40.86 -18.55 14.04
CA SER B 140 41.91 -19.16 14.84
C SER B 140 42.82 -18.05 15.36
N ILE B 141 42.82 -17.87 16.68
CA ILE B 141 43.53 -16.77 17.32
C ILE B 141 44.80 -17.33 17.96
N ARG B 142 45.94 -16.79 17.56
CA ARG B 142 47.25 -17.26 18.00
C ARG B 142 47.91 -16.14 18.79
N LYS B 143 48.48 -16.47 19.95
CA LYS B 143 49.08 -15.42 20.77
C LYS B 143 50.15 -14.64 20.02
N GLU B 144 50.87 -15.30 19.11
CA GLU B 144 51.92 -14.61 18.38
C GLU B 144 51.35 -13.48 17.54
N GLN B 145 50.12 -13.64 17.03
CA GLN B 145 49.52 -12.63 16.18
C GLN B 145 48.96 -11.47 16.97
N LEU B 146 48.92 -11.59 18.30
CA LEU B 146 48.37 -10.55 19.14
C LEU B 146 49.44 -9.71 19.82
N THR B 147 50.73 -10.04 19.61
CA THR B 147 51.77 -9.30 20.35
C THR B 147 51.84 -7.85 19.89
N GLU B 148 51.57 -7.60 18.60
CA GLU B 148 51.50 -6.23 18.09
C GLU B 148 50.48 -5.38 18.85
N LEU B 149 49.51 -5.99 19.52
CA LEU B 149 48.39 -5.26 20.12
C LEU B 149 48.60 -4.91 21.58
N ALA B 150 49.86 -4.72 22.00
CA ALA B 150 50.21 -4.44 23.40
C ALA B 150 49.26 -3.46 24.10
N ASN B 151 48.97 -2.33 23.45
CA ASN B 151 48.21 -1.26 24.07
C ASN B 151 46.72 -1.31 23.74
N ILE B 152 46.26 -2.37 23.09
CA ILE B 152 44.89 -2.43 22.61
C ILE B 152 43.92 -2.44 23.79
N GLU B 153 42.84 -1.68 23.66
CA GLU B 153 41.83 -1.61 24.69
C GLU B 153 40.51 -2.25 24.29
N ILE B 154 40.17 -2.23 23.00
CA ILE B 154 38.89 -2.71 22.50
C ILE B 154 39.17 -3.57 21.27
N LEU B 155 38.72 -4.83 21.32
CA LEU B 155 39.02 -5.81 20.28
C LEU B 155 37.71 -6.50 19.92
N TYR B 156 37.20 -6.24 18.71
CA TYR B 156 35.96 -6.85 18.23
C TYR B 156 36.33 -7.94 17.24
N LEU B 157 36.06 -9.21 17.60
CA LEU B 157 36.46 -10.33 16.75
C LEU B 157 35.29 -11.19 16.33
N GLY B 158 34.06 -10.77 16.60
CA GLY B 158 32.90 -11.62 16.45
C GLY B 158 32.45 -11.81 15.01
N GLN B 159 31.38 -12.60 14.86
CA GLN B 159 30.74 -12.85 13.57
C GLN B 159 31.70 -13.39 12.53
N ASN B 160 32.79 -14.02 12.95
CA ASN B 160 33.68 -14.63 11.97
C ASN B 160 33.33 -16.09 11.69
N CYS B 161 32.48 -16.74 12.50
CA CYS B 161 32.11 -18.14 12.21
C CYS B 161 30.71 -18.44 12.75
N TYR B 162 29.70 -18.22 11.90
CA TYR B 162 28.31 -18.46 12.26
C TYR B 162 27.49 -18.61 10.97
N TYR B 163 26.19 -18.92 11.12
CA TYR B 163 25.42 -19.40 9.96
C TYR B 163 25.44 -18.42 8.78
N ARG B 164 25.47 -17.11 9.03
CA ARG B 164 25.50 -16.16 7.91
C ARG B 164 26.92 -15.94 7.36
N ASN B 165 27.93 -16.52 7.98
CA ASN B 165 29.31 -16.39 7.53
C ASN B 165 30.09 -17.58 8.08
N PRO B 166 29.85 -18.78 7.55
CA PRO B 166 30.37 -20.00 8.20
C PRO B 166 31.85 -20.23 7.97
N CYS B 167 32.50 -20.84 8.95
CA CYS B 167 33.87 -21.30 8.79
C CYS B 167 34.01 -22.81 8.83
N TYR B 168 32.95 -23.55 9.17
CA TYR B 168 32.87 -25.01 9.06
C TYR B 168 33.76 -25.77 10.05
N VAL B 169 34.43 -25.10 10.99
CA VAL B 169 35.14 -25.75 12.08
C VAL B 169 34.85 -24.99 13.36
N SER B 170 35.28 -25.56 14.48
CA SER B 170 35.21 -24.85 15.75
C SER B 170 36.22 -23.70 15.80
N TYR B 171 35.83 -22.62 16.44
CA TYR B 171 36.77 -21.54 16.68
C TYR B 171 37.89 -22.06 17.58
N SER B 172 39.11 -21.57 17.33
CA SER B 172 40.31 -22.00 18.06
C SER B 172 40.96 -20.78 18.69
N ILE B 173 41.25 -20.86 19.98
CA ILE B 173 42.00 -19.83 20.68
C ILE B 173 43.11 -20.50 21.48
N GLU B 174 44.36 -20.09 21.20
CA GLU B 174 45.47 -20.61 21.99
C GLU B 174 45.36 -20.18 23.44
N LYS B 175 45.84 -21.06 24.31
CA LYS B 175 45.94 -20.78 25.75
C LYS B 175 46.68 -19.48 26.00
N ASP B 176 46.07 -18.62 26.82
CA ASP B 176 46.65 -17.36 27.29
C ASP B 176 46.87 -16.34 26.17
N ALA B 177 46.25 -16.57 25.00
CA ALA B 177 46.40 -15.67 23.85
C ALA B 177 46.21 -14.19 24.20
N PHE B 178 45.26 -13.87 25.08
CA PHE B 178 44.95 -12.47 25.39
C PHE B 178 45.57 -11.98 26.70
N LEU B 179 46.25 -12.83 27.47
CA LEU B 179 46.60 -12.44 28.84
C LEU B 179 47.59 -11.29 28.85
N ASN B 180 48.52 -11.26 27.92
CA ASN B 180 49.52 -10.21 27.90
C ASN B 180 49.02 -8.93 27.23
N LEU B 181 47.74 -8.86 26.87
CA LEU B 181 47.13 -7.61 26.40
C LEU B 181 46.68 -6.87 27.65
N THR B 182 47.66 -6.27 28.31
CA THR B 182 47.52 -5.81 29.68
C THR B 182 46.67 -4.55 29.81
N LYS B 183 46.18 -3.98 28.72
CA LYS B 183 45.23 -2.87 28.83
C LYS B 183 43.86 -3.21 28.23
N LEU B 184 43.66 -4.45 27.79
CA LEU B 184 42.43 -4.84 27.12
C LEU B 184 41.24 -4.71 28.05
N LYS B 185 40.26 -3.90 27.66
CA LYS B 185 39.08 -3.72 28.49
C LYS B 185 37.83 -4.35 27.92
N VAL B 186 37.71 -4.44 26.59
CA VAL B 186 36.51 -4.93 25.92
C VAL B 186 36.93 -5.98 24.91
N LEU B 187 36.42 -7.19 25.08
CA LEU B 187 36.67 -8.30 24.17
C LEU B 187 35.32 -8.88 23.77
N SER B 188 35.09 -9.00 22.47
CA SER B 188 33.84 -9.54 21.93
C SER B 188 34.17 -10.70 21.03
N LEU B 189 33.67 -11.87 21.38
CA LEU B 189 33.95 -13.10 20.62
C LEU B 189 32.64 -13.76 20.23
N LYS B 190 31.62 -12.94 20.01
CA LYS B 190 30.27 -13.38 19.73
C LYS B 190 30.18 -14.03 18.36
N ASP B 191 29.16 -14.87 18.18
CA ASP B 191 28.79 -15.39 16.86
C ASP B 191 30.01 -16.01 16.16
N ASN B 192 30.74 -16.84 16.91
CA ASN B 192 32.03 -17.31 16.43
C ASN B 192 32.24 -18.82 16.51
N ASN B 193 31.24 -19.61 16.91
CA ASN B 193 31.41 -21.07 17.03
C ASN B 193 32.47 -21.41 18.08
N VAL B 194 32.62 -20.57 19.10
CA VAL B 194 33.55 -20.80 20.19
C VAL B 194 33.03 -21.92 21.07
N THR B 195 33.93 -22.80 21.53
CA THR B 195 33.53 -23.97 22.33
C THR B 195 33.91 -23.91 23.81
N THR B 196 34.89 -23.11 24.22
CA THR B 196 35.21 -22.90 25.64
C THR B 196 35.52 -21.43 25.87
N VAL B 197 35.32 -20.99 27.12
CA VAL B 197 35.76 -19.67 27.54
C VAL B 197 37.28 -19.66 27.45
N PRO B 198 37.89 -18.74 26.69
CA PRO B 198 39.36 -18.73 26.64
C PRO B 198 39.96 -18.30 27.97
N THR B 199 41.06 -18.95 28.35
CA THR B 199 41.77 -18.61 29.57
C THR B 199 43.25 -18.58 29.22
N VAL B 200 44.03 -17.80 29.96
CA VAL B 200 43.52 -16.88 30.99
C VAL B 200 43.26 -15.50 30.40
N LEU B 201 42.12 -14.88 30.76
CA LEU B 201 41.91 -13.55 30.21
C LEU B 201 42.55 -12.50 31.08
N PRO B 202 42.89 -11.35 30.52
CA PRO B 202 43.54 -10.31 31.32
C PRO B 202 42.56 -9.73 32.34
N SER B 203 43.08 -9.49 33.54
CA SER B 203 42.24 -9.06 34.64
C SER B 203 41.75 -7.63 34.47
N THR B 204 42.22 -6.97 33.43
CA THR B 204 41.78 -5.61 33.18
C THR B 204 40.42 -5.54 32.44
N LEU B 205 39.87 -6.67 31.99
CA LEU B 205 38.63 -6.65 31.22
C LEU B 205 37.47 -6.05 31.99
N THR B 206 36.73 -5.16 31.33
CA THR B 206 35.48 -4.65 31.87
C THR B 206 34.26 -5.21 31.14
N GLU B 207 34.41 -5.61 29.88
CA GLU B 207 33.30 -6.10 29.07
C GLU B 207 33.75 -7.35 28.32
N LEU B 208 33.01 -8.44 28.48
CA LEU B 208 33.34 -9.72 27.85
C LEU B 208 32.08 -10.24 27.17
N TYR B 209 32.14 -10.41 25.84
CA TYR B 209 30.98 -10.85 25.05
C TYR B 209 31.29 -12.22 24.43
N LEU B 210 30.62 -13.25 24.92
CA LEU B 210 30.79 -14.61 24.45
C LEU B 210 29.49 -15.20 23.96
N TYR B 211 28.55 -14.37 23.53
CA TYR B 211 27.22 -14.90 23.28
C TYR B 211 27.13 -15.47 21.86
N ASN B 212 26.07 -16.26 21.63
CA ASN B 212 25.86 -17.04 20.40
C ASN B 212 27.12 -17.82 20.02
N ASN B 213 27.44 -18.82 20.83
CA ASN B 213 28.58 -19.69 20.56
C ASN B 213 28.15 -21.13 20.84
N MET B 214 29.12 -22.01 21.04
CA MET B 214 28.92 -23.42 21.34
C MET B 214 29.61 -23.78 22.66
N ILE B 215 29.50 -22.90 23.66
CA ILE B 215 30.09 -23.17 24.96
C ILE B 215 29.08 -23.99 25.76
N ALA B 216 29.46 -25.22 26.07
CA ALA B 216 28.52 -26.10 26.75
C ALA B 216 28.66 -26.05 28.26
N GLU B 217 29.81 -25.63 28.74
CA GLU B 217 30.13 -25.67 30.16
C GLU B 217 31.02 -24.48 30.50
N ILE B 218 30.75 -23.87 31.63
CA ILE B 218 31.66 -22.92 32.22
C ILE B 218 32.46 -23.67 33.30
N GLN B 219 33.79 -23.57 33.23
CA GLN B 219 34.63 -24.09 34.31
C GLN B 219 34.68 -23.10 35.47
N GLU B 220 34.84 -23.61 36.68
CA GLU B 220 34.73 -22.75 37.86
C GLU B 220 35.83 -21.71 37.92
N ASP B 221 36.92 -21.90 37.17
CA ASP B 221 38.01 -20.94 37.13
C ASP B 221 37.91 -19.95 35.98
N ASP B 222 36.93 -20.12 35.09
CA ASP B 222 36.93 -19.38 33.83
C ASP B 222 37.00 -17.88 34.03
N PHE B 223 36.38 -17.34 35.09
CA PHE B 223 36.30 -15.91 35.32
C PHE B 223 37.01 -15.50 36.61
N ASN B 224 38.00 -16.30 37.03
CA ASN B 224 38.61 -16.19 38.36
C ASN B 224 39.24 -14.83 38.59
N ASN B 225 39.95 -14.30 37.61
CA ASN B 225 40.74 -13.10 37.80
C ASN B 225 40.04 -11.83 37.33
N LEU B 226 38.77 -11.90 36.96
CA LEU B 226 38.13 -10.78 36.26
C LEU B 226 37.47 -9.82 37.24
N ASN B 227 38.26 -9.32 38.20
CA ASN B 227 37.68 -8.51 39.27
C ASN B 227 37.31 -7.10 38.83
N GLN B 228 37.60 -6.71 37.59
CA GLN B 228 37.07 -5.44 37.07
C GLN B 228 35.90 -5.61 36.11
N LEU B 229 35.46 -6.84 35.87
CA LEU B 229 34.43 -7.07 34.85
C LEU B 229 33.12 -6.41 35.25
N GLN B 230 32.58 -5.60 34.35
CA GLN B 230 31.30 -4.93 34.55
C GLN B 230 30.16 -5.53 33.73
N ILE B 231 30.47 -6.09 32.55
CA ILE B 231 29.48 -6.68 31.67
C ILE B 231 29.95 -8.06 31.23
N LEU B 232 29.08 -9.06 31.41
CA LEU B 232 29.34 -10.43 30.96
C LEU B 232 28.14 -10.92 30.18
N ASP B 233 28.35 -11.41 28.96
CA ASP B 233 27.23 -11.91 28.15
C ASP B 233 27.53 -13.32 27.69
N LEU B 234 26.79 -14.29 28.22
CA LEU B 234 26.95 -15.68 27.83
C LEU B 234 25.72 -16.20 27.10
N SER B 235 24.82 -15.30 26.69
CA SER B 235 23.57 -15.67 26.06
C SER B 235 23.78 -16.58 24.84
N GLY B 236 22.77 -17.37 24.53
CA GLY B 236 22.85 -18.13 23.30
C GLY B 236 23.92 -19.20 23.30
N ASN B 237 24.28 -19.71 24.46
CA ASN B 237 25.06 -20.93 24.56
C ASN B 237 24.13 -21.99 25.14
N CYS B 238 23.89 -23.04 24.38
CA CYS B 238 22.75 -23.94 24.58
C CYS B 238 21.45 -23.16 24.41
N PRO B 239 21.15 -22.70 23.20
CA PRO B 239 19.97 -21.87 23.01
C PRO B 239 18.68 -22.65 23.19
N ARG B 240 17.63 -21.92 23.57
CA ARG B 240 16.26 -22.39 23.46
C ARG B 240 15.78 -22.08 22.06
N CYS B 241 15.43 -23.11 21.30
CA CYS B 241 15.27 -23.01 19.86
C CYS B 241 13.83 -22.88 19.38
N TYR B 242 12.84 -22.81 20.27
CA TYR B 242 11.47 -22.75 19.80
C TYR B 242 11.19 -21.48 19.00
N ASN B 243 10.53 -21.65 17.84
CA ASN B 243 10.23 -20.54 16.92
C ASN B 243 11.41 -19.61 16.68
N ALA B 244 12.64 -20.12 16.73
CA ALA B 244 13.80 -19.31 16.39
C ALA B 244 13.80 -18.96 14.91
N PRO B 245 14.10 -17.74 14.56
CA PRO B 245 14.08 -17.36 13.14
C PRO B 245 15.46 -17.42 12.53
N PHE B 246 16.34 -18.15 13.18
CA PHE B 246 17.65 -18.47 12.64
C PHE B 246 17.85 -19.96 12.86
N PRO B 247 18.70 -20.61 12.07
CA PRO B 247 19.00 -22.02 12.35
C PRO B 247 19.58 -22.14 13.74
N CYS B 248 19.07 -23.10 14.49
CA CYS B 248 19.28 -23.12 15.94
C CYS B 248 19.56 -24.56 16.33
N THR B 249 20.74 -24.79 16.89
CA THR B 249 21.07 -26.11 17.40
C THR B 249 21.13 -26.06 18.92
N PRO B 250 20.27 -26.79 19.61
CA PRO B 250 20.37 -26.83 21.07
C PRO B 250 21.50 -27.74 21.51
N CYS B 251 21.90 -27.55 22.75
CA CYS B 251 22.78 -28.52 23.38
C CYS B 251 22.07 -29.86 23.52
N LYS B 252 22.84 -30.93 23.36
CA LYS B 252 22.31 -32.29 23.44
C LYS B 252 21.73 -32.58 24.84
N ASN B 253 20.92 -33.64 24.89
CA ASN B 253 20.31 -34.11 26.13
C ASN B 253 19.49 -33.03 26.81
N ASN B 254 18.98 -32.07 26.02
CA ASN B 254 18.40 -30.81 26.49
C ASN B 254 19.13 -30.21 27.69
N SER B 255 20.45 -30.21 27.66
CA SER B 255 21.18 -29.61 28.77
C SER B 255 21.10 -28.09 28.74
N PRO B 256 21.10 -27.46 29.90
CA PRO B 256 21.38 -26.02 29.96
C PRO B 256 22.88 -25.78 29.80
N LEU B 257 23.21 -24.52 29.58
CA LEU B 257 24.57 -24.09 29.80
C LEU B 257 24.92 -24.37 31.26
N GLN B 258 25.95 -25.18 31.49
CA GLN B 258 26.32 -25.62 32.83
C GLN B 258 27.20 -24.57 33.50
N ILE B 259 26.74 -23.98 34.59
CA ILE B 259 27.51 -22.94 35.28
C ILE B 259 27.70 -23.28 36.75
N PRO B 260 28.91 -23.63 37.18
CA PRO B 260 29.16 -23.94 38.60
C PRO B 260 28.69 -22.81 39.49
N VAL B 261 28.20 -23.19 40.67
CA VAL B 261 27.54 -22.23 41.57
C VAL B 261 28.50 -21.14 42.02
N ASN B 262 29.81 -21.40 42.03
CA ASN B 262 30.79 -20.40 42.43
C ASN B 262 31.44 -19.70 41.23
N ALA B 263 30.87 -19.85 40.02
CA ALA B 263 31.55 -19.38 38.82
C ALA B 263 31.73 -17.88 38.78
N PHE B 264 30.87 -17.11 39.46
CA PHE B 264 30.93 -15.66 39.38
C PHE B 264 31.57 -15.02 40.59
N ASP B 265 32.19 -15.80 41.48
CA ASP B 265 32.55 -15.26 42.79
C ASP B 265 33.52 -14.10 42.67
N ALA B 266 34.39 -14.12 41.66
CA ALA B 266 35.36 -13.04 41.47
C ALA B 266 34.77 -11.78 40.87
N LEU B 267 33.56 -11.83 40.33
CA LEU B 267 33.04 -10.73 39.51
C LEU B 267 32.36 -9.68 40.40
N THR B 268 33.18 -9.10 41.28
CA THR B 268 32.63 -8.21 42.32
C THR B 268 32.12 -6.89 41.75
N GLU B 269 32.59 -6.49 40.57
CA GLU B 269 32.09 -5.26 39.93
C GLU B 269 30.97 -5.50 38.91
N LEU B 270 30.54 -6.75 38.71
CA LEU B 270 29.62 -7.06 37.62
C LEU B 270 28.35 -6.23 37.73
N LYS B 271 28.03 -5.49 36.67
CA LYS B 271 26.78 -4.75 36.60
C LYS B 271 25.75 -5.35 35.66
N VAL B 272 26.18 -6.01 34.58
CA VAL B 272 25.28 -6.58 33.59
C VAL B 272 25.62 -8.05 33.44
N LEU B 273 24.64 -8.91 33.67
CA LEU B 273 24.77 -10.34 33.44
C LEU B 273 23.67 -10.73 32.47
N ARG B 274 24.07 -11.19 31.29
CA ARG B 274 23.12 -11.57 30.24
C ARG B 274 23.21 -13.07 30.02
N LEU B 275 22.14 -13.77 30.39
CA LEU B 275 21.95 -15.21 30.27
C LEU B 275 20.67 -15.52 29.53
N HIS B 276 20.52 -14.88 28.38
CA HIS B 276 19.38 -15.09 27.50
C HIS B 276 19.63 -16.34 26.65
N SER B 277 18.62 -17.18 26.52
CA SER B 277 18.68 -18.35 25.65
C SER B 277 19.87 -19.27 25.99
N ASN B 278 19.87 -19.76 27.23
CA ASN B 278 20.85 -20.73 27.72
C ASN B 278 20.18 -22.01 28.20
N SER B 279 18.89 -22.18 27.93
CA SER B 279 18.11 -23.36 28.32
C SER B 279 18.19 -23.64 29.82
N LEU B 280 18.33 -22.60 30.64
CA LEU B 280 18.37 -22.77 32.09
C LEU B 280 17.02 -23.19 32.66
N GLN B 281 17.03 -24.20 33.54
CA GLN B 281 15.82 -24.60 34.25
C GLN B 281 15.78 -24.12 35.69
N HIS B 282 16.92 -23.76 36.25
CA HIS B 282 17.04 -23.26 37.62
C HIS B 282 18.07 -22.15 37.61
N VAL B 283 17.91 -21.18 38.52
CA VAL B 283 19.01 -20.26 38.70
C VAL B 283 19.39 -20.25 40.19
N PRO B 284 20.51 -20.87 40.54
CA PRO B 284 20.85 -21.07 41.97
C PRO B 284 21.22 -19.77 42.62
N PRO B 285 20.63 -19.45 43.78
CA PRO B 285 21.02 -18.21 44.51
C PRO B 285 22.52 -18.07 44.72
N ARG B 286 23.22 -19.19 44.88
CA ARG B 286 24.66 -19.18 45.14
C ARG B 286 25.43 -18.43 44.05
N TRP B 287 24.90 -18.38 42.81
CA TRP B 287 25.54 -17.60 41.75
C TRP B 287 25.81 -16.17 42.19
N PHE B 288 24.90 -15.60 42.98
CA PHE B 288 24.90 -14.16 43.23
C PHE B 288 25.41 -13.78 44.61
N LYS B 289 26.07 -14.70 45.33
CA LYS B 289 26.50 -14.42 46.70
C LYS B 289 27.47 -13.26 46.78
N ASN B 290 28.43 -13.18 45.86
CA ASN B 290 29.42 -12.11 45.81
C ASN B 290 29.15 -11.08 44.72
N ILE B 291 27.97 -11.11 44.10
CA ILE B 291 27.61 -10.09 43.12
C ILE B 291 26.52 -9.21 43.71
N ASN B 292 26.93 -8.17 44.42
CA ASN B 292 25.96 -7.35 45.12
C ASN B 292 25.61 -6.08 44.35
N ASN B 293 26.47 -5.67 43.43
CA ASN B 293 26.29 -4.47 42.60
C ASN B 293 25.54 -4.75 41.29
N LEU B 294 24.95 -5.94 41.13
CA LEU B 294 24.35 -6.31 39.85
C LEU B 294 23.12 -5.46 39.59
N GLN B 295 23.08 -4.82 38.42
CA GLN B 295 22.01 -3.90 38.08
C GLN B 295 21.05 -4.41 37.01
N GLU B 296 21.55 -5.18 36.05
CA GLU B 296 20.74 -5.65 34.94
C GLU B 296 20.96 -7.15 34.78
N LEU B 297 19.87 -7.91 34.81
CA LEU B 297 19.91 -9.36 34.68
C LEU B 297 18.91 -9.79 33.62
N ASP B 298 19.39 -10.47 32.58
CA ASP B 298 18.58 -10.97 31.47
C ASP B 298 18.55 -12.49 31.55
N LEU B 299 17.38 -13.03 31.92
CA LEU B 299 17.16 -14.48 31.96
C LEU B 299 16.03 -14.88 31.01
N SER B 300 15.84 -14.11 29.94
CA SER B 300 14.81 -14.43 28.96
C SER B 300 15.22 -15.62 28.10
N GLN B 301 14.21 -16.32 27.57
CA GLN B 301 14.40 -17.44 26.64
C GLN B 301 15.12 -18.61 27.30
N ASN B 302 14.71 -18.93 28.51
CA ASN B 302 15.18 -20.15 29.15
C ASN B 302 13.95 -21.02 29.43
N PHE B 303 14.06 -21.94 30.37
CA PHE B 303 12.90 -22.71 30.79
C PHE B 303 12.64 -22.47 32.27
N LEU B 304 12.30 -21.23 32.63
CA LEU B 304 12.27 -20.80 34.03
C LEU B 304 10.87 -20.52 34.54
N ALA B 305 9.83 -21.00 33.84
CA ALA B 305 8.45 -20.76 34.26
C ALA B 305 8.21 -21.16 35.71
N LYS B 306 8.59 -22.39 36.08
CA LYS B 306 8.46 -22.84 37.47
C LYS B 306 9.34 -22.02 38.40
N GLU B 307 10.60 -21.78 38.01
CA GLU B 307 11.52 -21.01 38.84
C GLU B 307 10.96 -19.64 39.16
N ILE B 308 10.13 -19.09 38.27
CA ILE B 308 9.56 -17.76 38.53
C ILE B 308 8.65 -17.78 39.76
N GLY B 309 8.02 -18.93 40.05
CA GLY B 309 7.21 -19.06 41.25
C GLY B 309 7.97 -19.32 42.55
N ASP B 310 9.29 -19.33 42.49
CA ASP B 310 10.15 -19.66 43.63
C ASP B 310 11.22 -18.58 43.77
N ALA B 311 12.23 -18.62 42.89
CA ALA B 311 13.11 -17.49 42.63
C ALA B 311 13.84 -17.00 43.88
N LYS B 312 14.35 -17.93 44.69
CA LYS B 312 15.05 -17.54 45.92
C LYS B 312 16.25 -16.65 45.62
N PHE B 313 16.85 -16.80 44.45
CA PHE B 313 18.00 -15.98 44.05
C PHE B 313 17.67 -14.48 44.07
N LEU B 314 16.40 -14.11 43.95
CA LEU B 314 16.08 -12.68 43.96
C LEU B 314 16.45 -12.02 45.27
N HIS B 315 16.47 -12.77 46.37
CA HIS B 315 16.85 -12.18 47.66
C HIS B 315 18.29 -11.66 47.65
N PHE B 316 19.08 -12.04 46.66
CA PHE B 316 20.48 -11.67 46.60
C PHE B 316 20.73 -10.49 45.66
N LEU B 317 19.66 -9.82 45.20
CA LEU B 317 19.76 -8.81 44.14
C LEU B 317 19.09 -7.49 44.51
N PRO B 318 19.42 -6.92 45.69
CA PRO B 318 18.69 -5.73 46.15
C PRO B 318 19.01 -4.46 45.36
N ASN B 319 20.06 -4.45 44.54
CA ASN B 319 20.39 -3.29 43.72
C ASN B 319 19.97 -3.43 42.27
N LEU B 320 19.27 -4.51 41.92
CA LEU B 320 18.90 -4.79 40.54
C LEU B 320 17.96 -3.72 40.00
N ILE B 321 18.36 -3.09 38.90
CA ILE B 321 17.54 -2.07 38.25
C ILE B 321 16.58 -2.70 37.24
N GLN B 322 17.04 -3.61 36.41
CA GLN B 322 16.21 -4.23 35.36
C GLN B 322 16.30 -5.74 35.45
N LEU B 323 15.15 -6.39 35.35
CA LEU B 323 15.04 -7.84 35.36
C LEU B 323 14.19 -8.28 34.18
N ASP B 324 14.68 -9.23 33.39
CA ASP B 324 13.95 -9.73 32.23
C ASP B 324 13.82 -11.24 32.34
N LEU B 325 12.59 -11.71 32.51
CA LEU B 325 12.28 -13.13 32.56
C LEU B 325 11.37 -13.54 31.39
N SER B 326 11.45 -12.81 30.27
CA SER B 326 10.54 -13.03 29.15
C SER B 326 10.78 -14.38 28.47
N PHE B 327 9.72 -14.94 27.91
CA PHE B 327 9.77 -16.15 27.11
C PHE B 327 10.45 -17.29 27.87
N ASN B 328 9.88 -17.61 29.04
CA ASN B 328 10.29 -18.78 29.82
C ASN B 328 9.21 -19.84 29.87
N PHE B 329 8.14 -19.68 29.09
CA PHE B 329 6.98 -20.57 29.14
C PHE B 329 7.35 -22.02 28.84
N GLU B 330 6.57 -22.93 29.41
CA GLU B 330 6.68 -24.33 29.05
C GLU B 330 5.93 -24.59 27.76
N LEU B 331 6.60 -25.26 26.82
CA LEU B 331 5.96 -25.66 25.59
C LEU B 331 4.68 -26.43 25.88
N GLN B 332 3.63 -26.09 25.16
CA GLN B 332 2.34 -26.78 25.14
C GLN B 332 1.51 -26.59 26.40
N VAL B 333 1.95 -25.76 27.34
CA VAL B 333 1.18 -25.39 28.52
C VAL B 333 0.54 -24.03 28.31
N TYR B 334 -0.74 -23.92 28.66
CA TYR B 334 -1.47 -22.65 28.68
C TYR B 334 -1.93 -22.44 30.12
N ARG B 335 -1.04 -21.87 30.93
CA ARG B 335 -1.29 -21.73 32.36
C ARG B 335 -2.57 -20.93 32.64
N ALA B 336 -3.21 -21.26 33.76
CA ALA B 336 -4.39 -20.53 34.19
C ALA B 336 -4.04 -19.13 34.67
N SER B 337 -2.89 -18.99 35.32
CA SER B 337 -2.53 -17.72 35.95
C SER B 337 -1.02 -17.63 36.05
N MET B 338 -0.54 -16.45 36.47
CA MET B 338 0.87 -16.19 36.71
C MET B 338 1.19 -16.35 38.19
N ASN B 339 2.13 -17.25 38.52
CA ASN B 339 2.60 -17.48 39.89
C ASN B 339 3.91 -16.71 40.03
N LEU B 340 3.84 -15.52 40.61
CA LEU B 340 5.03 -14.75 40.96
C LEU B 340 5.42 -15.03 42.41
N SER B 341 6.65 -15.49 42.61
CA SER B 341 7.17 -15.71 43.96
C SER B 341 7.17 -14.40 44.74
N GLN B 342 6.91 -14.52 46.05
CA GLN B 342 7.00 -13.35 46.93
C GLN B 342 8.41 -12.80 46.96
N ALA B 343 9.41 -13.62 46.61
CA ALA B 343 10.78 -13.16 46.59
C ALA B 343 10.97 -11.93 45.72
N PHE B 344 10.08 -11.73 44.74
CA PHE B 344 10.08 -10.49 43.95
C PHE B 344 10.04 -9.25 44.83
N SER B 345 9.44 -9.35 46.02
CA SER B 345 9.38 -8.21 46.94
C SER B 345 10.74 -7.78 47.48
N SER B 346 11.82 -8.56 47.28
CA SER B 346 13.13 -8.12 47.74
C SER B 346 13.84 -7.21 46.75
N LEU B 347 13.25 -6.98 45.58
CA LEU B 347 13.87 -6.19 44.50
C LEU B 347 13.59 -4.70 44.71
N LYS B 348 14.11 -4.16 45.81
CA LYS B 348 13.69 -2.82 46.21
C LYS B 348 14.20 -1.72 45.26
N SER B 349 15.25 -2.00 44.49
CA SER B 349 15.76 -1.04 43.51
C SER B 349 15.19 -1.24 42.10
N LEU B 350 14.32 -2.23 41.88
CA LEU B 350 13.87 -2.60 40.54
C LEU B 350 13.05 -1.47 39.89
N LYS B 351 13.47 -1.05 38.70
CA LYS B 351 12.68 -0.10 37.93
C LYS B 351 11.99 -0.72 36.71
N ILE B 352 12.53 -1.80 36.13
CA ILE B 352 11.98 -2.41 34.91
C ILE B 352 11.87 -3.91 35.11
N LEU B 353 10.65 -4.44 35.03
CA LEU B 353 10.43 -5.88 35.10
C LEU B 353 9.68 -6.31 33.85
N ARG B 354 10.29 -7.20 33.07
CA ARG B 354 9.73 -7.68 31.81
C ARG B 354 9.50 -9.18 31.93
N ILE B 355 8.25 -9.60 31.80
CA ILE B 355 7.91 -11.02 31.80
C ILE B 355 6.97 -11.23 30.64
N ARG B 356 7.46 -10.98 29.44
CA ARG B 356 6.76 -11.39 28.24
C ARG B 356 6.74 -12.92 28.18
N GLY B 357 5.77 -13.45 27.45
CA GLY B 357 5.82 -14.86 27.07
C GLY B 357 5.93 -15.83 28.22
N TYR B 358 5.27 -15.51 29.33
CA TYR B 358 5.03 -16.50 30.38
C TYR B 358 3.88 -17.42 30.00
N VAL B 359 2.83 -16.85 29.40
CA VAL B 359 1.69 -17.51 28.75
C VAL B 359 0.67 -18.05 29.75
N PHE B 360 -0.35 -17.25 30.05
CA PHE B 360 -1.36 -17.57 31.06
C PHE B 360 -2.67 -16.89 30.70
N LYS B 361 -3.78 -17.45 31.18
CA LYS B 361 -5.11 -17.07 30.70
C LYS B 361 -5.68 -15.86 31.41
N GLU B 362 -5.41 -15.70 32.70
CA GLU B 362 -6.11 -14.73 33.53
C GLU B 362 -5.14 -14.08 34.47
N LEU B 363 -5.12 -12.76 34.46
CA LEU B 363 -4.33 -11.98 35.37
C LEU B 363 -5.24 -11.48 36.49
N LYS B 364 -4.88 -11.78 37.73
CA LYS B 364 -5.62 -11.30 38.90
C LYS B 364 -4.78 -10.35 39.73
N SER B 365 -5.46 -9.42 40.38
CA SER B 365 -4.81 -8.34 41.14
C SER B 365 -3.81 -8.88 42.15
N PHE B 366 -4.18 -9.95 42.85
CA PHE B 366 -3.31 -10.39 43.93
C PHE B 366 -2.04 -11.02 43.38
N GLN B 367 -2.11 -11.58 42.17
CA GLN B 367 -0.94 -12.20 41.56
C GLN B 367 0.20 -11.21 41.40
N LEU B 368 -0.10 -9.92 41.31
CA LEU B 368 0.94 -8.90 41.23
C LEU B 368 1.36 -8.37 42.60
N SER B 369 0.84 -8.93 43.69
CA SER B 369 1.09 -8.35 45.00
C SER B 369 2.57 -8.30 45.41
N PRO B 370 3.43 -9.25 45.06
CA PRO B 370 4.86 -9.10 45.39
C PRO B 370 5.51 -7.84 44.84
N LEU B 371 4.85 -7.11 43.95
CA LEU B 371 5.40 -5.90 43.38
C LEU B 371 4.83 -4.64 44.02
N HIS B 372 3.91 -4.77 44.97
CA HIS B 372 3.17 -3.61 45.47
C HIS B 372 4.10 -2.57 46.09
N ASN B 373 5.10 -3.00 46.88
CA ASN B 373 5.96 -2.04 47.56
C ASN B 373 7.34 -1.91 46.89
N LEU B 374 7.45 -2.25 45.61
CA LEU B 374 8.64 -1.92 44.83
C LEU B 374 8.50 -0.47 44.43
N GLN B 375 9.10 0.43 45.20
CA GLN B 375 8.73 1.83 45.09
C GLN B 375 9.41 2.54 43.93
N ASN B 376 10.39 1.92 43.29
CA ASN B 376 11.03 2.52 42.12
C ASN B 376 10.56 1.89 40.81
N LEU B 377 9.59 0.98 40.86
CA LEU B 377 9.14 0.30 39.65
C LEU B 377 8.58 1.31 38.66
N GLU B 378 9.17 1.34 37.47
CA GLU B 378 8.75 2.23 36.39
C GLU B 378 8.06 1.52 35.24
N VAL B 379 8.48 0.29 34.91
CA VAL B 379 7.92 -0.42 33.76
C VAL B 379 7.54 -1.83 34.17
N LEU B 380 6.31 -2.21 33.88
CA LEU B 380 5.84 -3.58 34.01
C LEU B 380 5.39 -4.02 32.62
N ASP B 381 6.07 -5.03 32.08
CA ASP B 381 5.82 -5.52 30.72
C ASP B 381 5.29 -6.95 30.80
N LEU B 382 3.99 -7.10 30.59
CA LEU B 382 3.36 -8.42 30.53
C LEU B 382 2.85 -8.69 29.11
N GLY B 383 3.64 -8.26 28.12
CA GLY B 383 3.27 -8.46 26.73
C GLY B 383 3.36 -9.90 26.28
N THR B 384 2.65 -10.20 25.20
CA THR B 384 2.76 -11.48 24.51
C THR B 384 2.57 -12.63 25.49
N ASN B 385 1.45 -12.58 26.22
CA ASN B 385 1.15 -13.59 27.21
C ASN B 385 -0.14 -14.34 26.94
N PHE B 386 -0.87 -13.97 25.88
CA PHE B 386 -2.17 -14.58 25.55
C PHE B 386 -3.13 -14.49 26.74
N ILE B 387 -3.02 -13.41 27.50
CA ILE B 387 -3.97 -13.18 28.59
C ILE B 387 -5.36 -12.95 28.00
N LYS B 388 -6.36 -13.69 28.50
CA LYS B 388 -7.74 -13.43 28.06
C LYS B 388 -8.51 -12.49 28.98
N ILE B 389 -8.24 -12.51 30.28
CA ILE B 389 -9.06 -11.76 31.25
C ILE B 389 -8.13 -10.97 32.14
N ALA B 390 -8.40 -9.67 32.25
CA ALA B 390 -7.65 -8.85 33.20
C ALA B 390 -8.53 -7.66 33.54
N ASN B 391 -8.88 -7.52 34.81
CA ASN B 391 -9.58 -6.34 35.27
C ASN B 391 -8.57 -5.20 35.35
N LEU B 392 -8.62 -4.28 34.39
CA LEU B 392 -7.67 -3.16 34.33
C LEU B 392 -7.67 -2.30 35.59
N SER B 393 -8.70 -2.40 36.42
CA SER B 393 -8.73 -1.61 37.64
C SER B 393 -7.61 -1.96 38.60
N MET B 394 -7.05 -3.17 38.51
CA MET B 394 -5.96 -3.59 39.41
C MET B 394 -4.77 -2.65 39.35
N PHE B 395 -4.62 -1.87 38.27
CA PHE B 395 -3.48 -0.98 38.16
C PHE B 395 -3.69 0.34 38.88
N LYS B 396 -4.81 0.49 39.60
CA LYS B 396 -4.96 1.63 40.51
C LYS B 396 -3.87 1.64 41.58
N GLN B 397 -3.27 0.47 41.86
CA GLN B 397 -2.14 0.31 42.76
C GLN B 397 -0.79 0.51 42.07
N PHE B 398 -0.77 1.05 40.86
CA PHE B 398 0.49 1.21 40.13
C PHE B 398 0.62 2.60 39.52
N LYS B 399 0.08 3.63 40.21
CA LYS B 399 0.17 5.01 39.72
C LYS B 399 1.61 5.48 39.49
N ARG B 400 2.56 4.94 40.26
CA ARG B 400 3.95 5.38 40.14
C ARG B 400 4.61 4.91 38.85
N LEU B 401 4.05 3.89 38.20
CA LEU B 401 4.69 3.32 37.02
C LEU B 401 4.59 4.26 35.84
N LYS B 402 5.65 4.26 35.03
CA LYS B 402 5.68 5.05 33.81
C LYS B 402 4.96 4.35 32.67
N VAL B 403 5.06 3.01 32.60
CA VAL B 403 4.52 2.23 31.50
C VAL B 403 4.02 0.90 32.04
N ILE B 404 2.76 0.57 31.75
CA ILE B 404 2.20 -0.75 31.99
C ILE B 404 1.88 -1.36 30.62
N ASP B 405 2.58 -2.44 30.27
CA ASP B 405 2.54 -2.97 28.90
C ASP B 405 1.79 -4.30 28.87
N LEU B 406 0.58 -4.27 28.31
CA LEU B 406 -0.21 -5.48 28.09
C LEU B 406 -0.35 -5.78 26.60
N SER B 407 0.59 -5.30 25.79
CA SER B 407 0.51 -5.40 24.34
C SER B 407 0.60 -6.84 23.87
N VAL B 408 -0.13 -7.15 22.81
CA VAL B 408 -0.13 -8.48 22.19
C VAL B 408 -0.66 -9.49 23.21
N ASN B 409 -1.93 -9.37 23.53
CA ASN B 409 -2.60 -10.36 24.35
C ASN B 409 -3.94 -10.62 23.71
N LYS B 410 -4.80 -11.33 24.41
CA LYS B 410 -6.14 -11.62 23.92
C LYS B 410 -7.20 -11.10 24.88
N ILE B 411 -6.91 -9.98 25.53
CA ILE B 411 -7.85 -9.41 26.48
C ILE B 411 -9.10 -8.93 25.76
N SER B 412 -10.27 -9.24 26.35
CA SER B 412 -11.56 -8.76 25.90
C SER B 412 -12.44 -8.54 27.12
N PRO B 413 -13.32 -7.52 27.12
CA PRO B 413 -13.83 -6.77 28.29
C PRO B 413 -13.71 -7.46 29.65
N VAL B 437 10.98 1.83 24.09
CA VAL B 437 10.45 0.92 23.09
C VAL B 437 11.51 -0.09 22.62
N LEU B 438 11.09 -1.35 22.48
CA LEU B 438 11.94 -2.41 21.97
C LEU B 438 11.59 -2.68 20.51
N GLU B 439 12.60 -2.80 19.65
CA GLU B 439 12.38 -3.03 18.23
C GLU B 439 11.63 -4.33 18.03
N GLN B 440 10.57 -4.29 17.20
CA GLN B 440 9.53 -5.32 17.26
C GLN B 440 10.03 -6.73 17.01
N LEU B 441 11.22 -6.91 16.44
CA LEU B 441 11.92 -8.19 16.46
C LEU B 441 13.07 -8.09 17.46
N TYR B 442 12.74 -8.30 18.74
CA TYR B 442 13.66 -8.06 19.85
C TYR B 442 14.09 -9.34 20.55
N TYR B 443 13.14 -10.07 21.14
CA TYR B 443 13.47 -11.27 21.91
C TYR B 443 13.86 -12.44 21.03
N PHE B 444 13.50 -12.41 19.74
CA PHE B 444 13.72 -13.55 18.88
C PHE B 444 14.73 -13.32 17.76
N ARG B 445 15.30 -12.13 17.62
CA ARG B 445 16.35 -11.99 16.63
C ARG B 445 17.66 -12.58 17.15
N TYR B 446 18.50 -12.99 16.20
CA TYR B 446 19.75 -13.69 16.50
C TYR B 446 20.72 -12.83 17.31
N ASP B 447 21.01 -11.62 16.83
CA ASP B 447 21.98 -10.76 17.49
C ASP B 447 21.41 -9.35 17.43
N LYS B 448 20.79 -8.94 18.53
CA LYS B 448 20.09 -7.66 18.58
C LYS B 448 21.07 -6.48 18.47
N TYR B 449 22.34 -6.69 18.81
CA TYR B 449 23.38 -5.67 18.73
C TYR B 449 24.24 -5.82 17.46
N ALA B 450 23.76 -6.55 16.46
CA ALA B 450 24.56 -6.72 15.25
C ALA B 450 24.76 -5.38 14.55
N ARG B 451 26.02 -5.07 14.28
CA ARG B 451 26.44 -3.86 13.59
C ARG B 451 26.38 -4.15 12.09
N SER B 452 25.60 -3.38 11.36
CA SER B 452 25.54 -3.56 9.91
C SER B 452 26.45 -2.56 9.21
N CYS B 453 26.70 -2.82 7.94
CA CYS B 453 27.46 -1.88 7.11
C CYS B 453 26.72 -0.55 6.97
N SER B 468 5.42 8.11 19.78
CA SER B 468 5.23 7.34 21.01
C SER B 468 4.80 8.27 22.13
N CYS B 469 4.05 7.73 23.09
CA CYS B 469 3.36 8.55 24.07
C CYS B 469 3.87 8.41 25.50
N TYR B 470 5.00 7.73 25.72
CA TYR B 470 5.49 7.60 27.09
C TYR B 470 5.75 8.96 27.73
N LYS B 471 6.21 9.94 26.95
CA LYS B 471 6.59 11.25 27.47
C LYS B 471 5.42 12.02 28.07
N TYR B 472 4.19 11.64 27.75
CA TYR B 472 3.01 12.29 28.32
C TYR B 472 2.73 11.88 29.77
N GLY B 473 3.39 10.85 30.29
CA GLY B 473 3.15 10.36 31.65
C GLY B 473 2.69 8.91 31.65
N GLN B 474 1.89 8.56 32.67
CA GLN B 474 1.53 7.15 32.87
C GLN B 474 0.82 6.58 31.64
N THR B 475 1.33 5.46 31.15
CA THR B 475 0.88 4.85 29.91
C THR B 475 0.39 3.43 30.17
N LEU B 476 -0.85 3.15 29.76
CA LEU B 476 -1.41 1.80 29.74
C LEU B 476 -1.48 1.38 28.28
N ASP B 477 -0.66 0.39 27.89
CA ASP B 477 -0.60 -0.10 26.51
C ASP B 477 -1.48 -1.35 26.40
N LEU B 478 -2.66 -1.18 25.80
CA LEU B 478 -3.55 -2.28 25.49
C LEU B 478 -3.56 -2.62 23.99
N SER B 479 -2.52 -2.21 23.25
CA SER B 479 -2.52 -2.41 21.81
C SER B 479 -2.41 -3.90 21.46
N LYS B 480 -2.98 -4.24 20.30
CA LYS B 480 -3.10 -5.60 19.81
C LYS B 480 -3.66 -6.52 20.89
N ASN B 481 -4.89 -6.21 21.28
CA ASN B 481 -5.65 -7.14 22.10
C ASN B 481 -6.95 -7.48 21.40
N SER B 482 -7.94 -8.00 22.11
CA SER B 482 -9.19 -8.43 21.49
C SER B 482 -10.39 -7.68 22.06
N ILE B 483 -10.23 -6.40 22.38
CA ILE B 483 -11.30 -5.60 22.97
C ILE B 483 -12.29 -5.20 21.87
N PHE B 484 -13.51 -5.77 21.92
CA PHE B 484 -14.55 -5.43 20.96
C PHE B 484 -15.57 -4.43 21.49
N PHE B 485 -15.68 -4.27 22.81
CA PHE B 485 -16.62 -3.34 23.40
C PHE B 485 -15.97 -2.71 24.61
N ILE B 486 -16.18 -1.41 24.80
CA ILE B 486 -15.67 -0.69 25.96
C ILE B 486 -16.82 0.04 26.62
N LYS B 487 -16.74 0.16 27.95
CA LYS B 487 -17.65 1.01 28.71
C LYS B 487 -16.88 1.66 29.85
N SER B 488 -17.48 2.70 30.42
CA SER B 488 -16.81 3.53 31.40
C SER B 488 -16.21 2.71 32.54
N SER B 489 -16.95 1.73 33.05
CA SER B 489 -16.46 1.00 34.21
C SER B 489 -15.20 0.21 33.89
N ASP B 490 -14.96 -0.14 32.61
CA ASP B 490 -13.72 -0.84 32.26
C ASP B 490 -12.49 -0.08 32.73
N PHE B 491 -12.61 1.24 32.86
CA PHE B 491 -11.52 2.12 33.28
C PHE B 491 -11.69 2.68 34.68
N GLN B 492 -12.54 2.06 35.51
CA GLN B 492 -12.72 2.49 36.88
C GLN B 492 -11.38 2.51 37.63
N HIS B 493 -11.13 3.60 38.35
CA HIS B 493 -9.98 3.81 39.22
C HIS B 493 -8.71 4.10 38.45
N LEU B 494 -8.79 4.43 37.16
CA LEU B 494 -7.59 4.67 36.36
C LEU B 494 -7.47 6.13 35.90
N SER B 495 -8.01 7.07 36.68
CA SER B 495 -8.02 8.48 36.27
C SER B 495 -6.64 9.10 36.22
N PHE B 496 -5.63 8.44 36.78
CA PHE B 496 -4.29 8.99 36.69
C PHE B 496 -3.68 8.85 35.29
N LEU B 497 -4.27 8.01 34.43
CA LEU B 497 -3.65 7.69 33.14
C LEU B 497 -3.51 8.93 32.26
N LYS B 498 -2.31 9.09 31.68
CA LYS B 498 -2.02 10.17 30.75
C LYS B 498 -2.03 9.72 29.29
N CYS B 499 -1.72 8.44 29.02
CA CYS B 499 -1.76 7.90 27.66
C CYS B 499 -2.37 6.52 27.71
N LEU B 500 -3.34 6.28 26.84
CA LEU B 500 -3.96 4.96 26.68
C LEU B 500 -3.77 4.51 25.24
N ASN B 501 -3.21 3.30 25.04
CA ASN B 501 -3.00 2.75 23.70
C ASN B 501 -4.00 1.62 23.46
N LEU B 502 -4.97 1.86 22.60
CA LEU B 502 -5.98 0.87 22.21
C LEU B 502 -5.81 0.41 20.76
N SER B 503 -4.69 0.75 20.15
CA SER B 503 -4.41 0.43 18.75
C SER B 503 -4.51 -1.07 18.48
N GLY B 504 -5.12 -1.41 17.35
CA GLY B 504 -5.14 -2.81 16.96
C GLY B 504 -6.04 -3.67 17.83
N ASN B 505 -7.15 -3.12 18.27
CA ASN B 505 -8.16 -3.93 18.91
C ASN B 505 -9.32 -4.12 17.93
N LEU B 506 -10.50 -4.45 18.45
CA LEU B 506 -11.65 -4.81 17.62
C LEU B 506 -12.81 -3.83 17.84
N ILE B 507 -12.52 -2.60 18.25
CA ILE B 507 -13.57 -1.71 18.76
C ILE B 507 -14.38 -1.16 17.59
N SER B 508 -15.68 -1.39 17.65
CA SER B 508 -16.58 -1.26 16.51
C SER B 508 -17.82 -0.45 16.86
N GLN B 509 -17.88 0.16 18.03
CA GLN B 509 -19.12 0.73 18.55
C GLN B 509 -19.24 2.22 18.24
N THR B 510 -20.47 2.71 18.35
CA THR B 510 -20.78 4.11 18.07
C THR B 510 -20.50 4.89 19.36
N LEU B 511 -19.24 5.27 19.53
CA LEU B 511 -18.82 6.08 20.68
C LEU B 511 -19.67 7.34 20.80
N ASN B 512 -20.12 7.64 22.02
CA ASN B 512 -21.06 8.74 22.24
C ASN B 512 -20.64 9.63 23.41
N GLY B 513 -19.37 9.57 23.82
CA GLY B 513 -18.94 10.35 24.96
C GLY B 513 -19.17 9.73 26.32
N SER B 514 -19.55 8.45 26.41
CA SER B 514 -19.76 7.79 27.69
C SER B 514 -18.78 6.67 27.99
N GLU B 515 -17.82 6.40 27.10
CA GLU B 515 -17.02 5.18 27.22
C GLU B 515 -15.74 5.36 28.06
N PHE B 516 -15.22 6.57 28.15
CA PHE B 516 -13.96 6.85 28.83
C PHE B 516 -14.16 7.78 30.03
N GLN B 517 -15.33 7.74 30.67
CA GLN B 517 -15.63 8.73 31.70
C GLN B 517 -14.59 8.80 32.82
N PRO B 518 -14.02 7.69 33.30
CA PRO B 518 -12.99 7.80 34.36
C PRO B 518 -11.73 8.53 33.93
N LEU B 519 -11.45 8.67 32.64
CA LEU B 519 -10.09 9.04 32.23
C LEU B 519 -9.94 10.56 32.13
N ALA B 520 -10.10 11.20 33.29
CA ALA B 520 -10.18 12.66 33.34
C ALA B 520 -8.85 13.35 33.05
N GLU B 521 -7.72 12.64 33.18
CA GLU B 521 -6.42 13.25 32.95
C GLU B 521 -5.81 12.88 31.59
N LEU B 522 -6.48 12.03 30.80
CA LEU B 522 -5.86 11.48 29.59
C LEU B 522 -5.48 12.58 28.60
N ARG B 523 -4.21 12.58 28.20
CA ARG B 523 -3.68 13.52 27.22
C ARG B 523 -3.51 12.92 25.83
N TYR B 524 -3.43 11.61 25.72
CA TYR B 524 -3.10 10.94 24.48
C TYR B 524 -3.92 9.66 24.40
N LEU B 525 -4.70 9.54 23.32
CA LEU B 525 -5.43 8.31 23.05
C LEU B 525 -5.00 7.81 21.68
N ASP B 526 -4.45 6.59 21.62
CA ASP B 526 -4.20 5.92 20.36
C ASP B 526 -5.35 4.95 20.12
N PHE B 527 -6.24 5.31 19.21
CA PHE B 527 -7.38 4.49 18.79
C PHE B 527 -7.18 3.95 17.37
N SER B 528 -5.94 3.91 16.89
CA SER B 528 -5.71 3.50 15.51
C SER B 528 -5.99 2.01 15.36
N ASN B 529 -6.17 1.59 14.10
CA ASN B 529 -6.44 0.18 13.76
C ASN B 529 -7.59 -0.37 14.59
N ASN B 530 -8.67 0.39 14.65
CA ASN B 530 -9.93 -0.13 15.17
C ASN B 530 -10.98 0.00 14.08
N ARG B 531 -12.26 -0.04 14.44
CA ARG B 531 -13.33 0.18 13.47
C ARG B 531 -14.26 1.26 13.97
N LEU B 532 -13.69 2.44 14.24
CA LEU B 532 -14.46 3.57 14.74
C LEU B 532 -15.70 3.81 13.87
N ASP B 533 -16.84 3.96 14.52
CA ASP B 533 -18.10 4.32 13.87
C ASP B 533 -18.52 5.71 14.38
N LEU B 534 -18.38 6.72 13.54
CA LEU B 534 -18.65 8.11 13.94
C LEU B 534 -20.10 8.50 13.71
N LEU B 535 -21.04 7.69 14.21
CA LEU B 535 -22.44 8.06 14.17
C LEU B 535 -22.71 9.32 15.00
N HIS B 536 -22.06 9.44 16.15
CA HIS B 536 -22.30 10.55 17.07
C HIS B 536 -21.14 11.52 17.02
N SER B 537 -21.46 12.82 16.90
CA SER B 537 -20.41 13.83 17.00
C SER B 537 -19.97 14.07 18.43
N THR B 538 -20.49 13.32 19.39
CA THR B 538 -20.04 13.40 20.76
C THR B 538 -18.95 12.39 21.08
N ALA B 539 -18.48 11.63 20.09
CA ALA B 539 -17.40 10.69 20.30
C ALA B 539 -16.21 11.38 20.93
N PHE B 540 -15.69 10.79 22.01
CA PHE B 540 -14.46 11.21 22.68
C PHE B 540 -14.63 12.49 23.52
N GLU B 541 -15.82 13.09 23.56
CA GLU B 541 -15.95 14.37 24.26
C GLU B 541 -15.72 14.25 25.76
N GLU B 542 -15.85 13.05 26.36
CA GLU B 542 -15.56 12.93 27.78
C GLU B 542 -14.09 13.07 28.11
N LEU B 543 -13.20 13.04 27.12
CA LEU B 543 -11.77 13.12 27.37
C LEU B 543 -11.38 14.59 27.34
N ARG B 544 -11.69 15.29 28.44
CA ARG B 544 -11.65 16.75 28.38
C ARG B 544 -10.24 17.29 28.31
N LYS B 545 -9.24 16.53 28.75
CA LYS B 545 -7.84 16.96 28.66
C LYS B 545 -7.10 16.41 27.45
N LEU B 546 -7.82 15.83 26.49
CA LEU B 546 -7.17 15.14 25.36
C LEU B 546 -6.42 16.13 24.48
N GLU B 547 -5.12 15.90 24.30
CA GLU B 547 -4.28 16.72 23.44
C GLU B 547 -3.95 16.06 22.11
N VAL B 548 -3.84 14.73 22.08
CA VAL B 548 -3.53 13.97 20.87
C VAL B 548 -4.53 12.83 20.73
N LEU B 549 -5.17 12.76 19.56
CA LEU B 549 -6.08 11.66 19.24
C LEU B 549 -5.65 11.06 17.91
N ASP B 550 -5.37 9.77 17.89
CA ASP B 550 -5.06 9.02 16.68
C ASP B 550 -6.21 8.08 16.36
N ILE B 551 -6.95 8.37 15.29
CA ILE B 551 -7.97 7.43 14.82
C ILE B 551 -7.64 6.97 13.40
N SER B 552 -6.36 6.89 13.07
CA SER B 552 -5.90 6.36 11.77
C SER B 552 -6.20 4.87 11.62
N SER B 553 -6.30 4.45 10.35
CA SER B 553 -6.58 3.06 10.00
C SER B 553 -7.84 2.57 10.70
N ASN B 554 -8.87 3.40 10.68
CA ASN B 554 -10.21 3.06 11.12
C ASN B 554 -11.16 3.16 9.94
N SER B 555 -10.73 2.62 8.78
CA SER B 555 -11.43 2.84 7.52
C SER B 555 -12.71 2.04 7.40
N HIS B 556 -12.88 0.99 8.21
CA HIS B 556 -13.93 0.00 7.96
C HIS B 556 -15.28 0.61 7.61
N TYR B 557 -15.82 1.46 8.48
CA TYR B 557 -17.14 2.02 8.24
C TYR B 557 -17.14 3.17 7.23
N PHE B 558 -15.97 3.68 6.85
CA PHE B 558 -15.91 4.66 5.78
C PHE B 558 -15.98 4.03 4.41
N GLN B 559 -15.81 2.73 4.32
CA GLN B 559 -15.72 2.07 3.01
C GLN B 559 -17.08 1.66 2.47
N SER B 560 -18.15 1.85 3.22
CA SER B 560 -19.47 1.41 2.79
C SER B 560 -20.37 2.63 2.62
N GLU B 561 -21.08 2.67 1.51
CA GLU B 561 -21.94 3.79 1.16
C GLU B 561 -23.17 3.86 2.08
N GLY B 562 -23.64 5.09 2.30
CA GLY B 562 -24.89 5.36 2.98
C GLY B 562 -24.81 5.44 4.48
N ILE B 563 -23.62 5.43 5.05
CA ILE B 563 -23.44 5.37 6.49
C ILE B 563 -23.13 6.79 6.97
N THR B 564 -23.66 7.15 8.14
CA THR B 564 -23.45 8.48 8.69
C THR B 564 -22.03 8.60 9.25
N HIS B 565 -21.38 9.73 8.98
CA HIS B 565 -20.06 10.03 9.56
C HIS B 565 -20.05 11.47 10.04
N MET B 566 -19.84 11.68 11.33
CA MET B 566 -19.84 13.01 11.94
C MET B 566 -18.40 13.48 12.10
N LEU B 567 -17.84 14.08 11.04
CA LEU B 567 -16.45 14.53 11.15
C LEU B 567 -16.27 15.77 12.01
N ASN B 568 -17.36 16.43 12.39
CA ASN B 568 -17.29 17.59 13.25
C ASN B 568 -17.21 17.22 14.73
N PHE B 569 -16.98 15.97 15.06
CA PHE B 569 -16.80 15.59 16.46
C PHE B 569 -15.68 16.38 17.14
N THR B 570 -14.81 17.05 16.37
CA THR B 570 -13.69 17.77 16.98
C THR B 570 -14.14 18.93 17.85
N LYS B 571 -15.33 19.49 17.61
CA LYS B 571 -15.72 20.72 18.28
C LYS B 571 -15.66 20.60 19.79
N ASN B 572 -16.00 19.42 20.33
CA ASN B 572 -16.10 19.26 21.78
C ASN B 572 -14.77 19.11 22.50
N LEU B 573 -13.67 18.81 21.79
CA LEU B 573 -12.38 18.58 22.42
C LEU B 573 -11.61 19.89 22.47
N LYS B 574 -11.69 20.59 23.59
CA LYS B 574 -11.21 21.96 23.46
C LYS B 574 -9.77 22.17 23.86
N VAL B 575 -9.00 21.11 24.12
CA VAL B 575 -7.57 21.25 24.23
C VAL B 575 -6.84 20.33 23.23
N LEU B 576 -7.53 19.87 22.19
CA LEU B 576 -6.93 18.94 21.23
C LEU B 576 -5.91 19.66 20.35
N GLN B 577 -4.69 19.15 20.32
CA GLN B 577 -3.61 19.76 19.54
C GLN B 577 -3.38 19.07 18.21
N LYS B 578 -3.49 17.75 18.20
CA LYS B 578 -3.04 16.97 17.06
C LYS B 578 -4.07 15.89 16.82
N LEU B 579 -4.53 15.77 15.57
CA LEU B 579 -5.52 14.78 15.22
C LEU B 579 -5.00 14.01 14.01
N MET B 580 -4.94 12.70 14.14
CA MET B 580 -4.49 11.83 13.06
C MET B 580 -5.67 11.01 12.60
N MET B 581 -6.03 11.14 11.34
CA MET B 581 -7.05 10.27 10.77
C MET B 581 -6.60 9.77 9.40
N ASN B 582 -5.37 9.26 9.36
CA ASN B 582 -4.80 8.75 8.12
C ASN B 582 -5.42 7.42 7.74
N ASP B 583 -5.42 7.14 6.43
CA ASP B 583 -5.73 5.81 5.90
C ASP B 583 -7.11 5.36 6.36
N ASN B 584 -8.05 6.30 6.41
CA ASN B 584 -9.43 6.00 6.73
C ASN B 584 -10.31 5.91 5.50
N ASP B 585 -9.76 6.13 4.31
CA ASP B 585 -10.52 5.95 3.06
C ASP B 585 -11.74 6.87 3.03
N ILE B 586 -11.66 8.05 3.66
CA ILE B 586 -12.83 8.91 3.84
C ILE B 586 -13.21 9.54 2.51
N SER B 587 -14.41 9.24 2.02
CA SER B 587 -14.92 9.77 0.77
C SER B 587 -16.27 10.45 0.94
N SER B 588 -16.77 10.56 2.17
CA SER B 588 -18.09 11.10 2.44
C SER B 588 -18.11 11.60 3.88
N SER B 589 -18.94 12.59 4.14
CA SER B 589 -19.07 13.15 5.48
C SER B 589 -20.46 13.70 5.63
N THR B 590 -21.08 13.46 6.79
CA THR B 590 -22.39 14.04 7.04
C THR B 590 -22.25 15.53 7.32
N SER B 591 -21.18 15.93 8.01
CA SER B 591 -20.91 17.34 8.27
C SER B 591 -20.09 17.94 7.14
N ARG B 592 -20.35 19.21 6.88
CA ARG B 592 -19.64 19.94 5.84
C ARG B 592 -18.37 20.58 6.36
N THR B 593 -18.21 20.70 7.68
CA THR B 593 -17.10 21.43 8.27
C THR B 593 -16.58 20.71 9.51
N MET B 594 -15.26 20.66 9.66
CA MET B 594 -14.65 20.28 10.93
C MET B 594 -14.33 21.55 11.69
N GLU B 595 -14.47 21.52 13.02
CA GLU B 595 -14.28 22.73 13.78
C GLU B 595 -13.44 22.48 15.03
N SER B 596 -12.53 23.41 15.31
CA SER B 596 -11.73 23.37 16.53
C SER B 596 -11.12 24.74 16.70
N GLU B 597 -10.98 25.14 17.97
CA GLU B 597 -10.23 26.34 18.28
C GLU B 597 -8.84 26.02 18.80
N SER B 598 -8.53 24.74 19.00
CA SER B 598 -7.24 24.36 19.55
C SER B 598 -6.32 23.58 18.59
N LEU B 599 -6.85 22.80 17.65
CA LEU B 599 -6.00 21.94 16.82
C LEU B 599 -4.95 22.69 16.02
N ARG B 600 -3.67 22.33 16.18
CA ARG B 600 -2.64 22.85 15.26
C ARG B 600 -2.26 21.88 14.14
N THR B 601 -2.43 20.59 14.37
CA THR B 601 -1.94 19.58 13.45
C THR B 601 -3.05 18.62 13.03
N LEU B 602 -3.25 18.48 11.73
CA LEU B 602 -4.20 17.50 11.21
C LEU B 602 -3.51 16.64 10.16
N GLU B 603 -3.43 15.35 10.44
CA GLU B 603 -2.99 14.37 9.45
C GLU B 603 -4.22 13.71 8.82
N PHE B 604 -4.37 13.86 7.51
CA PHE B 604 -5.52 13.41 6.74
C PHE B 604 -5.07 12.69 5.49
N ARG B 605 -3.94 12.02 5.58
CA ARG B 605 -3.33 11.30 4.47
C ARG B 605 -4.09 10.00 4.21
N GLY B 606 -4.13 9.59 2.94
CA GLY B 606 -4.76 8.30 2.64
C GLY B 606 -6.27 8.32 2.74
N ASN B 607 -6.90 9.35 2.19
CA ASN B 607 -8.36 9.47 2.23
C ASN B 607 -8.80 9.81 0.82
N HIS B 608 -10.03 10.23 0.61
CA HIS B 608 -10.50 10.46 -0.74
C HIS B 608 -11.09 11.84 -0.88
N LEU B 609 -10.31 12.85 -0.50
CA LEU B 609 -10.71 14.23 -0.77
C LEU B 609 -11.03 14.42 -2.24
N ASP B 610 -10.49 13.58 -3.12
CA ASP B 610 -10.81 13.69 -4.54
C ASP B 610 -12.30 13.49 -4.81
N VAL B 611 -12.97 12.59 -4.10
CA VAL B 611 -14.41 12.47 -4.35
C VAL B 611 -15.20 13.45 -3.48
N LEU B 612 -14.78 13.73 -2.24
CA LEU B 612 -15.40 14.82 -1.48
C LEU B 612 -15.38 16.14 -2.24
N TRP B 613 -14.28 16.42 -2.94
CA TRP B 613 -14.10 17.66 -3.68
C TRP B 613 -14.35 17.49 -5.17
N ARG B 614 -15.12 16.49 -5.55
CA ARG B 614 -15.50 16.23 -6.92
C ARG B 614 -15.90 17.55 -7.62
N ASP B 615 -15.37 17.75 -8.83
CA ASP B 615 -15.57 19.01 -9.52
C ASP B 615 -17.06 19.27 -9.76
N GLY B 616 -17.55 20.41 -9.29
CA GLY B 616 -18.96 20.73 -9.33
C GLY B 616 -19.69 20.58 -8.00
N ASP B 617 -19.03 20.02 -6.99
CA ASP B 617 -19.59 19.89 -5.66
C ASP B 617 -18.77 20.78 -4.73
N ASN B 618 -19.36 21.90 -4.32
CA ASN B 618 -18.71 22.91 -3.50
C ASN B 618 -18.90 22.67 -2.01
N ARG B 619 -19.66 21.64 -1.63
CA ARG B 619 -20.14 21.52 -0.26
C ARG B 619 -19.02 21.33 0.76
N TYR B 620 -17.94 20.65 0.39
CA TYR B 620 -16.90 20.30 1.35
C TYR B 620 -15.65 21.14 1.19
N LEU B 621 -15.71 22.22 0.40
CA LEU B 621 -14.52 23.04 0.15
C LEU B 621 -14.08 23.84 1.36
N GLN B 622 -14.85 23.84 2.44
CA GLN B 622 -14.44 24.50 3.66
C GLN B 622 -14.30 23.50 4.80
N LEU B 623 -14.02 22.23 4.45
CA LEU B 623 -13.97 21.18 5.45
C LEU B 623 -13.01 21.53 6.60
N PHE B 624 -11.88 22.16 6.29
CA PHE B 624 -10.84 22.50 7.25
C PHE B 624 -10.83 23.98 7.61
N LYS B 625 -11.72 24.79 7.02
CA LYS B 625 -11.63 26.25 7.20
C LYS B 625 -11.77 26.66 8.65
N ASN B 626 -12.63 25.99 9.42
CA ASN B 626 -12.91 26.43 10.78
C ASN B 626 -12.06 25.71 11.82
N LEU B 627 -10.98 25.06 11.39
CA LEU B 627 -9.90 24.65 12.29
C LEU B 627 -8.98 25.86 12.42
N LEU B 628 -9.39 26.80 13.26
CA LEU B 628 -8.91 28.16 13.12
C LEU B 628 -7.46 28.32 13.51
N LYS B 629 -6.95 27.45 14.38
CA LYS B 629 -5.56 27.51 14.77
C LYS B 629 -4.69 26.48 14.06
N LEU B 630 -5.21 25.81 13.04
CA LEU B 630 -4.49 24.75 12.36
C LEU B 630 -3.23 25.27 11.70
N GLU B 631 -2.09 24.64 12.01
CA GLU B 631 -0.83 25.04 11.41
C GLU B 631 -0.29 24.05 10.41
N GLU B 632 -0.53 22.75 10.62
CA GLU B 632 -0.01 21.72 9.75
C GLU B 632 -1.16 20.86 9.24
N LEU B 633 -1.21 20.70 7.91
CA LEU B 633 -2.22 19.87 7.26
C LEU B 633 -1.53 18.94 6.28
N ASP B 634 -1.71 17.64 6.50
CA ASP B 634 -1.18 16.60 5.61
C ASP B 634 -2.36 16.04 4.83
N ILE B 635 -2.43 16.36 3.53
CA ILE B 635 -3.45 15.77 2.66
C ILE B 635 -2.75 15.12 1.46
N SER B 636 -1.60 14.51 1.73
CA SER B 636 -1.01 13.62 0.77
C SER B 636 -1.87 12.36 0.59
N LYS B 637 -1.62 11.63 -0.49
CA LYS B 637 -2.27 10.35 -0.76
C LYS B 637 -3.80 10.45 -0.71
N ASN B 638 -4.35 11.46 -1.40
CA ASN B 638 -5.79 11.66 -1.47
C ASN B 638 -6.30 11.60 -2.92
N SER B 639 -5.49 11.04 -3.83
CA SER B 639 -5.81 10.94 -5.27
C SER B 639 -6.18 12.29 -5.88
N LEU B 640 -5.59 13.37 -5.38
CA LEU B 640 -5.94 14.69 -5.89
C LEU B 640 -5.17 14.93 -7.18
N SER B 641 -5.73 14.48 -8.31
CA SER B 641 -5.06 14.75 -9.59
C SER B 641 -5.09 16.22 -9.94
N PHE B 642 -6.03 16.97 -9.36
CA PHE B 642 -6.12 18.42 -9.48
C PHE B 642 -6.75 18.94 -8.19
N LEU B 643 -6.56 20.24 -7.96
CA LEU B 643 -7.27 20.92 -6.87
C LEU B 643 -8.39 21.77 -7.44
N PRO B 644 -9.64 21.50 -7.12
CA PRO B 644 -10.71 22.39 -7.55
C PRO B 644 -10.46 23.78 -6.99
N SER B 645 -10.90 24.79 -7.74
CA SER B 645 -10.79 26.15 -7.21
C SER B 645 -11.65 26.28 -5.97
N GLY B 646 -11.15 27.03 -5.00
CA GLY B 646 -11.79 27.14 -3.72
C GLY B 646 -11.12 26.31 -2.65
N VAL B 647 -10.27 25.35 -3.02
CA VAL B 647 -9.55 24.58 -2.03
C VAL B 647 -8.66 25.49 -1.19
N PHE B 648 -7.90 26.38 -1.85
CA PHE B 648 -6.98 27.23 -1.12
C PHE B 648 -7.72 28.32 -0.33
N ASP B 649 -8.71 28.96 -0.95
CA ASP B 649 -9.54 29.88 -0.19
C ASP B 649 -10.14 29.21 1.03
N GLY B 650 -10.45 27.91 0.93
CA GLY B 650 -11.03 27.19 2.04
C GLY B 650 -10.05 26.82 3.15
N MET B 651 -8.75 27.01 2.95
CA MET B 651 -7.83 26.63 4.00
C MET B 651 -7.95 27.58 5.19
N PRO B 652 -7.71 27.10 6.40
CA PRO B 652 -7.77 27.97 7.57
C PRO B 652 -6.60 28.95 7.57
N PRO B 653 -6.75 30.09 8.26
CA PRO B 653 -5.89 31.26 7.95
C PRO B 653 -4.44 31.14 8.41
N ASN B 654 -4.14 30.26 9.37
CA ASN B 654 -2.80 30.19 9.93
C ASN B 654 -2.00 28.98 9.44
N LEU B 655 -2.37 28.40 8.29
CA LEU B 655 -1.71 27.21 7.78
C LEU B 655 -0.24 27.49 7.44
N LYS B 656 0.65 26.73 8.04
CA LYS B 656 2.10 26.85 7.87
C LYS B 656 2.65 25.73 6.99
N ASN B 657 2.27 24.49 7.26
CA ASN B 657 2.89 23.30 6.70
C ASN B 657 1.81 22.52 5.95
N LEU B 658 1.87 22.55 4.61
CA LEU B 658 0.87 21.88 3.79
C LEU B 658 1.55 20.80 2.95
N SER B 659 1.10 19.56 3.10
CA SER B 659 1.55 18.48 2.24
C SER B 659 0.46 18.10 1.24
N LEU B 660 0.82 18.12 -0.04
CA LEU B 660 -0.02 17.59 -1.12
C LEU B 660 0.70 16.48 -1.86
N ALA B 661 1.62 15.80 -1.19
CA ALA B 661 2.45 14.79 -1.83
C ALA B 661 1.64 13.56 -2.25
N LYS B 662 2.20 12.78 -3.17
CA LYS B 662 1.65 11.47 -3.51
C LYS B 662 0.18 11.56 -3.92
N ASN B 663 -0.12 12.52 -4.80
CA ASN B 663 -1.49 12.74 -5.22
C ASN B 663 -1.73 12.52 -6.69
N GLY B 664 -0.69 12.25 -7.49
CA GLY B 664 -0.87 12.26 -8.92
C GLY B 664 -1.28 13.60 -9.49
N LEU B 665 -0.96 14.68 -8.80
CA LEU B 665 -1.28 16.04 -9.27
C LEU B 665 -0.63 16.28 -10.62
N LYS B 666 -1.46 16.58 -11.63
CA LYS B 666 -0.96 16.88 -12.96
C LYS B 666 -0.89 18.38 -13.23
N SER B 667 -1.55 19.20 -12.41
CA SER B 667 -1.53 20.63 -12.63
C SER B 667 -1.79 21.34 -11.30
N PHE B 668 -1.41 22.60 -11.27
CA PHE B 668 -1.38 23.34 -10.02
C PHE B 668 -1.39 24.82 -10.40
N ILE B 669 -2.46 25.53 -10.03
CA ILE B 669 -2.53 26.97 -10.21
C ILE B 669 -1.74 27.63 -9.09
N TRP B 670 -0.47 27.94 -9.37
CA TRP B 670 0.43 28.44 -8.33
C TRP B 670 -0.06 29.75 -7.73
N GLU B 671 -0.74 30.59 -8.51
CA GLU B 671 -1.22 31.87 -8.00
C GLU B 671 -2.16 31.71 -6.82
N LYS B 672 -2.90 30.60 -6.76
CA LYS B 672 -3.80 30.38 -5.65
C LYS B 672 -3.07 30.26 -4.32
N LEU B 673 -1.76 30.02 -4.37
CA LEU B 673 -0.98 30.08 -3.13
C LEU B 673 -1.09 31.44 -2.46
N ARG B 674 -1.52 32.47 -3.19
CA ARG B 674 -1.69 33.78 -2.56
C ARG B 674 -2.66 33.72 -1.38
N TYR B 675 -3.65 32.83 -1.42
CA TYR B 675 -4.58 32.69 -0.30
C TYR B 675 -3.90 32.20 0.97
N LEU B 676 -2.77 31.51 0.85
CA LEU B 676 -2.12 30.89 2.01
C LEU B 676 -1.06 31.85 2.55
N LYS B 677 -1.53 32.84 3.30
CA LYS B 677 -0.69 33.98 3.60
C LYS B 677 0.33 33.70 4.71
N ASN B 678 0.22 32.57 5.38
CA ASN B 678 1.22 32.12 6.36
C ASN B 678 1.96 30.88 5.90
N LEU B 679 1.85 30.53 4.61
CA LEU B 679 2.43 29.28 4.11
C LEU B 679 3.94 29.32 4.23
N GLU B 680 4.51 28.35 4.94
CA GLU B 680 5.95 28.26 5.08
C GLU B 680 6.56 27.04 4.41
N THR B 681 5.93 25.88 4.55
CA THR B 681 6.39 24.64 3.94
C THR B 681 5.31 24.14 2.98
N LEU B 682 5.71 23.86 1.74
CA LEU B 682 4.83 23.31 0.73
C LEU B 682 5.47 22.05 0.18
N ASP B 683 4.83 20.90 0.42
CA ASP B 683 5.35 19.61 -0.01
C ASP B 683 4.50 19.11 -1.18
N LEU B 684 5.02 19.25 -2.38
CA LEU B 684 4.40 18.72 -3.59
C LEU B 684 5.14 17.50 -4.15
N SER B 685 5.92 16.81 -3.32
CA SER B 685 6.75 15.70 -3.79
C SER B 685 5.90 14.54 -4.33
N HIS B 686 6.45 13.81 -5.31
CA HIS B 686 5.84 12.59 -5.85
C HIS B 686 4.47 12.88 -6.49
N ASN B 687 4.49 13.71 -7.52
CA ASN B 687 3.30 14.08 -8.26
C ASN B 687 3.69 14.05 -9.74
N GLN B 688 2.88 14.69 -10.59
CA GLN B 688 3.09 14.70 -12.04
C GLN B 688 3.24 16.12 -12.58
N LEU B 689 3.76 17.05 -11.77
CA LEU B 689 3.83 18.44 -12.19
C LEU B 689 4.88 18.60 -13.28
N THR B 690 4.56 19.41 -14.29
CA THR B 690 5.51 19.65 -15.37
C THR B 690 6.09 21.05 -15.40
N THR B 691 5.54 22.00 -14.64
CA THR B 691 6.03 23.36 -14.67
C THR B 691 6.09 23.92 -13.25
N VAL B 692 6.95 24.94 -13.09
CA VAL B 692 7.01 25.80 -11.90
C VAL B 692 6.35 27.13 -12.26
N PRO B 693 6.01 27.99 -11.30
CA PRO B 693 5.39 29.26 -11.64
C PRO B 693 6.34 30.21 -12.36
N GLU B 694 5.75 31.10 -13.17
CA GLU B 694 6.54 32.10 -13.88
C GLU B 694 7.30 32.99 -12.91
N ARG B 695 6.66 33.39 -11.81
CA ARG B 695 7.31 34.18 -10.77
C ARG B 695 6.83 33.66 -9.42
N LEU B 696 7.72 32.98 -8.69
CA LEU B 696 7.37 32.43 -7.39
C LEU B 696 7.03 33.54 -6.39
N SER B 697 7.73 34.66 -6.47
CA SER B 697 7.49 35.75 -5.52
C SER B 697 6.09 36.31 -5.68
N ASN B 698 5.53 36.23 -6.87
CA ASN B 698 4.15 36.64 -7.17
C ASN B 698 3.12 35.60 -6.73
N CYS B 699 3.56 34.46 -6.18
CA CYS B 699 2.65 33.43 -5.68
C CYS B 699 2.60 33.37 -4.18
N SER B 700 3.71 33.62 -3.50
CA SER B 700 3.71 33.51 -2.04
C SER B 700 4.87 34.34 -1.52
N ARG B 701 4.59 35.34 -0.67
CA ARG B 701 5.68 36.09 -0.07
C ARG B 701 6.23 35.42 1.18
N SER B 702 5.55 34.40 1.69
CA SER B 702 5.94 33.74 2.94
C SER B 702 6.70 32.44 2.74
N LEU B 703 6.62 31.83 1.55
CA LEU B 703 7.06 30.45 1.36
C LEU B 703 8.55 30.30 1.62
N LYS B 704 8.90 29.43 2.56
CA LYS B 704 10.32 29.20 2.84
C LYS B 704 10.84 27.90 2.25
N ASN B 705 10.04 26.84 2.26
CA ASN B 705 10.50 25.49 1.94
C ASN B 705 9.61 24.90 0.85
N LEU B 706 10.19 24.70 -0.34
CA LEU B 706 9.46 24.24 -1.50
C LEU B 706 10.03 22.88 -1.92
N ILE B 707 9.24 21.83 -1.76
CA ILE B 707 9.64 20.48 -2.10
C ILE B 707 8.90 20.06 -3.37
N LEU B 708 9.66 19.92 -4.46
CA LEU B 708 9.12 19.52 -5.75
C LEU B 708 9.77 18.22 -6.25
N LYS B 709 10.39 17.46 -5.36
CA LYS B 709 11.09 16.26 -5.80
C LYS B 709 10.12 15.22 -6.35
N ASN B 710 10.61 14.45 -7.33
CA ASN B 710 9.85 13.34 -7.96
C ASN B 710 8.60 13.88 -8.67
N ASN B 711 8.83 14.76 -9.63
CA ASN B 711 7.78 15.23 -10.54
C ASN B 711 8.31 15.10 -11.96
N GLN B 712 7.68 15.82 -12.89
CA GLN B 712 7.99 15.70 -14.31
C GLN B 712 8.50 17.02 -14.88
N ILE B 713 9.11 17.86 -14.04
CA ILE B 713 9.51 19.20 -14.48
C ILE B 713 10.70 19.08 -15.42
N ARG B 714 10.56 19.61 -16.64
CA ARG B 714 11.61 19.50 -17.65
C ARG B 714 12.40 20.79 -17.85
N SER B 715 11.87 21.93 -17.41
CA SER B 715 12.59 23.20 -17.47
C SER B 715 11.99 24.15 -16.46
N LEU B 716 12.76 25.15 -16.08
CA LEU B 716 12.31 26.19 -15.18
C LEU B 716 11.84 27.42 -15.97
N THR B 717 10.93 28.19 -15.38
CA THR B 717 10.50 29.42 -16.01
C THR B 717 11.63 30.44 -16.03
N LYS B 718 11.53 31.38 -16.98
CA LYS B 718 12.62 32.31 -17.25
C LYS B 718 13.04 33.06 -16.00
N TYR B 719 12.09 33.48 -15.16
CA TYR B 719 12.40 34.27 -13.98
C TYR B 719 11.94 33.61 -12.69
N PHE B 720 11.86 32.27 -12.69
CA PHE B 720 11.32 31.46 -11.60
C PHE B 720 11.53 32.04 -10.20
N LEU B 721 12.77 32.18 -9.74
CA LEU B 721 13.03 32.58 -8.36
C LEU B 721 13.26 34.08 -8.19
N GLN B 722 13.05 34.87 -9.24
CA GLN B 722 13.35 36.30 -9.19
C GLN B 722 12.62 36.98 -8.05
N ASP B 723 13.39 37.55 -7.13
CA ASP B 723 12.93 38.33 -5.98
C ASP B 723 12.18 37.51 -4.94
N ALA B 724 12.33 36.18 -4.96
CA ALA B 724 11.77 35.32 -3.91
C ALA B 724 12.77 35.24 -2.76
N PHE B 725 12.97 36.39 -2.10
CA PHE B 725 14.02 36.51 -1.10
C PHE B 725 13.76 35.68 0.16
N GLN B 726 12.53 35.23 0.37
CA GLN B 726 12.19 34.46 1.56
C GLN B 726 12.57 32.98 1.43
N LEU B 727 12.82 32.49 0.21
CA LEU B 727 13.10 31.07 0.00
C LEU B 727 14.38 30.64 0.71
N ARG B 728 14.29 29.54 1.47
CA ARG B 728 15.44 28.99 2.19
C ARG B 728 15.75 27.53 1.87
N TYR B 729 14.84 26.81 1.22
CA TYR B 729 15.01 25.39 0.97
C TYR B 729 14.27 25.05 -0.31
N LEU B 730 14.99 24.55 -1.31
CA LEU B 730 14.39 24.21 -2.58
C LEU B 730 14.92 22.84 -2.99
N ASP B 731 13.99 21.90 -3.18
CA ASP B 731 14.28 20.53 -3.60
C ASP B 731 13.63 20.33 -4.96
N LEU B 732 14.46 20.21 -6.01
CA LEU B 732 13.99 19.86 -7.34
C LEU B 732 14.61 18.54 -7.82
N SER B 733 15.06 17.70 -6.91
CA SER B 733 15.65 16.43 -7.29
C SER B 733 14.61 15.51 -7.93
N SER B 734 15.10 14.53 -8.68
CA SER B 734 14.27 13.53 -9.33
C SER B 734 13.18 14.17 -10.18
N ASN B 735 13.62 15.05 -11.09
CA ASN B 735 12.77 15.62 -12.11
C ASN B 735 13.46 15.35 -13.43
N LYS B 736 13.19 16.12 -14.47
CA LYS B 736 13.81 15.85 -15.77
C LYS B 736 14.38 17.12 -16.36
N ILE B 737 15.00 17.94 -15.51
CA ILE B 737 15.51 19.25 -15.93
C ILE B 737 16.78 19.06 -16.75
N GLN B 738 16.86 19.74 -17.90
CA GLN B 738 18.07 19.75 -18.72
C GLN B 738 18.97 20.96 -18.47
N MET B 739 18.38 22.15 -18.31
CA MET B 739 19.10 23.42 -18.31
C MET B 739 18.63 24.25 -17.15
N ILE B 740 19.53 25.00 -16.52
CA ILE B 740 19.16 26.03 -15.56
C ILE B 740 20.00 27.27 -15.87
N GLN B 741 19.34 28.38 -16.18
CA GLN B 741 19.98 29.65 -16.49
C GLN B 741 19.90 30.58 -15.29
N LYS B 742 20.81 31.55 -15.27
CA LYS B 742 20.92 32.49 -14.15
C LYS B 742 19.65 33.32 -13.97
N THR B 743 18.91 33.59 -15.06
CA THR B 743 17.64 34.32 -14.91
C THR B 743 16.65 33.55 -14.03
N SER B 744 16.57 32.22 -14.19
CA SER B 744 15.69 31.44 -13.33
C SER B 744 16.24 31.32 -11.92
N PHE B 745 17.56 31.32 -11.77
CA PHE B 745 18.24 31.05 -10.50
C PHE B 745 19.15 32.23 -10.14
N PRO B 746 18.57 33.40 -9.85
CA PRO B 746 19.43 34.54 -9.51
C PRO B 746 20.23 34.26 -8.25
N GLU B 747 21.44 34.80 -8.24
CA GLU B 747 22.40 34.46 -7.20
C GLU B 747 22.02 35.11 -5.88
N ASN B 748 21.31 36.24 -5.97
CA ASN B 748 20.81 36.93 -4.79
C ASN B 748 19.81 36.08 -4.01
N VAL B 749 19.08 35.19 -4.71
CA VAL B 749 18.21 34.24 -4.03
C VAL B 749 18.96 32.96 -3.65
N LEU B 750 19.76 32.42 -4.58
CA LEU B 750 20.40 31.14 -4.33
C LEU B 750 21.32 31.17 -3.11
N ASN B 751 21.98 32.30 -2.85
CA ASN B 751 23.00 32.31 -1.80
C ASN B 751 22.43 32.28 -0.39
N ASN B 752 21.13 32.55 -0.20
CA ASN B 752 20.50 32.49 1.12
C ASN B 752 19.95 31.11 1.44
N LEU B 753 20.01 30.17 0.49
CA LEU B 753 19.41 28.85 0.67
C LEU B 753 20.24 28.01 1.63
N LYS B 754 19.54 27.43 2.57
CA LYS B 754 20.17 26.48 3.47
C LYS B 754 20.53 25.19 2.75
N MET B 755 19.74 24.82 1.74
CA MET B 755 19.95 23.59 0.99
C MET B 755 19.26 23.75 -0.35
N LEU B 756 19.89 23.17 -1.37
CA LEU B 756 19.34 23.18 -2.72
C LEU B 756 19.60 21.79 -3.31
N LEU B 757 18.52 21.07 -3.61
CA LEU B 757 18.61 19.70 -4.08
C LEU B 757 18.32 19.64 -5.57
N LEU B 758 19.24 19.03 -6.30
CA LEU B 758 19.24 19.04 -7.75
C LEU B 758 19.51 17.67 -8.34
N HIS B 759 19.71 16.65 -7.53
CA HIS B 759 20.26 15.41 -8.01
C HIS B 759 19.21 14.61 -8.76
N HIS B 760 19.69 13.69 -9.59
CA HIS B 760 18.87 12.82 -10.42
C HIS B 760 17.95 13.63 -11.34
N ASN B 761 18.58 14.50 -12.11
CA ASN B 761 17.87 15.21 -13.17
C ASN B 761 18.47 14.72 -14.49
N ARG B 762 18.36 15.54 -15.54
CA ARG B 762 18.83 15.13 -16.86
C ARG B 762 19.65 16.27 -17.49
N PHE B 763 20.66 16.74 -16.74
CA PHE B 763 21.43 17.93 -17.14
C PHE B 763 22.19 17.71 -18.44
N LEU B 764 22.10 18.69 -19.33
CA LEU B 764 22.84 18.72 -20.59
C LEU B 764 24.03 19.63 -20.43
N CYS B 765 25.23 19.10 -20.64
CA CYS B 765 26.43 19.83 -20.31
C CYS B 765 27.11 20.39 -21.57
N THR B 766 26.39 21.29 -22.23
CA THR B 766 26.90 22.01 -23.38
C THR B 766 27.44 23.34 -22.89
N CYS B 767 27.84 24.20 -23.83
CA CYS B 767 28.29 25.52 -23.44
C CYS B 767 27.15 26.42 -22.96
N ASP B 768 25.90 26.05 -23.22
CA ASP B 768 24.78 26.77 -22.63
C ASP B 768 24.69 26.59 -21.12
N ALA B 769 25.26 25.51 -20.60
CA ALA B 769 25.24 25.18 -19.18
C ALA B 769 26.41 25.79 -18.42
N VAL B 770 27.13 26.70 -19.06
CA VAL B 770 28.41 27.12 -18.51
C VAL B 770 28.21 27.88 -17.19
N TRP B 771 27.15 28.70 -17.10
CA TRP B 771 26.91 29.40 -15.84
C TRP B 771 26.52 28.42 -14.74
N PHE B 772 25.61 27.49 -15.04
CA PHE B 772 25.17 26.53 -14.03
C PHE B 772 26.34 25.72 -13.51
N VAL B 773 27.15 25.16 -14.42
CA VAL B 773 28.30 24.35 -14.03
C VAL B 773 29.26 25.15 -13.16
N TRP B 774 29.57 26.39 -13.58
CA TRP B 774 30.48 27.21 -12.79
C TRP B 774 29.91 27.44 -11.39
N TRP B 775 28.62 27.77 -11.32
CA TRP B 775 28.02 28.11 -10.03
C TRP B 775 28.02 26.91 -9.08
N VAL B 776 27.58 25.74 -9.53
CA VAL B 776 27.55 24.61 -8.59
C VAL B 776 28.95 24.29 -8.12
N GLN B 777 29.96 24.47 -8.99
CA GLN B 777 31.34 24.15 -8.60
C GLN B 777 31.85 25.14 -7.57
N HIS B 778 31.38 26.38 -7.61
CA HIS B 778 31.93 27.44 -6.76
C HIS B 778 30.99 27.95 -5.67
N THR B 779 29.82 27.33 -5.49
CA THR B 779 28.91 27.81 -4.45
C THR B 779 29.20 27.14 -3.12
N GLU B 780 28.94 27.88 -2.04
CA GLU B 780 28.95 27.32 -0.69
C GLU B 780 27.59 26.82 -0.23
N VAL B 781 26.51 27.07 -0.99
CA VAL B 781 25.21 26.48 -0.71
C VAL B 781 25.32 24.96 -0.71
N THR B 782 24.75 24.34 0.31
CA THR B 782 24.79 22.88 0.43
C THR B 782 23.94 22.23 -0.64
N ILE B 783 24.56 21.37 -1.45
CA ILE B 783 23.89 20.57 -2.46
C ILE B 783 24.28 19.12 -2.21
N PRO B 784 23.36 18.25 -1.79
CA PRO B 784 23.72 16.86 -1.54
C PRO B 784 23.91 16.05 -2.82
N TYR B 785 24.77 15.03 -2.70
CA TYR B 785 24.98 14.01 -3.72
C TYR B 785 25.74 14.53 -4.95
N LEU B 786 26.53 15.59 -4.81
CA LEU B 786 27.39 16.03 -5.91
C LEU B 786 28.31 14.91 -6.39
N ALA B 787 28.83 14.09 -5.48
CA ALA B 787 29.71 12.98 -5.86
C ALA B 787 28.93 11.84 -6.48
N THR B 788 27.67 11.69 -6.09
CA THR B 788 26.86 10.52 -6.38
C THR B 788 26.03 10.68 -7.66
N ASP B 789 25.26 11.78 -7.76
CA ASP B 789 24.07 11.78 -8.59
C ASP B 789 23.74 13.16 -9.15
N VAL B 790 24.74 14.00 -9.39
CA VAL B 790 24.54 15.27 -10.11
C VAL B 790 25.44 15.18 -11.35
N THR B 791 24.90 14.60 -12.41
CA THR B 791 25.72 14.16 -13.54
C THR B 791 25.12 14.69 -14.83
N CYS B 792 25.98 14.81 -15.84
CA CYS B 792 25.53 15.08 -17.20
C CYS B 792 24.97 13.81 -17.81
N VAL B 793 23.85 13.95 -18.53
CA VAL B 793 23.33 12.86 -19.34
C VAL B 793 23.77 12.98 -20.79
N GLY B 794 24.29 14.14 -21.18
CA GLY B 794 24.83 14.39 -22.49
C GLY B 794 25.57 15.71 -22.45
N PRO B 795 26.18 16.12 -23.59
CA PRO B 795 26.25 15.40 -24.86
C PRO B 795 27.33 14.32 -24.84
N GLY B 796 27.09 13.24 -25.59
CA GLY B 796 28.03 12.15 -25.81
C GLY B 796 29.32 12.13 -25.03
N ALA B 797 30.18 13.10 -25.29
CA ALA B 797 31.46 13.18 -24.59
C ALA B 797 31.29 13.07 -23.08
N HIS B 798 30.47 13.95 -22.50
CA HIS B 798 30.35 14.11 -21.06
C HIS B 798 29.28 13.22 -20.42
N LYS B 799 28.68 12.29 -21.17
CA LYS B 799 27.61 11.48 -20.61
C LYS B 799 28.10 10.74 -19.37
N GLY B 800 27.24 10.68 -18.35
CA GLY B 800 27.57 10.04 -17.09
C GLY B 800 28.56 10.78 -16.22
N GLN B 801 29.13 11.88 -16.69
CA GLN B 801 30.14 12.58 -15.93
C GLN B 801 29.52 13.49 -14.88
N SER B 802 30.19 13.62 -13.75
CA SER B 802 29.71 14.47 -12.67
C SER B 802 29.87 15.92 -13.05
N VAL B 803 28.87 16.72 -12.69
CA VAL B 803 28.90 18.15 -13.02
C VAL B 803 30.03 18.82 -12.25
N ILE B 804 30.32 18.34 -11.04
CA ILE B 804 31.35 18.96 -10.21
C ILE B 804 32.74 18.84 -10.84
N SER B 805 33.00 17.77 -11.60
CA SER B 805 34.30 17.52 -12.22
C SER B 805 34.40 18.01 -13.67
N LEU B 806 33.39 18.71 -14.16
CA LEU B 806 33.32 19.04 -15.58
C LEU B 806 34.26 20.20 -15.92
N ASP B 807 35.12 19.99 -16.92
CA ASP B 807 35.96 21.04 -17.49
C ASP B 807 35.32 21.51 -18.79
N LEU B 808 34.80 22.74 -18.80
CA LEU B 808 34.17 23.28 -19.99
C LEU B 808 35.04 24.36 -20.67
N TYR B 809 36.37 24.17 -20.64
CA TYR B 809 37.27 25.21 -21.15
C TYR B 809 37.07 25.46 -22.65
N THR B 810 36.70 24.44 -23.44
CA THR B 810 36.49 24.66 -24.87
C THR B 810 35.39 25.68 -25.15
N CYS B 811 34.51 25.96 -24.17
CA CYS B 811 33.50 26.99 -24.35
C CYS B 811 34.08 28.39 -24.27
N GLU B 812 35.30 28.55 -23.75
CA GLU B 812 35.95 29.84 -23.70
C GLU B 812 37.20 29.91 -24.60
N LEU B 813 37.31 29.01 -25.58
CA LEU B 813 38.49 28.97 -26.45
C LEU B 813 38.40 30.00 -27.58
#